data_2DJB
#
_entry.id   2DJB
#
loop_
_entity.id
_entity.type
_entity.pdbx_description
1 polymer 'Polycomb group RING finger protein 6'
2 non-polymer 'ZINC ION'
#
_entity_poly.entity_id   1
_entity_poly.type   'polypeptide(L)'
_entity_poly.pdbx_seq_one_letter_code
;GSSGSSGNLSELTPYILCSICKGYLIDATTITECLHTFCKSCIVRHFYYSNRCPKCNIVVHQTQPLSGPSSG
;
_entity_poly.pdbx_strand_id   A
#
loop_
_chem_comp.id
_chem_comp.type
_chem_comp.name
_chem_comp.formula
ZN non-polymer 'ZINC ION' 'Zn 2'
#
# COMPACT_ATOMS: atom_id res chain seq x y z
N GLY A 1 31.98 4.11 6.13
CA GLY A 1 31.12 5.27 6.00
C GLY A 1 29.93 5.22 6.94
N SER A 2 29.53 6.38 7.46
CA SER A 2 28.40 6.45 8.37
C SER A 2 27.11 6.74 7.61
N SER A 3 27.07 7.89 6.95
CA SER A 3 25.88 8.29 6.18
C SER A 3 24.61 8.02 6.97
N GLY A 4 24.65 8.33 8.27
CA GLY A 4 23.49 8.12 9.12
C GLY A 4 22.87 9.42 9.59
N SER A 5 21.58 9.61 9.30
CA SER A 5 20.87 10.81 9.69
C SER A 5 19.40 10.51 9.98
N SER A 6 18.93 10.97 11.13
CA SER A 6 17.54 10.75 11.52
C SER A 6 17.19 11.55 12.77
N GLY A 7 15.90 11.66 13.07
CA GLY A 7 15.46 12.40 14.23
C GLY A 7 14.15 13.13 14.00
N ASN A 8 13.07 12.37 13.85
CA ASN A 8 11.76 12.96 13.62
C ASN A 8 10.69 12.22 14.41
N LEU A 9 9.97 12.94 15.26
CA LEU A 9 8.91 12.35 16.07
C LEU A 9 7.66 13.23 16.05
N SER A 10 6.51 12.61 15.80
CA SER A 10 5.25 13.33 15.76
C SER A 10 4.10 12.45 16.25
N GLU A 11 2.93 13.04 16.39
CA GLU A 11 1.75 12.31 16.85
C GLU A 11 0.61 12.41 15.83
N LEU A 12 0.43 11.34 15.06
CA LEU A 12 -0.62 11.31 14.04
C LEU A 12 -1.10 9.87 13.80
N THR A 13 -2.17 9.73 13.02
CA THR A 13 -2.71 8.42 12.70
C THR A 13 -1.61 7.43 12.34
N PRO A 14 -1.52 6.33 13.10
CA PRO A 14 -0.51 5.30 12.87
C PRO A 14 -0.78 4.50 11.59
N TYR A 15 -1.81 4.91 10.86
CA TYR A 15 -2.17 4.24 9.61
C TYR A 15 -1.21 4.63 8.49
N ILE A 16 -0.65 5.83 8.58
CA ILE A 16 0.28 6.32 7.58
C ILE A 16 1.21 5.22 7.11
N LEU A 17 1.59 4.34 8.03
CA LEU A 17 2.48 3.23 7.71
C LEU A 17 1.95 2.42 6.54
N CYS A 18 2.83 1.67 5.88
CA CYS A 18 2.45 0.85 4.74
C CYS A 18 2.40 -0.63 5.13
N SER A 19 1.32 -1.30 4.75
CA SER A 19 1.15 -2.72 5.06
C SER A 19 2.23 -3.56 4.38
N ILE A 20 2.84 -2.99 3.34
CA ILE A 20 3.89 -3.68 2.61
C ILE A 20 5.27 -3.22 3.06
N CYS A 21 5.59 -1.96 2.79
CA CYS A 21 6.88 -1.39 3.18
C CYS A 21 7.05 -1.41 4.69
N LYS A 22 5.93 -1.35 5.41
CA LYS A 22 5.96 -1.36 6.87
C LYS A 22 6.70 -0.13 7.40
N GLY A 23 6.72 0.94 6.60
CA GLY A 23 7.39 2.16 7.02
C GLY A 23 6.70 3.40 6.51
N TYR A 24 7.45 4.26 5.84
CA TYR A 24 6.90 5.50 5.30
C TYR A 24 6.40 5.30 3.87
N LEU A 25 5.59 6.24 3.40
CA LEU A 25 5.04 6.16 2.04
C LEU A 25 5.75 7.15 1.12
N ILE A 26 5.53 6.99 -0.18
CA ILE A 26 6.14 7.86 -1.17
C ILE A 26 5.07 8.59 -2.00
N ASP A 27 4.28 7.81 -2.72
CA ASP A 27 3.22 8.37 -3.56
C ASP A 27 1.95 8.60 -2.74
N ALA A 28 1.62 7.63 -1.90
CA ALA A 28 0.42 7.73 -1.06
C ALA A 28 -0.84 7.48 -1.87
N THR A 29 -0.82 6.43 -2.68
CA THR A 29 -1.97 6.09 -3.51
C THR A 29 -3.05 5.37 -2.71
N THR A 30 -4.20 6.02 -2.57
CA THR A 30 -5.31 5.44 -1.81
C THR A 30 -6.29 4.73 -2.74
N ILE A 31 -6.75 3.56 -2.31
CA ILE A 31 -7.69 2.78 -3.10
C ILE A 31 -9.10 3.36 -3.01
N THR A 32 -9.84 3.25 -4.11
CA THR A 32 -11.20 3.77 -4.16
C THR A 32 -12.22 2.69 -3.80
N GLU A 33 -11.72 1.57 -3.31
CA GLU A 33 -12.59 0.45 -2.92
C GLU A 33 -12.63 0.30 -1.40
N CYS A 34 -11.51 -0.12 -0.82
CA CYS A 34 -11.43 -0.31 0.63
C CYS A 34 -10.86 0.93 1.30
N LEU A 35 -10.50 1.92 0.50
CA LEU A 35 -9.94 3.16 1.02
C LEU A 35 -8.68 2.88 1.86
N HIS A 36 -7.73 2.16 1.27
CA HIS A 36 -6.49 1.83 1.96
C HIS A 36 -5.31 2.56 1.33
N THR A 37 -4.31 2.89 2.15
CA THR A 37 -3.12 3.58 1.67
C THR A 37 -2.04 2.59 1.23
N PHE A 38 -1.54 2.78 0.02
CA PHE A 38 -0.50 1.90 -0.51
C PHE A 38 0.36 2.63 -1.53
N CYS A 39 1.68 2.49 -1.39
CA CYS A 39 2.62 3.15 -2.30
C CYS A 39 2.34 2.75 -3.75
N LYS A 40 2.38 3.73 -4.64
CA LYS A 40 2.14 3.49 -6.05
C LYS A 40 2.80 2.20 -6.51
N SER A 41 4.11 2.09 -6.29
CA SER A 41 4.87 0.92 -6.67
C SER A 41 4.35 -0.32 -5.94
N CYS A 42 4.01 -0.15 -4.67
CA CYS A 42 3.49 -1.25 -3.85
C CYS A 42 2.20 -1.80 -4.44
N ILE A 43 1.15 -0.97 -4.42
CA ILE A 43 -0.15 -1.36 -4.94
C ILE A 43 -0.05 -1.80 -6.40
N VAL A 44 0.76 -1.07 -7.17
CA VAL A 44 0.95 -1.38 -8.58
C VAL A 44 1.66 -2.71 -8.77
N ARG A 45 2.65 -2.96 -7.92
CA ARG A 45 3.42 -4.20 -7.99
C ARG A 45 2.56 -5.40 -7.57
N HIS A 46 1.79 -5.21 -6.51
CA HIS A 46 0.92 -6.27 -6.01
C HIS A 46 -0.17 -6.60 -7.01
N PHE A 47 -0.56 -5.61 -7.82
CA PHE A 47 -1.59 -5.81 -8.83
C PHE A 47 -1.04 -6.57 -10.03
N TYR A 48 0.28 -6.64 -10.12
CA TYR A 48 0.92 -7.35 -11.22
C TYR A 48 0.87 -8.86 -11.02
N TYR A 49 1.01 -9.29 -9.78
CA TYR A 49 0.98 -10.71 -9.44
C TYR A 49 -0.41 -11.13 -8.98
N SER A 50 -1.03 -10.30 -8.14
CA SER A 50 -2.36 -10.58 -7.62
C SER A 50 -3.29 -9.39 -7.83
N ASN A 51 -4.43 -9.64 -8.46
CA ASN A 51 -5.41 -8.59 -8.71
C ASN A 51 -6.27 -8.32 -7.48
N ARG A 52 -5.67 -8.48 -6.31
CA ARG A 52 -6.38 -8.25 -5.06
C ARG A 52 -5.64 -7.27 -4.17
N CYS A 53 -6.24 -6.92 -3.04
CA CYS A 53 -5.62 -5.98 -2.10
C CYS A 53 -4.87 -6.74 -1.01
N PRO A 54 -3.59 -6.38 -0.83
CA PRO A 54 -2.74 -7.01 0.19
C PRO A 54 -3.14 -6.62 1.61
N LYS A 55 -4.30 -5.98 1.74
CA LYS A 55 -4.81 -5.57 3.04
C LYS A 55 -6.07 -6.34 3.40
N CYS A 56 -7.14 -6.10 2.67
CA CYS A 56 -8.41 -6.77 2.90
C CYS A 56 -8.54 -8.02 2.04
N ASN A 57 -7.71 -8.11 1.00
CA ASN A 57 -7.72 -9.24 0.10
C ASN A 57 -8.95 -9.19 -0.83
N ILE A 58 -9.18 -8.01 -1.40
CA ILE A 58 -10.31 -7.82 -2.31
C ILE A 58 -9.83 -7.63 -3.75
N VAL A 59 -10.49 -8.33 -4.67
CA VAL A 59 -10.14 -8.23 -6.08
C VAL A 59 -10.56 -6.89 -6.67
N VAL A 60 -9.69 -5.90 -6.56
CA VAL A 60 -9.97 -4.56 -7.08
C VAL A 60 -10.00 -4.55 -8.60
N HIS A 61 -11.20 -4.48 -9.16
CA HIS A 61 -11.37 -4.47 -10.61
C HIS A 61 -11.52 -3.04 -11.13
N GLN A 62 -10.54 -2.19 -10.83
CA GLN A 62 -10.57 -0.80 -11.26
C GLN A 62 -9.59 -0.57 -12.41
N THR A 63 -8.32 -0.81 -12.15
CA THR A 63 -7.28 -0.62 -13.17
C THR A 63 -7.71 -1.21 -14.50
N GLN A 64 -7.93 -2.52 -14.52
CA GLN A 64 -8.35 -3.22 -15.73
C GLN A 64 -8.83 -4.63 -15.42
N PRO A 65 -9.98 -5.00 -16.00
CA PRO A 65 -10.58 -6.32 -15.79
C PRO A 65 -9.78 -7.42 -16.47
N LEU A 66 -8.74 -7.04 -17.19
CA LEU A 66 -7.89 -8.01 -17.89
C LEU A 66 -6.51 -8.08 -17.23
N SER A 67 -5.97 -9.29 -17.14
CA SER A 67 -4.66 -9.50 -16.54
C SER A 67 -3.55 -8.96 -17.44
N GLY A 68 -3.61 -9.33 -18.72
CA GLY A 68 -2.61 -8.87 -19.66
C GLY A 68 -1.42 -9.80 -19.73
N PRO A 69 -0.75 -9.83 -20.90
CA PRO A 69 0.42 -10.68 -21.12
C PRO A 69 1.63 -10.19 -20.33
N SER A 70 2.79 -10.76 -20.65
CA SER A 70 4.03 -10.39 -19.97
C SER A 70 4.78 -9.33 -20.76
N SER A 71 4.04 -8.36 -21.30
CA SER A 71 4.65 -7.29 -22.09
C SER A 71 5.09 -6.14 -21.19
N GLY A 72 6.41 -5.94 -21.10
CA GLY A 72 6.94 -4.88 -20.28
C GLY A 72 6.53 -3.50 -20.77
ZN ZN B . 4.54 0.57 0.41
ZN ZN C . -7.81 -3.28 0.96
N GLY A 1 10.50 -32.26 18.53
CA GLY A 1 9.82 -31.05 18.06
C GLY A 1 9.45 -30.12 19.20
N SER A 2 9.90 -28.87 19.10
CA SER A 2 9.60 -27.88 20.12
C SER A 2 9.98 -26.48 19.65
N SER A 3 9.40 -25.47 20.29
CA SER A 3 9.68 -24.08 19.93
C SER A 3 8.99 -23.12 20.91
N GLY A 4 9.38 -21.85 20.85
CA GLY A 4 8.79 -20.86 21.73
C GLY A 4 8.23 -19.68 20.97
N SER A 5 7.49 -18.82 21.68
CA SER A 5 6.89 -17.65 21.06
C SER A 5 6.68 -16.54 22.09
N SER A 6 7.25 -15.37 21.82
CA SER A 6 7.13 -14.23 22.72
C SER A 6 5.99 -13.31 22.28
N GLY A 7 6.07 -12.83 21.05
CA GLY A 7 5.04 -11.94 20.53
C GLY A 7 4.82 -10.74 21.42
N ASN A 8 5.90 -10.06 21.78
CA ASN A 8 5.82 -8.88 22.64
C ASN A 8 5.78 -7.61 21.81
N LEU A 9 4.57 -7.20 21.40
CA LEU A 9 4.39 -6.00 20.60
C LEU A 9 3.27 -5.14 21.16
N SER A 10 3.63 -4.11 21.91
CA SER A 10 2.66 -3.20 22.51
C SER A 10 2.87 -1.77 22.03
N GLU A 11 3.16 -1.63 20.74
CA GLU A 11 3.40 -0.31 20.16
C GLU A 11 2.14 0.21 19.47
N LEU A 12 1.99 1.53 19.42
CA LEU A 12 0.84 2.15 18.80
C LEU A 12 1.26 2.99 17.60
N THR A 13 2.00 2.38 16.67
CA THR A 13 2.47 3.06 15.48
C THR A 13 1.30 3.66 14.70
N PRO A 14 1.58 4.74 13.96
CA PRO A 14 0.58 5.43 13.15
C PRO A 14 0.13 4.60 11.96
N TYR A 15 -0.91 5.07 11.27
CA TYR A 15 -1.43 4.38 10.10
C TYR A 15 -0.63 4.71 8.85
N ILE A 16 -0.18 5.97 8.77
CA ILE A 16 0.60 6.43 7.63
C ILE A 16 1.53 5.32 7.12
N LEU A 17 2.07 4.54 8.05
CA LEU A 17 2.97 3.45 7.68
C LEU A 17 2.35 2.55 6.62
N CYS A 18 3.17 1.75 5.96
CA CYS A 18 2.71 0.84 4.93
C CYS A 18 2.48 -0.56 5.48
N SER A 19 1.87 -1.42 4.68
CA SER A 19 1.58 -2.79 5.09
C SER A 19 2.45 -3.77 4.32
N ILE A 20 2.87 -3.37 3.12
CA ILE A 20 3.70 -4.23 2.28
C ILE A 20 5.18 -3.98 2.54
N CYS A 21 5.57 -2.70 2.52
CA CYS A 21 6.96 -2.33 2.76
C CYS A 21 7.12 -1.67 4.13
N LYS A 22 6.02 -1.62 4.89
CA LYS A 22 6.05 -1.03 6.22
C LYS A 22 6.93 0.22 6.24
N GLY A 23 6.90 0.98 5.15
CA GLY A 23 7.71 2.18 5.08
C GLY A 23 6.89 3.40 4.69
N TYR A 24 7.46 4.59 4.90
CA TYR A 24 6.76 5.83 4.58
C TYR A 24 6.11 5.75 3.21
N LEU A 25 4.83 6.11 3.15
CA LEU A 25 4.09 6.08 1.90
C LEU A 25 4.64 7.11 0.92
N ILE A 26 5.65 6.72 0.16
CA ILE A 26 6.27 7.60 -0.83
C ILE A 26 5.24 8.11 -1.84
N ASP A 27 4.42 7.19 -2.34
CA ASP A 27 3.39 7.53 -3.31
C ASP A 27 2.05 6.93 -2.92
N ALA A 28 1.67 7.10 -1.66
CA ALA A 28 0.42 6.57 -1.16
C ALA A 28 -0.65 6.54 -2.26
N THR A 29 -1.41 5.46 -2.31
CA THR A 29 -2.46 5.32 -3.32
C THR A 29 -3.77 4.86 -2.68
N THR A 30 -4.64 5.82 -2.39
CA THR A 30 -5.92 5.52 -1.78
C THR A 30 -6.77 4.63 -2.68
N ILE A 31 -7.60 3.79 -2.07
CA ILE A 31 -8.46 2.89 -2.82
C ILE A 31 -9.92 3.05 -2.40
N THR A 32 -10.59 4.05 -2.98
CA THR A 32 -11.99 4.30 -2.67
C THR A 32 -12.72 3.00 -2.32
N GLU A 33 -12.40 1.94 -3.03
CA GLU A 33 -13.03 0.64 -2.79
C GLU A 33 -13.04 0.32 -1.30
N CYS A 34 -11.86 0.21 -0.71
CA CYS A 34 -11.73 -0.09 0.71
C CYS A 34 -11.07 1.06 1.46
N LEU A 35 -11.21 2.27 0.92
CA LEU A 35 -10.61 3.45 1.55
C LEU A 35 -9.21 3.15 2.08
N HIS A 36 -8.50 2.25 1.39
CA HIS A 36 -7.15 1.88 1.79
C HIS A 36 -6.12 2.54 0.89
N THR A 37 -5.00 2.95 1.48
CA THR A 37 -3.93 3.59 0.73
C THR A 37 -2.66 2.73 0.73
N PHE A 38 -1.93 2.78 -0.37
CA PHE A 38 -0.70 2.00 -0.50
C PHE A 38 0.28 2.68 -1.46
N CYS A 39 1.56 2.53 -1.20
CA CYS A 39 2.60 3.12 -2.04
C CYS A 39 2.42 2.72 -3.50
N LYS A 40 2.74 3.63 -4.41
CA LYS A 40 2.61 3.36 -5.84
C LYS A 40 3.33 2.07 -6.21
N SER A 41 4.63 2.04 -5.94
CA SER A 41 5.44 0.86 -6.25
C SER A 41 4.87 -0.39 -5.59
N CYS A 42 4.51 -0.27 -4.32
CA CYS A 42 3.95 -1.39 -3.57
C CYS A 42 2.68 -1.90 -4.23
N ILE A 43 1.64 -1.07 -4.24
CA ILE A 43 0.37 -1.44 -4.85
C ILE A 43 0.56 -1.91 -6.28
N VAL A 44 1.26 -1.11 -7.07
CA VAL A 44 1.52 -1.45 -8.47
C VAL A 44 2.20 -2.80 -8.59
N ARG A 45 3.16 -3.06 -7.70
CA ARG A 45 3.88 -4.33 -7.72
C ARG A 45 2.98 -5.48 -7.26
N HIS A 46 2.07 -5.18 -6.34
CA HIS A 46 1.15 -6.19 -5.82
C HIS A 46 0.16 -6.62 -6.90
N PHE A 47 -0.26 -5.67 -7.72
CA PHE A 47 -1.21 -5.95 -8.80
C PHE A 47 -0.55 -6.76 -9.90
N TYR A 48 0.76 -6.60 -10.05
CA TYR A 48 1.50 -7.32 -11.08
C TYR A 48 1.39 -8.83 -10.88
N TYR A 49 1.38 -9.25 -9.62
CA TYR A 49 1.27 -10.67 -9.29
C TYR A 49 -0.14 -11.02 -8.84
N SER A 50 -0.71 -10.19 -7.97
CA SER A 50 -2.06 -10.41 -7.47
C SER A 50 -2.90 -9.14 -7.58
N ASN A 51 -3.98 -9.23 -8.35
CA ASN A 51 -4.87 -8.10 -8.55
C ASN A 51 -5.80 -7.92 -7.36
N ARG A 52 -5.24 -8.03 -6.16
CA ARG A 52 -6.03 -7.88 -4.93
C ARG A 52 -5.35 -6.90 -3.98
N CYS A 53 -6.04 -6.59 -2.89
CA CYS A 53 -5.51 -5.65 -1.89
C CYS A 53 -4.84 -6.41 -0.76
N PRO A 54 -3.61 -6.00 -0.42
CA PRO A 54 -2.83 -6.61 0.66
C PRO A 54 -3.41 -6.32 2.03
N LYS A 55 -4.59 -5.72 2.06
CA LYS A 55 -5.26 -5.38 3.31
C LYS A 55 -6.54 -6.19 3.48
N CYS A 56 -7.51 -5.92 2.63
CA CYS A 56 -8.79 -6.63 2.69
C CYS A 56 -8.79 -7.83 1.75
N ASN A 57 -7.90 -7.81 0.77
CA ASN A 57 -7.80 -8.89 -0.20
C ASN A 57 -9.00 -8.89 -1.14
N ILE A 58 -9.24 -7.76 -1.78
CA ILE A 58 -10.35 -7.64 -2.72
C ILE A 58 -9.86 -7.48 -4.16
N VAL A 59 -10.52 -8.17 -5.08
CA VAL A 59 -10.15 -8.11 -6.49
C VAL A 59 -10.48 -6.74 -7.08
N VAL A 60 -9.62 -5.76 -6.82
CA VAL A 60 -9.83 -4.41 -7.32
C VAL A 60 -9.55 -4.34 -8.82
N HIS A 61 -10.58 -4.57 -9.62
CA HIS A 61 -10.45 -4.53 -11.08
C HIS A 61 -10.88 -3.18 -11.62
N GLN A 62 -9.96 -2.23 -11.63
CA GLN A 62 -10.24 -0.88 -12.12
C GLN A 62 -9.34 -0.54 -13.31
N THR A 63 -9.70 0.52 -14.02
CA THR A 63 -8.93 0.95 -15.19
C THR A 63 -7.74 1.81 -14.76
N GLN A 64 -6.58 1.18 -14.63
CA GLN A 64 -5.37 1.88 -14.22
C GLN A 64 -4.80 2.70 -15.39
N PRO A 65 -4.58 4.00 -15.15
CA PRO A 65 -4.05 4.91 -16.16
C PRO A 65 -2.58 4.62 -16.48
N LEU A 66 -2.36 3.67 -17.38
CA LEU A 66 -1.00 3.29 -17.77
C LEU A 66 -0.24 4.50 -18.29
N SER A 67 0.60 5.09 -17.44
CA SER A 67 1.38 6.26 -17.82
C SER A 67 2.88 5.94 -17.80
N GLY A 68 3.39 5.47 -18.93
CA GLY A 68 4.80 5.13 -19.03
C GLY A 68 5.18 4.56 -20.38
N PRO A 69 6.08 3.58 -20.38
CA PRO A 69 6.55 2.93 -21.61
C PRO A 69 5.47 2.07 -22.25
N SER A 70 5.57 1.90 -23.57
CA SER A 70 4.59 1.09 -24.31
C SER A 70 5.20 -0.24 -24.74
N SER A 71 6.37 -0.17 -25.38
CA SER A 71 7.05 -1.36 -25.85
C SER A 71 7.90 -1.98 -24.74
N GLY A 72 7.34 -2.02 -23.53
CA GLY A 72 8.06 -2.59 -22.40
C GLY A 72 7.23 -3.60 -21.63
ZN ZN B . 4.82 0.57 0.74
ZN ZN C . -8.12 -3.01 0.93
N GLY A 1 31.87 -5.16 16.38
CA GLY A 1 30.86 -5.06 17.42
C GLY A 1 30.97 -6.18 18.44
N SER A 2 31.03 -5.81 19.72
CA SER A 2 31.15 -6.79 20.79
C SER A 2 29.80 -7.01 21.47
N SER A 3 29.18 -5.91 21.91
CA SER A 3 27.90 -5.98 22.58
C SER A 3 26.97 -4.86 22.10
N GLY A 4 25.76 -5.24 21.68
CA GLY A 4 24.81 -4.26 21.21
C GLY A 4 23.63 -4.88 20.50
N SER A 5 22.49 -4.19 20.51
CA SER A 5 21.28 -4.70 19.86
C SER A 5 20.18 -3.65 19.87
N SER A 6 19.05 -3.97 19.25
CA SER A 6 17.93 -3.05 19.18
C SER A 6 16.61 -3.78 19.44
N GLY A 7 15.62 -3.06 19.95
CA GLY A 7 14.33 -3.65 20.22
C GLY A 7 13.27 -2.62 20.56
N ASN A 8 12.95 -1.76 19.60
CA ASN A 8 11.96 -0.71 19.79
C ASN A 8 10.67 -1.06 19.06
N LEU A 9 9.54 -0.91 19.76
CA LEU A 9 8.24 -1.20 19.18
C LEU A 9 7.38 0.05 19.14
N SER A 10 7.25 0.72 20.28
CA SER A 10 6.46 1.94 20.37
C SER A 10 7.33 3.15 20.68
N GLU A 11 7.75 3.86 19.63
CA GLU A 11 8.59 5.03 19.78
C GLU A 11 7.85 6.30 19.38
N LEU A 12 6.58 6.39 19.76
CA LEU A 12 5.77 7.55 19.44
C LEU A 12 5.69 7.75 17.93
N THR A 13 5.53 6.65 17.19
CA THR A 13 5.45 6.72 15.74
C THR A 13 4.00 6.61 15.26
N PRO A 14 3.67 7.38 14.21
CA PRO A 14 2.32 7.39 13.63
C PRO A 14 1.99 6.08 12.92
N TYR A 15 0.74 5.95 12.49
CA TYR A 15 0.29 4.76 11.80
C TYR A 15 0.52 4.88 10.30
N ILE A 16 1.08 6.00 9.88
CA ILE A 16 1.36 6.25 8.47
C ILE A 16 2.42 5.29 7.94
N LEU A 17 2.05 4.03 7.79
CA LEU A 17 2.97 3.01 7.29
C LEU A 17 2.39 2.29 6.08
N CYS A 18 3.11 1.29 5.59
CA CYS A 18 2.67 0.51 4.45
C CYS A 18 2.35 -0.92 4.84
N SER A 19 1.69 -1.64 3.95
CA SER A 19 1.33 -3.03 4.21
C SER A 19 2.15 -3.99 3.34
N ILE A 20 2.64 -3.47 2.23
CA ILE A 20 3.45 -4.27 1.31
C ILE A 20 4.92 -4.21 1.67
N CYS A 21 5.45 -3.00 1.79
CA CYS A 21 6.85 -2.80 2.13
C CYS A 21 7.00 -2.41 3.59
N LYS A 22 5.89 -2.03 4.22
CA LYS A 22 5.90 -1.63 5.62
C LYS A 22 6.85 -0.46 5.85
N GLY A 23 6.87 0.48 4.90
CA GLY A 23 7.74 1.63 5.02
C GLY A 23 6.99 2.93 4.86
N TYR A 24 7.73 4.04 4.79
CA TYR A 24 7.12 5.36 4.65
C TYR A 24 6.49 5.51 3.27
N LEU A 25 5.29 6.07 3.23
CA LEU A 25 4.57 6.28 1.98
C LEU A 25 5.05 7.55 1.29
N ILE A 26 5.38 7.43 0.01
CA ILE A 26 5.84 8.57 -0.78
C ILE A 26 4.73 9.16 -1.62
N ASP A 27 4.01 8.30 -2.33
CA ASP A 27 2.90 8.73 -3.19
C ASP A 27 1.60 8.75 -2.40
N ALA A 28 1.38 7.72 -1.58
CA ALA A 28 0.18 7.63 -0.78
C ALA A 28 -1.05 7.35 -1.64
N THR A 29 -0.97 6.27 -2.43
CA THR A 29 -2.07 5.90 -3.31
C THR A 29 -3.15 5.14 -2.55
N THR A 30 -4.30 5.78 -2.37
CA THR A 30 -5.42 5.17 -1.66
C THR A 30 -6.45 4.61 -2.63
N ILE A 31 -7.12 3.54 -2.23
CA ILE A 31 -8.14 2.91 -3.06
C ILE A 31 -9.54 3.22 -2.55
N THR A 32 -10.13 4.30 -3.09
CA THR A 32 -11.47 4.71 -2.70
C THR A 32 -12.32 3.51 -2.34
N GLU A 33 -12.12 2.41 -3.05
CA GLU A 33 -12.89 1.19 -2.81
C GLU A 33 -12.88 0.83 -1.32
N CYS A 34 -11.71 0.49 -0.80
CA CYS A 34 -11.56 0.13 0.60
C CYS A 34 -10.83 1.22 1.37
N LEU A 35 -10.80 2.42 0.81
CA LEU A 35 -10.13 3.55 1.44
C LEU A 35 -8.85 3.10 2.12
N HIS A 36 -8.04 2.33 1.41
CA HIS A 36 -6.78 1.84 1.95
C HIS A 36 -5.60 2.50 1.24
N THR A 37 -4.66 3.02 2.03
CA THR A 37 -3.48 3.68 1.48
C THR A 37 -2.40 2.67 1.12
N PHE A 38 -1.79 2.85 -0.05
CA PHE A 38 -0.75 1.95 -0.51
C PHE A 38 0.21 2.67 -1.46
N CYS A 39 1.50 2.54 -1.19
CA CYS A 39 2.53 3.18 -2.01
C CYS A 39 2.26 2.94 -3.49
N LYS A 40 2.11 4.02 -4.24
CA LYS A 40 1.84 3.93 -5.68
C LYS A 40 2.71 2.85 -6.32
N SER A 41 3.90 2.65 -5.75
CA SER A 41 4.82 1.65 -6.27
C SER A 41 4.47 0.26 -5.77
N CYS A 42 3.96 0.20 -4.54
CA CYS A 42 3.58 -1.08 -3.93
C CYS A 42 2.22 -1.54 -4.45
N ILE A 43 1.17 -0.79 -4.11
CA ILE A 43 -0.18 -1.13 -4.55
C ILE A 43 -0.18 -1.65 -5.98
N VAL A 44 0.73 -1.13 -6.79
CA VAL A 44 0.84 -1.54 -8.18
C VAL A 44 1.62 -2.84 -8.31
N ARG A 45 2.69 -2.97 -7.55
CA ARG A 45 3.52 -4.16 -7.57
C ARG A 45 2.76 -5.37 -7.05
N HIS A 46 2.02 -5.17 -5.96
CA HIS A 46 1.24 -6.24 -5.36
C HIS A 46 0.24 -6.82 -6.36
N PHE A 47 -0.15 -5.99 -7.34
CA PHE A 47 -1.10 -6.41 -8.36
C PHE A 47 -0.44 -7.34 -9.38
N TYR A 48 0.87 -7.19 -9.54
CA TYR A 48 1.63 -8.00 -10.48
C TYR A 48 1.69 -9.46 -10.00
N TYR A 49 1.69 -9.65 -8.70
CA TYR A 49 1.74 -10.99 -8.12
C TYR A 49 0.37 -11.43 -7.64
N SER A 50 -0.35 -10.53 -7.00
CA SER A 50 -1.68 -10.83 -6.49
C SER A 50 -2.69 -9.79 -6.96
N ASN A 51 -3.65 -10.23 -7.76
CA ASN A 51 -4.69 -9.34 -8.29
C ASN A 51 -5.71 -9.00 -7.21
N ARG A 52 -5.22 -8.59 -6.04
CA ARG A 52 -6.10 -8.22 -4.94
C ARG A 52 -5.43 -7.19 -4.05
N CYS A 53 -6.10 -6.84 -2.95
CA CYS A 53 -5.58 -5.85 -2.01
C CYS A 53 -4.90 -6.53 -0.82
N PRO A 54 -3.72 -6.02 -0.43
CA PRO A 54 -2.96 -6.57 0.69
C PRO A 54 -3.63 -6.29 2.03
N LYS A 55 -4.86 -5.79 1.98
CA LYS A 55 -5.61 -5.49 3.20
C LYS A 55 -6.92 -6.26 3.23
N CYS A 56 -7.82 -5.94 2.30
CA CYS A 56 -9.11 -6.61 2.23
C CYS A 56 -9.10 -7.71 1.17
N ASN A 57 -7.93 -7.92 0.56
CA ASN A 57 -7.79 -8.94 -0.47
C ASN A 57 -8.96 -8.90 -1.45
N ILE A 58 -9.21 -7.72 -2.01
CA ILE A 58 -10.30 -7.54 -2.96
C ILE A 58 -9.78 -7.42 -4.39
N VAL A 59 -10.39 -8.16 -5.30
CA VAL A 59 -9.98 -8.13 -6.71
C VAL A 59 -10.18 -6.75 -7.31
N VAL A 60 -9.16 -5.91 -7.19
CA VAL A 60 -9.21 -4.55 -7.73
C VAL A 60 -9.03 -4.55 -9.24
N HIS A 61 -10.09 -4.89 -9.96
CA HIS A 61 -10.05 -4.93 -11.41
C HIS A 61 -11.42 -4.60 -12.01
N GLN A 62 -11.43 -3.85 -13.10
CA GLN A 62 -12.67 -3.46 -13.76
C GLN A 62 -12.69 -3.95 -15.20
N THR A 63 -11.69 -3.55 -15.97
CA THR A 63 -11.59 -3.95 -17.38
C THR A 63 -10.26 -4.63 -17.66
N GLN A 64 -9.16 -3.93 -17.38
CA GLN A 64 -7.83 -4.46 -17.60
C GLN A 64 -6.81 -3.80 -16.68
N PRO A 65 -5.75 -4.55 -16.33
CA PRO A 65 -4.69 -4.06 -15.45
C PRO A 65 -3.83 -2.98 -16.11
N LEU A 66 -3.83 -1.79 -15.52
CA LEU A 66 -3.06 -0.68 -16.06
C LEU A 66 -1.75 -1.17 -16.68
N SER A 67 -1.34 -0.52 -17.76
CA SER A 67 -0.11 -0.88 -18.46
C SER A 67 0.63 0.36 -18.96
N GLY A 68 1.94 0.37 -18.77
CA GLY A 68 2.74 1.50 -19.21
C GLY A 68 3.89 1.80 -18.27
N PRO A 69 5.03 2.22 -18.85
CA PRO A 69 6.23 2.55 -18.06
C PRO A 69 6.06 3.83 -17.24
N SER A 70 7.11 4.20 -16.51
CA SER A 70 7.08 5.40 -15.68
C SER A 70 8.11 6.41 -16.14
N SER A 71 7.67 7.63 -16.41
CA SER A 71 8.56 8.69 -16.86
C SER A 71 8.13 10.04 -16.30
N GLY A 72 8.89 11.08 -16.62
CA GLY A 72 8.58 12.41 -16.14
C GLY A 72 7.89 13.26 -17.18
ZN ZN B . 4.99 0.32 0.34
ZN ZN C . -8.15 -3.03 0.67
N GLY A 1 15.28 -25.45 19.73
CA GLY A 1 14.11 -25.11 20.52
C GLY A 1 13.72 -23.65 20.35
N SER A 2 12.86 -23.17 21.25
CA SER A 2 12.39 -21.78 21.20
C SER A 2 12.93 -21.00 22.38
N SER A 3 12.64 -19.70 22.40
CA SER A 3 13.09 -18.83 23.48
C SER A 3 11.92 -18.15 24.17
N GLY A 4 11.16 -17.37 23.39
CA GLY A 4 10.01 -16.68 23.94
C GLY A 4 10.01 -15.20 23.61
N SER A 5 11.12 -14.54 23.91
CA SER A 5 11.25 -13.10 23.65
C SER A 5 9.94 -12.38 23.93
N SER A 6 9.31 -12.73 25.05
CA SER A 6 8.05 -12.11 25.44
C SER A 6 8.24 -10.63 25.76
N GLY A 7 7.19 -9.84 25.53
CA GLY A 7 7.26 -8.42 25.81
C GLY A 7 5.89 -7.77 25.86
N ASN A 8 5.82 -6.60 26.48
CA ASN A 8 4.56 -5.87 26.60
C ASN A 8 4.75 -4.39 26.32
N LEU A 9 4.25 -3.94 25.18
CA LEU A 9 4.37 -2.54 24.79
C LEU A 9 3.10 -2.05 24.09
N SER A 10 3.09 -0.78 23.72
CA SER A 10 1.93 -0.19 23.06
C SER A 10 2.01 -0.37 21.55
N GLU A 11 0.87 -0.57 20.91
CA GLU A 11 0.81 -0.77 19.46
C GLU A 11 -0.06 0.30 18.81
N LEU A 12 0.08 1.53 19.26
CA LEU A 12 -0.70 2.64 18.71
C LEU A 12 0.05 3.31 17.56
N THR A 13 -0.23 2.85 16.34
CA THR A 13 0.41 3.41 15.15
C THR A 13 -0.62 3.97 14.18
N PRO A 14 -0.36 5.18 13.67
CA PRO A 14 -1.26 5.85 12.73
C PRO A 14 -1.26 5.17 11.36
N TYR A 15 -2.03 5.73 10.43
CA TYR A 15 -2.12 5.18 9.08
C TYR A 15 -1.03 5.75 8.18
N ILE A 16 0.17 5.89 8.74
CA ILE A 16 1.30 6.42 7.99
C ILE A 16 2.15 5.29 7.40
N LEU A 17 2.15 4.15 8.07
CA LEU A 17 2.92 3.00 7.61
C LEU A 17 2.20 2.30 6.45
N CYS A 18 2.92 1.39 5.79
CA CYS A 18 2.36 0.65 4.67
C CYS A 18 2.14 -0.81 5.03
N SER A 19 1.36 -1.52 4.21
CA SER A 19 1.06 -2.93 4.46
C SER A 19 1.99 -3.82 3.63
N ILE A 20 2.47 -3.30 2.51
CA ILE A 20 3.37 -4.04 1.64
C ILE A 20 4.83 -3.78 2.00
N CYS A 21 5.22 -2.51 1.97
CA CYS A 21 6.59 -2.12 2.29
C CYS A 21 6.80 -2.06 3.80
N LYS A 22 5.70 -1.93 4.54
CA LYS A 22 5.76 -1.86 5.99
C LYS A 22 6.62 -0.67 6.45
N GLY A 23 6.59 0.39 5.66
CA GLY A 23 7.37 1.58 6.00
C GLY A 23 6.68 2.86 5.56
N TYR A 24 7.46 3.90 5.34
CA TYR A 24 6.94 5.19 4.93
C TYR A 24 6.29 5.09 3.55
N LEU A 25 5.23 5.89 3.33
CA LEU A 25 4.53 5.88 2.05
C LEU A 25 5.11 6.94 1.12
N ILE A 26 5.51 6.51 -0.07
CA ILE A 26 6.07 7.44 -1.06
C ILE A 26 4.97 8.06 -1.90
N ASP A 27 4.28 7.24 -2.68
CA ASP A 27 3.21 7.72 -3.54
C ASP A 27 1.86 7.14 -3.10
N ALA A 28 1.55 7.31 -1.82
CA ALA A 28 0.29 6.81 -1.28
C ALA A 28 -0.79 6.73 -2.35
N THR A 29 -1.52 5.62 -2.37
CA THR A 29 -2.58 5.42 -3.36
C THR A 29 -3.89 5.05 -2.67
N THR A 30 -4.74 6.05 -2.46
CA THR A 30 -6.04 5.83 -1.82
C THR A 30 -6.95 4.98 -2.70
N ILE A 31 -7.62 4.01 -2.10
CA ILE A 31 -8.52 3.13 -2.83
C ILE A 31 -9.96 3.29 -2.33
N THR A 32 -10.67 4.26 -2.89
CA THR A 32 -12.05 4.51 -2.51
C THR A 32 -12.75 3.22 -2.10
N GLU A 33 -12.42 2.14 -2.79
CA GLU A 33 -13.02 0.84 -2.50
C GLU A 33 -12.97 0.54 -1.00
N CYS A 34 -11.77 0.29 -0.50
CA CYS A 34 -11.59 -0.01 0.91
C CYS A 34 -11.01 1.19 1.66
N LEU A 35 -11.00 2.34 0.99
CA LEU A 35 -10.48 3.56 1.59
C LEU A 35 -9.07 3.35 2.14
N HIS A 36 -8.37 2.38 1.57
CA HIS A 36 -7.01 2.07 2.00
C HIS A 36 -5.99 2.88 1.19
N THR A 37 -4.76 2.92 1.67
CA THR A 37 -3.70 3.66 1.00
C THR A 37 -2.45 2.80 0.83
N PHE A 38 -1.81 2.91 -0.33
CA PHE A 38 -0.61 2.14 -0.62
C PHE A 38 0.27 2.86 -1.62
N CYS A 39 1.59 2.70 -1.48
CA CYS A 39 2.54 3.34 -2.38
C CYS A 39 2.23 2.99 -3.83
N LYS A 40 2.40 3.98 -4.72
CA LYS A 40 2.15 3.78 -6.14
C LYS A 40 3.11 2.76 -6.73
N SER A 41 4.14 2.41 -5.97
CA SER A 41 5.13 1.44 -6.41
C SER A 41 4.78 0.04 -5.92
N CYS A 42 4.36 -0.06 -4.67
CA CYS A 42 3.99 -1.34 -4.08
C CYS A 42 2.60 -1.75 -4.49
N ILE A 43 1.65 -0.82 -4.40
CA ILE A 43 0.27 -1.09 -4.78
C ILE A 43 0.17 -1.55 -6.22
N VAL A 44 0.96 -0.92 -7.09
CA VAL A 44 0.97 -1.28 -8.50
C VAL A 44 1.72 -2.57 -8.75
N ARG A 45 2.79 -2.78 -7.99
CA ARG A 45 3.60 -3.99 -8.12
C ARG A 45 2.92 -5.18 -7.48
N HIS A 46 2.01 -4.90 -6.54
CA HIS A 46 1.28 -5.96 -5.85
C HIS A 46 0.26 -6.62 -6.77
N PHE A 47 -0.26 -5.84 -7.71
CA PHE A 47 -1.25 -6.35 -8.66
C PHE A 47 -0.59 -7.27 -9.68
N TYR A 48 0.71 -7.09 -9.89
CA TYR A 48 1.46 -7.90 -10.84
C TYR A 48 1.48 -9.37 -10.41
N TYR A 49 1.71 -9.60 -9.12
CA TYR A 49 1.74 -10.96 -8.59
C TYR A 49 0.42 -11.32 -7.94
N SER A 50 -0.16 -10.36 -7.21
CA SER A 50 -1.43 -10.59 -6.53
C SER A 50 -2.43 -9.49 -6.88
N ASN A 51 -3.39 -9.83 -7.74
CA ASN A 51 -4.41 -8.86 -8.16
C ASN A 51 -5.44 -8.66 -7.05
N ARG A 52 -4.97 -8.39 -5.84
CA ARG A 52 -5.86 -8.18 -4.70
C ARG A 52 -5.17 -7.35 -3.63
N CYS A 53 -5.89 -6.40 -3.06
CA CYS A 53 -5.36 -5.53 -2.02
C CYS A 53 -4.75 -6.36 -0.89
N PRO A 54 -3.50 -6.05 -0.54
CA PRO A 54 -2.77 -6.74 0.53
C PRO A 54 -3.34 -6.43 1.91
N LYS A 55 -4.45 -5.71 1.94
CA LYS A 55 -5.09 -5.33 3.20
C LYS A 55 -6.40 -6.11 3.39
N CYS A 56 -7.40 -5.78 2.58
CA CYS A 56 -8.70 -6.44 2.66
C CYS A 56 -8.74 -7.66 1.75
N ASN A 57 -7.86 -7.68 0.75
CA ASN A 57 -7.80 -8.79 -0.19
C ASN A 57 -8.97 -8.75 -1.17
N ILE A 58 -9.16 -7.59 -1.80
CA ILE A 58 -10.24 -7.41 -2.77
C ILE A 58 -9.70 -7.31 -4.19
N VAL A 59 -10.44 -7.88 -5.13
CA VAL A 59 -10.03 -7.85 -6.54
C VAL A 59 -10.11 -6.43 -7.10
N VAL A 60 -9.01 -5.69 -6.98
CA VAL A 60 -8.97 -4.32 -7.48
C VAL A 60 -8.34 -4.26 -8.87
N HIS A 61 -9.01 -3.59 -9.80
CA HIS A 61 -8.52 -3.46 -11.16
C HIS A 61 -7.86 -2.10 -11.38
N GLN A 62 -8.67 -1.05 -11.32
CA GLN A 62 -8.16 0.31 -11.51
C GLN A 62 -6.76 0.46 -10.92
N THR A 63 -5.77 0.52 -11.80
CA THR A 63 -4.38 0.66 -11.36
C THR A 63 -4.04 2.12 -11.03
N GLN A 64 -4.99 3.01 -11.32
CA GLN A 64 -4.79 4.43 -11.05
C GLN A 64 -6.13 5.18 -11.11
N PRO A 65 -6.22 6.26 -10.32
CA PRO A 65 -7.43 7.09 -10.28
C PRO A 65 -7.65 7.88 -11.56
N LEU A 66 -7.13 9.09 -11.60
CA LEU A 66 -7.26 9.96 -12.78
C LEU A 66 -6.00 10.79 -13.00
N SER A 67 -5.49 10.78 -14.22
CA SER A 67 -4.28 11.52 -14.55
C SER A 67 -4.63 12.73 -15.42
N GLY A 68 -4.12 13.90 -15.01
CA GLY A 68 -4.38 15.12 -15.76
C GLY A 68 -3.89 15.04 -17.18
N PRO A 69 -4.67 15.61 -18.12
CA PRO A 69 -4.33 15.62 -19.55
C PRO A 69 -3.14 16.51 -19.85
N SER A 70 -2.65 17.21 -18.83
CA SER A 70 -1.51 18.11 -18.99
C SER A 70 -0.26 17.52 -18.35
N SER A 71 0.87 17.66 -19.05
CA SER A 71 2.13 17.13 -18.55
C SER A 71 2.45 17.71 -17.17
N GLY A 72 3.40 17.08 -16.48
CA GLY A 72 3.78 17.53 -15.16
C GLY A 72 5.22 18.00 -15.10
ZN ZN B . 4.00 0.54 0.16
ZN ZN C . -7.90 -2.89 0.84
N GLY A 1 20.93 -24.93 28.69
CA GLY A 1 20.77 -23.51 28.41
C GLY A 1 19.43 -23.20 27.76
N SER A 2 18.78 -22.15 28.25
CA SER A 2 17.47 -21.75 27.71
C SER A 2 17.03 -20.42 28.29
N SER A 3 16.49 -19.55 27.44
CA SER A 3 16.03 -18.25 27.89
C SER A 3 15.06 -17.65 26.87
N GLY A 4 14.16 -16.80 27.35
CA GLY A 4 13.18 -16.17 26.47
C GLY A 4 12.10 -15.43 27.24
N SER A 5 12.14 -14.10 27.18
CA SER A 5 11.15 -13.28 27.87
C SER A 5 11.01 -11.92 27.20
N SER A 6 9.87 -11.28 27.41
CA SER A 6 9.60 -9.98 26.82
C SER A 6 8.28 -9.42 27.31
N GLY A 7 8.29 -8.17 27.75
CA GLY A 7 7.08 -7.53 28.24
C GLY A 7 7.14 -6.02 28.16
N ASN A 8 7.21 -5.49 26.93
CA ASN A 8 7.28 -4.05 26.73
C ASN A 8 7.11 -3.71 25.26
N LEU A 9 6.04 -2.98 24.94
CA LEU A 9 5.76 -2.59 23.56
C LEU A 9 4.69 -1.49 23.52
N SER A 10 4.75 -0.67 22.48
CA SER A 10 3.78 0.42 22.33
C SER A 10 2.48 -0.10 21.74
N GLU A 11 1.36 0.39 22.28
CA GLU A 11 0.04 -0.04 21.81
C GLU A 11 -0.81 1.18 21.46
N LEU A 12 -0.60 1.71 20.25
CA LEU A 12 -1.34 2.88 19.79
C LEU A 12 -1.54 2.83 18.27
N THR A 13 -2.45 3.65 17.77
CA THR A 13 -2.73 3.70 16.34
C THR A 13 -1.60 4.38 15.59
N PRO A 14 -1.28 3.85 14.39
CA PRO A 14 -0.21 4.39 13.54
C PRO A 14 -0.57 5.74 12.95
N TYR A 15 0.37 6.33 12.22
CA TYR A 15 0.16 7.63 11.61
C TYR A 15 0.33 7.55 10.09
N ILE A 16 1.56 7.41 9.64
CA ILE A 16 1.85 7.33 8.21
C ILE A 16 2.85 6.20 7.93
N LEU A 17 2.33 5.06 7.49
CA LEU A 17 3.18 3.92 7.17
C LEU A 17 2.50 3.01 6.15
N CYS A 18 3.18 1.93 5.79
CA CYS A 18 2.64 0.97 4.82
C CYS A 18 2.36 -0.37 5.48
N SER A 19 1.63 -1.23 4.76
CA SER A 19 1.28 -2.55 5.28
C SER A 19 2.07 -3.64 4.55
N ILE A 20 2.42 -3.37 3.29
CA ILE A 20 3.17 -4.32 2.49
C ILE A 20 4.67 -4.17 2.71
N CYS A 21 5.17 -2.95 2.47
CA CYS A 21 6.59 -2.67 2.65
C CYS A 21 6.88 -2.14 4.05
N LYS A 22 5.84 -1.63 4.70
CA LYS A 22 5.98 -1.10 6.05
C LYS A 22 6.95 0.09 6.07
N GLY A 23 6.87 0.93 5.06
CA GLY A 23 7.75 2.09 4.98
C GLY A 23 7.01 3.36 4.59
N TYR A 24 7.60 4.50 4.88
CA TYR A 24 7.00 5.79 4.56
C TYR A 24 6.37 5.76 3.16
N LEU A 25 5.12 6.21 3.08
CA LEU A 25 4.42 6.25 1.81
C LEU A 25 4.92 7.38 0.92
N ILE A 26 5.54 7.00 -0.20
CA ILE A 26 6.07 7.98 -1.13
C ILE A 26 4.95 8.64 -1.95
N ASP A 27 4.31 7.86 -2.80
CA ASP A 27 3.22 8.37 -3.63
C ASP A 27 1.96 8.58 -2.80
N ALA A 28 1.68 7.62 -1.91
CA ALA A 28 0.50 7.71 -1.06
C ALA A 28 -0.77 7.41 -1.84
N THR A 29 -0.77 6.30 -2.57
CA THR A 29 -1.92 5.90 -3.36
C THR A 29 -2.96 5.19 -2.51
N THR A 30 -4.02 5.92 -2.15
CA THR A 30 -5.09 5.36 -1.34
C THR A 30 -6.26 4.91 -2.20
N ILE A 31 -6.60 3.63 -2.09
CA ILE A 31 -7.71 3.07 -2.86
C ILE A 31 -9.05 3.65 -2.41
N THR A 32 -10.08 3.50 -3.24
CA THR A 32 -11.40 4.00 -2.93
C THR A 32 -12.32 2.88 -2.48
N GLU A 33 -12.15 1.71 -3.08
CA GLU A 33 -12.97 0.54 -2.74
C GLU A 33 -12.98 0.30 -1.23
N CYS A 34 -11.80 0.06 -0.68
CA CYS A 34 -11.66 -0.19 0.75
C CYS A 34 -10.91 0.96 1.44
N LEU A 35 -11.03 2.15 0.88
CA LEU A 35 -10.36 3.33 1.43
C LEU A 35 -9.09 2.92 2.18
N HIS A 36 -8.24 2.14 1.51
CA HIS A 36 -6.99 1.70 2.10
C HIS A 36 -5.80 2.40 1.45
N THR A 37 -4.82 2.76 2.27
CA THR A 37 -3.62 3.43 1.78
C THR A 37 -2.59 2.44 1.27
N PHE A 38 -1.98 2.74 0.13
CA PHE A 38 -0.98 1.87 -0.46
C PHE A 38 0.01 2.67 -1.32
N CYS A 39 1.27 2.30 -1.25
CA CYS A 39 2.31 2.97 -2.02
C CYS A 39 2.16 2.69 -3.51
N LYS A 40 2.68 3.60 -4.34
CA LYS A 40 2.61 3.44 -5.79
C LYS A 40 3.46 2.26 -6.24
N SER A 41 4.59 2.05 -5.57
CA SER A 41 5.49 0.95 -5.92
C SER A 41 5.02 -0.35 -5.26
N CYS A 42 4.05 -0.25 -4.37
CA CYS A 42 3.51 -1.41 -3.68
C CYS A 42 2.22 -1.88 -4.33
N ILE A 43 1.28 -0.98 -4.49
CA ILE A 43 -0.01 -1.31 -5.10
C ILE A 43 0.16 -1.68 -6.56
N VAL A 44 1.01 -0.95 -7.26
CA VAL A 44 1.27 -1.21 -8.67
C VAL A 44 1.98 -2.54 -8.87
N ARG A 45 2.92 -2.84 -7.97
CA ARG A 45 3.67 -4.08 -8.05
C ARG A 45 2.86 -5.24 -7.51
N HIS A 46 2.05 -4.98 -6.49
CA HIS A 46 1.21 -6.01 -5.88
C HIS A 46 0.18 -6.53 -6.88
N PHE A 47 -0.28 -5.65 -7.76
CA PHE A 47 -1.26 -6.02 -8.77
C PHE A 47 -0.64 -6.89 -9.84
N TYR A 48 0.67 -6.77 -10.03
CA TYR A 48 1.38 -7.54 -11.03
C TYR A 48 1.40 -9.02 -10.66
N TYR A 49 1.49 -9.30 -9.36
CA TYR A 49 1.52 -10.67 -8.87
C TYR A 49 0.13 -11.13 -8.43
N SER A 50 -0.58 -10.24 -7.73
CA SER A 50 -1.92 -10.55 -7.26
C SER A 50 -2.87 -9.39 -7.50
N ASN A 51 -3.92 -9.65 -8.27
CA ASN A 51 -4.91 -8.62 -8.59
C ASN A 51 -5.89 -8.43 -7.44
N ARG A 52 -5.37 -8.43 -6.21
CA ARG A 52 -6.21 -8.26 -5.03
C ARG A 52 -5.53 -7.35 -4.02
N CYS A 53 -6.30 -6.87 -3.04
CA CYS A 53 -5.78 -5.99 -2.01
C CYS A 53 -5.18 -6.80 -0.86
N PRO A 54 -3.92 -6.49 -0.51
CA PRO A 54 -3.21 -7.17 0.58
C PRO A 54 -3.79 -6.83 1.94
N LYS A 55 -4.92 -6.14 1.96
CA LYS A 55 -5.57 -5.76 3.21
C LYS A 55 -6.88 -6.53 3.39
N CYS A 56 -7.86 -6.26 2.53
CA CYS A 56 -9.14 -6.93 2.60
C CYS A 56 -9.18 -8.13 1.66
N ASN A 57 -8.21 -8.21 0.76
CA ASN A 57 -8.14 -9.32 -0.19
C ASN A 57 -9.25 -9.22 -1.23
N ILE A 58 -9.49 -8.01 -1.73
CA ILE A 58 -10.52 -7.78 -2.72
C ILE A 58 -9.91 -7.55 -4.11
N VAL A 59 -10.57 -8.08 -5.12
CA VAL A 59 -10.10 -7.94 -6.50
C VAL A 59 -10.25 -6.51 -6.99
N VAL A 60 -9.15 -5.75 -6.92
CA VAL A 60 -9.17 -4.36 -7.36
C VAL A 60 -8.59 -4.21 -8.77
N HIS A 61 -9.36 -3.61 -9.65
CA HIS A 61 -8.92 -3.41 -11.04
C HIS A 61 -8.27 -2.04 -11.20
N GLN A 62 -7.27 -1.96 -12.07
CA GLN A 62 -6.57 -0.72 -12.33
C GLN A 62 -6.92 -0.17 -13.71
N THR A 63 -6.94 1.16 -13.82
CA THR A 63 -7.27 1.81 -15.09
C THR A 63 -6.22 2.85 -15.45
N GLN A 64 -5.51 2.60 -16.54
CA GLN A 64 -4.47 3.53 -17.00
C GLN A 64 -5.06 4.59 -17.92
N PRO A 65 -4.90 5.87 -17.52
CA PRO A 65 -5.40 7.00 -18.30
C PRO A 65 -4.63 7.21 -19.60
N LEU A 66 -3.59 6.41 -19.79
CA LEU A 66 -2.78 6.50 -21.00
C LEU A 66 -2.89 5.23 -21.83
N SER A 67 -2.60 4.09 -21.21
CA SER A 67 -2.66 2.81 -21.89
C SER A 67 -1.55 2.68 -22.92
N GLY A 68 -0.36 3.15 -22.56
CA GLY A 68 0.76 3.08 -23.48
C GLY A 68 1.94 3.92 -23.01
N PRO A 69 2.71 3.39 -22.05
CA PRO A 69 3.88 4.08 -21.50
C PRO A 69 5.02 4.18 -22.51
N SER A 70 5.84 5.21 -22.36
CA SER A 70 6.98 5.42 -23.25
C SER A 70 8.26 5.68 -22.47
N SER A 71 8.44 4.90 -21.40
CA SER A 71 9.62 5.05 -20.56
C SER A 71 10.88 5.23 -21.40
N GLY A 72 11.90 5.85 -20.82
CA GLY A 72 13.15 6.07 -21.54
C GLY A 72 14.24 5.10 -21.14
ZN ZN B . 4.67 0.35 0.64
ZN ZN C . -8.26 -3.39 0.90
N GLY A 1 33.56 17.02 33.79
CA GLY A 1 32.65 16.08 33.17
C GLY A 1 31.19 16.42 33.44
N SER A 2 30.43 16.65 32.38
CA SER A 2 29.02 16.99 32.50
C SER A 2 28.29 16.80 31.17
N SER A 3 27.19 16.06 31.22
CA SER A 3 26.41 15.79 30.02
C SER A 3 24.93 15.62 30.36
N GLY A 4 24.08 15.73 29.36
CA GLY A 4 22.64 15.58 29.57
C GLY A 4 21.82 16.17 28.44
N SER A 5 21.86 15.52 27.29
CA SER A 5 21.12 15.98 26.12
C SER A 5 20.35 14.83 25.46
N SER A 6 19.11 15.09 25.10
CA SER A 6 18.27 14.08 24.46
C SER A 6 17.13 14.72 23.68
N GLY A 7 16.48 13.93 22.84
CA GLY A 7 15.37 14.44 22.05
C GLY A 7 14.39 13.36 21.66
N ASN A 8 13.24 13.33 22.33
CA ASN A 8 12.21 12.34 22.05
C ASN A 8 10.82 12.89 22.32
N LEU A 9 10.02 13.00 21.27
CA LEU A 9 8.66 13.52 21.39
C LEU A 9 7.69 12.73 20.53
N SER A 10 6.56 12.34 21.11
CA SER A 10 5.55 11.57 20.40
C SER A 10 4.31 11.37 21.26
N GLU A 11 3.15 11.74 20.72
CA GLU A 11 1.90 11.61 21.44
C GLU A 11 0.92 10.72 20.67
N LEU A 12 1.00 10.78 19.34
CA LEU A 12 0.14 9.97 18.49
C LEU A 12 0.51 10.12 17.02
N THR A 13 0.40 9.03 16.28
CA THR A 13 0.73 9.04 14.85
C THR A 13 -0.26 8.22 14.04
N PRO A 14 -0.72 8.79 12.92
CA PRO A 14 -1.69 8.11 12.04
C PRO A 14 -1.08 6.93 11.31
N TYR A 15 -1.82 6.37 10.36
CA TYR A 15 -1.36 5.22 9.59
C TYR A 15 -0.37 5.66 8.52
N ILE A 16 0.76 6.22 8.95
CA ILE A 16 1.79 6.68 8.03
C ILE A 16 2.53 5.51 7.40
N LEU A 17 2.84 4.51 8.22
CA LEU A 17 3.55 3.32 7.75
C LEU A 17 2.77 2.63 6.64
N CYS A 18 3.41 1.66 6.00
CA CYS A 18 2.78 0.91 4.92
C CYS A 18 2.32 -0.47 5.39
N SER A 19 1.54 -1.15 4.57
CA SER A 19 1.04 -2.47 4.91
C SER A 19 1.90 -3.57 4.28
N ILE A 20 2.32 -3.33 3.04
CA ILE A 20 3.15 -4.29 2.32
C ILE A 20 4.62 -4.10 2.66
N CYS A 21 5.19 -2.99 2.20
CA CYS A 21 6.60 -2.68 2.46
C CYS A 21 6.81 -2.34 3.93
N LYS A 22 5.74 -2.00 4.63
CA LYS A 22 5.81 -1.65 6.04
C LYS A 22 6.82 -0.53 6.27
N GLY A 23 6.82 0.45 5.38
CA GLY A 23 7.73 1.57 5.50
C GLY A 23 7.05 2.91 5.31
N TYR A 24 7.79 3.88 4.80
CA TYR A 24 7.24 5.22 4.56
C TYR A 24 6.56 5.30 3.20
N LEU A 25 5.40 5.96 3.16
CA LEU A 25 4.65 6.10 1.93
C LEU A 25 5.27 7.17 1.03
N ILE A 26 5.18 6.95 -0.28
CA ILE A 26 5.73 7.89 -1.24
C ILE A 26 4.63 8.62 -2.00
N ASP A 27 3.86 7.87 -2.77
CA ASP A 27 2.76 8.45 -3.54
C ASP A 27 1.50 8.57 -2.69
N ALA A 28 1.30 7.60 -1.80
CA ALA A 28 0.14 7.61 -0.92
C ALA A 28 -1.15 7.35 -1.70
N THR A 29 -1.17 6.25 -2.44
CA THR A 29 -2.33 5.88 -3.24
C THR A 29 -3.42 5.27 -2.37
N THR A 30 -4.68 5.59 -2.69
CA THR A 30 -5.82 5.07 -1.93
C THR A 30 -6.83 4.43 -2.86
N ILE A 31 -7.46 3.35 -2.39
CA ILE A 31 -8.47 2.64 -3.17
C ILE A 31 -9.86 2.81 -2.57
N THR A 32 -10.51 3.93 -2.89
CA THR A 32 -11.85 4.20 -2.38
C THR A 32 -12.59 2.91 -2.07
N GLU A 33 -12.53 1.96 -2.98
CA GLU A 33 -13.20 0.68 -2.81
C GLU A 33 -13.22 0.29 -1.33
N CYS A 34 -12.05 0.29 -0.71
CA CYS A 34 -11.93 -0.07 0.70
C CYS A 34 -11.42 1.11 1.52
N LEU A 35 -11.02 2.17 0.83
CA LEU A 35 -10.51 3.36 1.51
C LEU A 35 -9.23 3.05 2.28
N HIS A 36 -8.28 2.42 1.59
CA HIS A 36 -7.00 2.07 2.20
C HIS A 36 -5.88 2.93 1.63
N THR A 37 -4.66 2.73 2.15
CA THR A 37 -3.51 3.49 1.70
C THR A 37 -2.38 2.56 1.27
N PHE A 38 -1.71 2.92 0.17
CA PHE A 38 -0.62 2.11 -0.35
C PHE A 38 0.36 2.97 -1.15
N CYS A 39 1.56 2.44 -1.39
CA CYS A 39 2.58 3.16 -2.13
C CYS A 39 2.46 2.87 -3.63
N LYS A 40 3.08 3.73 -4.44
CA LYS A 40 3.05 3.57 -5.89
C LYS A 40 3.66 2.24 -6.30
N SER A 41 4.91 2.03 -5.92
CA SER A 41 5.61 0.80 -6.26
C SER A 41 4.92 -0.42 -5.63
N CYS A 42 4.46 -0.25 -4.40
CA CYS A 42 3.78 -1.33 -3.68
C CYS A 42 2.50 -1.73 -4.41
N ILE A 43 1.64 -0.75 -4.67
CA ILE A 43 0.39 -1.02 -5.36
C ILE A 43 0.63 -1.39 -6.83
N VAL A 44 1.69 -0.83 -7.40
CA VAL A 44 2.03 -1.11 -8.79
C VAL A 44 2.57 -2.53 -8.95
N ARG A 45 3.35 -2.97 -7.97
CA ARG A 45 3.94 -4.30 -8.00
C ARG A 45 2.95 -5.34 -7.49
N HIS A 46 2.26 -5.01 -6.41
CA HIS A 46 1.28 -5.91 -5.82
C HIS A 46 0.28 -6.39 -6.86
N PHE A 47 -0.02 -5.52 -7.83
CA PHE A 47 -0.97 -5.85 -8.88
C PHE A 47 -0.38 -6.90 -9.83
N TYR A 48 0.94 -6.95 -9.89
CA TYR A 48 1.64 -7.90 -10.76
C TYR A 48 1.59 -9.31 -10.17
N TYR A 49 1.69 -9.40 -8.85
CA TYR A 49 1.66 -10.68 -8.16
C TYR A 49 0.23 -11.10 -7.84
N SER A 50 -0.55 -10.14 -7.34
CA SER A 50 -1.94 -10.40 -6.98
C SER A 50 -2.84 -9.26 -7.42
N ASN A 51 -4.05 -9.60 -7.88
CA ASN A 51 -5.01 -8.60 -8.33
C ASN A 51 -5.80 -8.03 -7.17
N ARG A 52 -5.90 -8.80 -6.08
CA ARG A 52 -6.63 -8.37 -4.90
C ARG A 52 -5.87 -7.27 -4.17
N CYS A 53 -6.47 -6.76 -3.09
CA CYS A 53 -5.86 -5.70 -2.31
C CYS A 53 -4.97 -6.28 -1.21
N PRO A 54 -3.78 -5.68 -1.03
CA PRO A 54 -2.82 -6.13 -0.02
C PRO A 54 -3.30 -5.83 1.41
N LYS A 55 -4.56 -5.43 1.53
CA LYS A 55 -5.13 -5.12 2.83
C LYS A 55 -6.37 -5.98 3.10
N CYS A 56 -7.44 -5.70 2.38
CA CYS A 56 -8.68 -6.45 2.54
C CYS A 56 -8.71 -7.66 1.61
N ASN A 57 -7.79 -7.69 0.66
CA ASN A 57 -7.71 -8.79 -0.29
C ASN A 57 -8.98 -8.89 -1.13
N ILE A 58 -9.35 -7.78 -1.76
CA ILE A 58 -10.55 -7.73 -2.60
C ILE A 58 -10.17 -7.67 -4.07
N VAL A 59 -10.83 -8.49 -4.87
CA VAL A 59 -10.58 -8.53 -6.31
C VAL A 59 -10.79 -7.15 -6.93
N VAL A 60 -9.72 -6.37 -7.02
CA VAL A 60 -9.80 -5.04 -7.60
C VAL A 60 -9.65 -5.09 -9.11
N HIS A 61 -10.77 -4.99 -9.82
CA HIS A 61 -10.77 -5.02 -11.28
C HIS A 61 -10.07 -3.80 -11.85
N GLN A 62 -9.24 -4.01 -12.86
CA GLN A 62 -8.50 -2.93 -13.49
C GLN A 62 -9.37 -2.20 -14.51
N THR A 63 -9.38 -0.88 -14.43
CA THR A 63 -10.18 -0.07 -15.35
C THR A 63 -9.29 0.63 -16.37
N GLN A 64 -8.37 1.47 -15.87
CA GLN A 64 -7.46 2.21 -16.74
C GLN A 64 -6.02 1.78 -16.50
N PRO A 65 -5.33 1.40 -17.59
CA PRO A 65 -3.93 0.96 -17.51
C PRO A 65 -2.98 2.11 -17.20
N LEU A 66 -1.80 1.77 -16.70
CA LEU A 66 -0.79 2.78 -16.36
C LEU A 66 -0.67 3.82 -17.47
N SER A 67 -0.89 5.09 -17.11
CA SER A 67 -0.80 6.18 -18.07
C SER A 67 0.23 7.20 -17.62
N GLY A 68 0.14 7.63 -16.37
CA GLY A 68 1.07 8.61 -15.84
C GLY A 68 0.83 9.99 -16.41
N PRO A 69 0.81 11.00 -15.52
CA PRO A 69 0.59 12.40 -15.93
C PRO A 69 1.77 12.98 -16.70
N SER A 70 1.48 13.70 -17.77
CA SER A 70 2.51 14.31 -18.60
C SER A 70 1.93 15.42 -19.46
N SER A 71 2.64 16.54 -19.52
CA SER A 71 2.21 17.69 -20.30
C SER A 71 3.30 18.15 -21.27
N GLY A 72 4.49 18.37 -20.73
CA GLY A 72 5.61 18.81 -21.55
C GLY A 72 5.99 20.25 -21.30
ZN ZN B . 4.71 0.52 0.65
ZN ZN C . -8.21 -2.92 0.60
N GLY A 1 25.87 -9.53 29.26
CA GLY A 1 24.46 -9.85 29.10
C GLY A 1 23.59 -9.11 30.09
N SER A 2 22.33 -8.91 29.72
CA SER A 2 21.39 -8.20 30.58
C SER A 2 19.98 -8.22 30.00
N SER A 3 19.00 -7.86 30.81
CA SER A 3 17.61 -7.85 30.37
C SER A 3 16.91 -6.57 30.81
N GLY A 4 15.85 -6.19 30.09
CA GLY A 4 15.12 -4.98 30.43
C GLY A 4 14.43 -4.38 29.22
N SER A 5 14.17 -3.07 29.28
CA SER A 5 13.50 -2.38 28.20
C SER A 5 12.09 -2.91 27.98
N SER A 6 11.39 -3.16 29.08
CA SER A 6 10.03 -3.68 29.02
C SER A 6 9.11 -2.71 28.27
N GLY A 7 8.08 -3.25 27.63
CA GLY A 7 7.15 -2.43 26.89
C GLY A 7 7.07 -2.81 25.42
N ASN A 8 5.99 -3.46 25.03
CA ASN A 8 5.80 -3.87 23.65
C ASN A 8 5.51 -2.67 22.75
N LEU A 9 4.38 -2.01 22.98
CA LEU A 9 3.99 -0.85 22.20
C LEU A 9 4.43 -1.00 20.75
N SER A 10 4.04 -2.11 20.13
CA SER A 10 4.38 -2.38 18.74
C SER A 10 3.52 -1.56 17.79
N GLU A 11 2.23 -1.87 17.76
CA GLU A 11 1.28 -1.16 16.90
C GLU A 11 -0.14 -1.33 17.39
N LEU A 12 -0.68 -0.27 18.00
CA LEU A 12 -2.04 -0.29 18.53
C LEU A 12 -2.83 0.92 18.05
N THR A 13 -2.50 1.40 16.86
CA THR A 13 -3.17 2.56 16.28
C THR A 13 -2.96 2.63 14.77
N PRO A 14 -3.83 3.36 14.09
CA PRO A 14 -3.77 3.54 12.63
C PRO A 14 -2.57 4.39 12.21
N TYR A 15 -1.40 3.78 12.17
CA TYR A 15 -0.19 4.49 11.78
C TYR A 15 -0.23 4.90 10.31
N ILE A 16 0.82 5.55 9.85
CA ILE A 16 0.90 5.99 8.46
C ILE A 16 1.84 5.11 7.66
N LEU A 17 2.92 4.67 8.29
CA LEU A 17 3.90 3.80 7.63
C LEU A 17 3.20 2.75 6.77
N CYS A 18 3.96 2.15 5.86
CA CYS A 18 3.43 1.12 4.97
C CYS A 18 3.26 -0.20 5.71
N SER A 19 2.53 -1.13 5.10
CA SER A 19 2.30 -2.43 5.71
C SER A 19 3.03 -3.52 4.94
N ILE A 20 3.42 -3.21 3.70
CA ILE A 20 4.14 -4.16 2.86
C ILE A 20 5.64 -3.92 2.90
N CYS A 21 6.03 -2.65 2.89
CA CYS A 21 7.44 -2.28 2.93
C CYS A 21 7.78 -1.59 4.24
N LYS A 22 6.79 -1.48 5.12
CA LYS A 22 6.99 -0.85 6.43
C LYS A 22 7.83 0.42 6.28
N GLY A 23 7.67 1.11 5.16
CA GLY A 23 8.41 2.34 4.93
C GLY A 23 7.52 3.52 4.61
N TYR A 24 7.98 4.72 4.94
CA TYR A 24 7.21 5.93 4.68
C TYR A 24 6.57 5.89 3.29
N LEU A 25 5.39 6.48 3.18
CA LEU A 25 4.67 6.52 1.91
C LEU A 25 5.23 7.61 1.00
N ILE A 26 5.20 7.36 -0.30
CA ILE A 26 5.69 8.34 -1.28
C ILE A 26 4.54 8.97 -2.05
N ASP A 27 3.79 8.14 -2.76
CA ASP A 27 2.65 8.62 -3.56
C ASP A 27 1.38 8.60 -2.73
N ALA A 28 1.29 7.66 -1.80
CA ALA A 28 0.11 7.54 -0.94
C ALA A 28 -1.12 7.21 -1.75
N THR A 29 -1.06 6.13 -2.52
CA THR A 29 -2.19 5.70 -3.35
C THR A 29 -3.21 4.94 -2.53
N THR A 30 -4.41 5.51 -2.40
CA THR A 30 -5.48 4.88 -1.65
C THR A 30 -6.52 4.27 -2.58
N ILE A 31 -7.19 3.22 -2.11
CA ILE A 31 -8.22 2.55 -2.90
C ILE A 31 -9.52 3.34 -2.87
N THR A 32 -10.46 2.95 -3.74
CA THR A 32 -11.76 3.61 -3.82
C THR A 32 -12.84 2.80 -3.12
N GLU A 33 -12.67 1.48 -3.10
CA GLU A 33 -13.63 0.59 -2.47
C GLU A 33 -13.37 0.49 -0.97
N CYS A 34 -12.25 -0.13 -0.61
CA CYS A 34 -11.88 -0.30 0.80
C CYS A 34 -11.25 0.97 1.35
N LEU A 35 -10.75 1.82 0.45
CA LEU A 35 -10.12 3.07 0.86
C LEU A 35 -8.87 2.80 1.69
N HIS A 36 -8.04 1.89 1.23
CA HIS A 36 -6.81 1.54 1.94
C HIS A 36 -5.60 2.23 1.30
N THR A 37 -4.75 2.80 2.14
CA THR A 37 -3.57 3.50 1.66
C THR A 37 -2.41 2.52 1.41
N PHE A 38 -1.80 2.63 0.24
CA PHE A 38 -0.68 1.76 -0.12
C PHE A 38 0.25 2.44 -1.12
N CYS A 39 1.55 2.37 -0.85
CA CYS A 39 2.54 2.97 -1.73
C CYS A 39 2.25 2.65 -3.19
N LYS A 40 2.30 3.67 -4.04
CA LYS A 40 2.05 3.50 -5.46
C LYS A 40 2.81 2.28 -6.00
N SER A 41 4.09 2.17 -5.64
CA SER A 41 4.91 1.06 -6.09
C SER A 41 4.43 -0.26 -5.50
N CYS A 42 4.25 -0.27 -4.18
CA CYS A 42 3.79 -1.48 -3.49
C CYS A 42 2.46 -1.96 -4.08
N ILE A 43 1.42 -1.16 -3.90
CA ILE A 43 0.09 -1.50 -4.41
C ILE A 43 0.16 -1.98 -5.85
N VAL A 44 0.94 -1.28 -6.66
CA VAL A 44 1.10 -1.64 -8.07
C VAL A 44 1.87 -2.95 -8.21
N ARG A 45 2.83 -3.16 -7.34
CA ARG A 45 3.65 -4.38 -7.37
C ARG A 45 2.82 -5.60 -6.96
N HIS A 46 1.93 -5.40 -5.99
CA HIS A 46 1.08 -6.48 -5.51
C HIS A 46 0.05 -6.88 -6.56
N PHE A 47 -0.32 -5.92 -7.42
CA PHE A 47 -1.29 -6.16 -8.47
C PHE A 47 -0.69 -7.05 -9.57
N TYR A 48 0.62 -7.03 -9.69
CA TYR A 48 1.31 -7.82 -10.69
C TYR A 48 1.16 -9.31 -10.40
N TYR A 49 1.27 -9.67 -9.12
CA TYR A 49 1.16 -11.06 -8.71
C TYR A 49 -0.29 -11.41 -8.37
N SER A 50 -0.95 -10.51 -7.65
CA SER A 50 -2.34 -10.74 -7.26
C SER A 50 -3.19 -9.52 -7.61
N ASN A 51 -4.18 -9.72 -8.47
CA ASN A 51 -5.07 -8.65 -8.90
C ASN A 51 -6.07 -8.32 -7.80
N ARG A 52 -5.58 -8.15 -6.58
CA ARG A 52 -6.44 -7.83 -5.44
C ARG A 52 -5.70 -6.97 -4.43
N CYS A 53 -6.39 -6.61 -3.35
CA CYS A 53 -5.80 -5.78 -2.31
C CYS A 53 -5.20 -6.64 -1.20
N PRO A 54 -3.96 -6.32 -0.81
CA PRO A 54 -3.25 -7.06 0.25
C PRO A 54 -3.85 -6.82 1.63
N LYS A 55 -5.01 -6.16 1.66
CA LYS A 55 -5.69 -5.88 2.91
C LYS A 55 -7.05 -6.57 2.97
N CYS A 56 -7.95 -6.18 2.07
CA CYS A 56 -9.28 -6.76 2.01
C CYS A 56 -9.33 -7.89 0.99
N ASN A 57 -8.33 -7.95 0.11
CA ASN A 57 -8.27 -8.97 -0.92
C ASN A 57 -9.44 -8.87 -1.87
N ILE A 58 -9.64 -7.68 -2.45
CA ILE A 58 -10.73 -7.45 -3.38
C ILE A 58 -10.20 -7.13 -4.77
N VAL A 59 -10.84 -7.71 -5.79
CA VAL A 59 -10.44 -7.48 -7.17
C VAL A 59 -10.59 -6.02 -7.55
N VAL A 60 -9.50 -5.27 -7.43
CA VAL A 60 -9.49 -3.84 -7.76
C VAL A 60 -8.98 -3.62 -9.18
N HIS A 61 -9.59 -2.67 -9.87
CA HIS A 61 -9.19 -2.35 -11.24
C HIS A 61 -7.68 -2.28 -11.36
N GLN A 62 -7.14 -2.87 -12.43
CA GLN A 62 -5.71 -2.87 -12.66
C GLN A 62 -5.33 -1.89 -13.77
N THR A 63 -5.38 -0.60 -13.45
CA THR A 63 -5.04 0.43 -14.42
C THR A 63 -4.17 1.53 -13.79
N GLN A 64 -3.20 2.01 -14.54
CA GLN A 64 -2.30 3.05 -14.05
C GLN A 64 -1.59 3.75 -15.21
N PRO A 65 -1.22 5.01 -14.99
CA PRO A 65 -0.53 5.81 -16.01
C PRO A 65 0.90 5.34 -16.25
N LEU A 66 1.28 5.26 -17.53
CA LEU A 66 2.62 4.81 -17.89
C LEU A 66 3.66 5.33 -16.92
N SER A 67 4.75 4.58 -16.76
CA SER A 67 5.82 4.98 -15.85
C SER A 67 7.15 5.02 -16.58
N GLY A 68 7.54 3.89 -17.16
CA GLY A 68 8.80 3.82 -17.89
C GLY A 68 9.37 2.41 -17.94
N PRO A 69 9.84 2.00 -19.12
CA PRO A 69 10.41 0.67 -19.33
C PRO A 69 11.76 0.51 -18.62
N SER A 70 12.38 -0.65 -18.80
CA SER A 70 13.67 -0.95 -18.18
C SER A 70 13.56 -0.92 -16.67
N SER A 71 12.50 -1.51 -16.14
CA SER A 71 12.26 -1.56 -14.71
C SER A 71 13.58 -1.77 -13.95
N GLY A 72 14.24 -2.88 -14.25
CA GLY A 72 15.50 -3.19 -13.59
C GLY A 72 16.44 -3.96 -14.48
ZN ZN B . 5.22 0.33 0.72
ZN ZN C . -8.12 -3.10 0.68
N GLY A 1 -18.41 8.46 46.05
CA GLY A 1 -18.95 8.44 44.70
C GLY A 1 -17.99 7.84 43.70
N SER A 2 -18.52 7.33 42.60
CA SER A 2 -17.71 6.72 41.56
C SER A 2 -18.54 6.38 40.33
N SER A 3 -17.89 6.31 39.17
CA SER A 3 -18.57 6.00 37.93
C SER A 3 -17.94 4.79 37.25
N GLY A 4 -16.67 4.53 37.57
CA GLY A 4 -15.98 3.41 36.98
C GLY A 4 -15.67 3.62 35.52
N SER A 5 -14.43 4.02 35.22
CA SER A 5 -14.02 4.26 33.85
C SER A 5 -12.50 4.25 33.73
N SER A 6 -11.98 3.36 32.89
CA SER A 6 -10.54 3.24 32.70
C SER A 6 -10.07 4.18 31.59
N GLY A 7 -10.63 4.01 30.40
CA GLY A 7 -10.26 4.85 29.28
C GLY A 7 -8.75 4.98 29.13
N ASN A 8 -8.15 4.06 28.37
CA ASN A 8 -6.70 4.08 28.16
C ASN A 8 -6.39 3.91 26.68
N LEU A 9 -6.49 4.99 25.92
CA LEU A 9 -6.19 4.96 24.49
C LEU A 9 -6.27 6.36 23.90
N SER A 10 -5.12 6.87 23.46
CA SER A 10 -5.06 8.20 22.86
C SER A 10 -4.45 8.15 21.47
N GLU A 11 -5.30 7.88 20.48
CA GLU A 11 -4.85 7.79 19.09
C GLU A 11 -5.29 9.01 18.30
N LEU A 12 -4.36 9.94 18.09
CA LEU A 12 -4.65 11.17 17.35
C LEU A 12 -3.67 11.35 16.20
N THR A 13 -3.35 10.26 15.52
CA THR A 13 -2.42 10.29 14.40
C THR A 13 -2.83 9.30 13.32
N PRO A 14 -3.04 9.82 12.09
CA PRO A 14 -3.43 9.00 10.95
C PRO A 14 -2.30 8.08 10.47
N TYR A 15 -2.66 6.86 10.10
CA TYR A 15 -1.67 5.89 9.63
C TYR A 15 -0.88 6.44 8.45
N ILE A 16 0.44 6.30 8.51
CA ILE A 16 1.31 6.78 7.46
C ILE A 16 2.23 5.66 6.95
N LEU A 17 2.62 4.77 7.85
CA LEU A 17 3.49 3.66 7.50
C LEU A 17 2.82 2.75 6.47
N CYS A 18 3.60 1.84 5.89
CA CYS A 18 3.09 0.91 4.89
C CYS A 18 2.79 -0.45 5.53
N SER A 19 2.13 -1.31 4.77
CA SER A 19 1.78 -2.64 5.27
C SER A 19 2.64 -3.71 4.60
N ILE A 20 3.09 -3.43 3.38
CA ILE A 20 3.91 -4.36 2.63
C ILE A 20 5.39 -4.11 2.86
N CYS A 21 5.79 -2.84 2.73
CA CYS A 21 7.19 -2.47 2.94
C CYS A 21 7.37 -1.79 4.30
N LYS A 22 6.26 -1.47 4.95
CA LYS A 22 6.30 -0.83 6.25
C LYS A 22 7.26 0.35 6.26
N GLY A 23 7.07 1.27 5.32
CA GLY A 23 7.93 2.44 5.23
C GLY A 23 7.18 3.67 4.76
N TYR A 24 7.68 4.84 5.13
CA TYR A 24 7.06 6.10 4.74
C TYR A 24 6.46 6.00 3.33
N LEU A 25 5.28 6.59 3.16
CA LEU A 25 4.61 6.56 1.86
C LEU A 25 5.13 7.68 0.96
N ILE A 26 5.33 7.35 -0.32
CA ILE A 26 5.82 8.33 -1.28
C ILE A 26 4.69 8.89 -2.13
N ASP A 27 3.99 8.01 -2.84
CA ASP A 27 2.88 8.42 -3.69
C ASP A 27 1.60 8.56 -2.87
N ALA A 28 1.45 7.70 -1.87
CA ALA A 28 0.27 7.74 -1.00
C ALA A 28 -0.99 7.40 -1.79
N THR A 29 -0.97 6.27 -2.49
CA THR A 29 -2.12 5.84 -3.28
C THR A 29 -3.19 5.22 -2.41
N THR A 30 -4.44 5.61 -2.63
CA THR A 30 -5.56 5.09 -1.86
C THR A 30 -6.56 4.38 -2.76
N ILE A 31 -7.17 3.32 -2.25
CA ILE A 31 -8.15 2.55 -3.00
C ILE A 31 -9.56 2.80 -2.49
N THR A 32 -10.15 3.92 -2.93
CA THR A 32 -11.49 4.28 -2.53
C THR A 32 -12.36 3.05 -2.32
N GLU A 33 -12.11 2.01 -3.12
CA GLU A 33 -12.87 0.77 -3.03
C GLU A 33 -13.01 0.34 -1.57
N CYS A 34 -11.90 0.31 -0.86
CA CYS A 34 -11.89 -0.10 0.55
C CYS A 34 -11.29 0.99 1.42
N LEU A 35 -10.92 2.10 0.80
CA LEU A 35 -10.32 3.22 1.53
C LEU A 35 -9.00 2.81 2.17
N HIS A 36 -8.18 2.10 1.42
CA HIS A 36 -6.88 1.66 1.91
C HIS A 36 -5.74 2.32 1.15
N THR A 37 -4.65 2.62 1.85
CA THR A 37 -3.50 3.27 1.25
C THR A 37 -2.37 2.27 1.03
N PHE A 38 -1.70 2.37 -0.11
CA PHE A 38 -0.59 1.48 -0.45
C PHE A 38 0.38 2.15 -1.41
N CYS A 39 1.64 2.28 -0.99
CA CYS A 39 2.66 2.89 -1.81
C CYS A 39 2.43 2.60 -3.29
N LYS A 40 2.87 3.51 -4.14
CA LYS A 40 2.71 3.35 -5.58
C LYS A 40 3.40 2.07 -6.06
N SER A 41 4.69 1.97 -5.79
CA SER A 41 5.45 0.78 -6.20
C SER A 41 4.86 -0.49 -5.59
N CYS A 42 4.51 -0.42 -4.32
CA CYS A 42 3.93 -1.57 -3.62
C CYS A 42 2.62 -1.99 -4.28
N ILE A 43 1.62 -1.12 -4.21
CA ILE A 43 0.31 -1.40 -4.80
C ILE A 43 0.45 -1.77 -6.28
N VAL A 44 1.29 -1.04 -6.99
CA VAL A 44 1.52 -1.29 -8.41
C VAL A 44 2.24 -2.62 -8.63
N ARG A 45 3.11 -2.98 -7.69
CA ARG A 45 3.86 -4.23 -7.78
C ARG A 45 3.04 -5.39 -7.25
N HIS A 46 2.07 -5.09 -6.39
CA HIS A 46 1.21 -6.11 -5.81
C HIS A 46 0.12 -6.52 -6.78
N PHE A 47 -0.35 -5.58 -7.59
CA PHE A 47 -1.39 -5.85 -8.57
C PHE A 47 -0.85 -6.67 -9.74
N TYR A 48 0.45 -6.52 -10.00
CA TYR A 48 1.09 -7.25 -11.10
C TYR A 48 1.00 -8.75 -10.87
N TYR A 49 1.30 -9.19 -9.65
CA TYR A 49 1.25 -10.60 -9.31
C TYR A 49 -0.09 -10.97 -8.68
N SER A 50 -0.54 -10.12 -7.76
CA SER A 50 -1.81 -10.36 -7.07
C SER A 50 -2.79 -9.21 -7.34
N ASN A 51 -3.79 -9.48 -8.18
CA ASN A 51 -4.78 -8.47 -8.52
C ASN A 51 -5.82 -8.33 -7.40
N ARG A 52 -5.35 -8.36 -6.16
CA ARG A 52 -6.23 -8.24 -5.00
C ARG A 52 -5.55 -7.44 -3.89
N CYS A 53 -6.35 -6.69 -3.14
CA CYS A 53 -5.83 -5.89 -2.04
C CYS A 53 -5.34 -6.77 -0.90
N PRO A 54 -4.10 -6.55 -0.45
CA PRO A 54 -3.49 -7.31 0.63
C PRO A 54 -4.12 -7.00 1.98
N LYS A 55 -5.21 -6.24 1.96
CA LYS A 55 -5.92 -5.87 3.18
C LYS A 55 -7.27 -6.59 3.27
N CYS A 56 -8.20 -6.18 2.42
CA CYS A 56 -9.53 -6.78 2.41
C CYS A 56 -9.58 -7.96 1.44
N ASN A 57 -8.52 -8.11 0.64
CA ASN A 57 -8.45 -9.20 -0.32
C ASN A 57 -9.61 -9.13 -1.31
N ILE A 58 -9.77 -7.98 -1.95
CA ILE A 58 -10.83 -7.78 -2.93
C ILE A 58 -10.27 -7.71 -4.34
N VAL A 59 -11.09 -8.10 -5.32
CA VAL A 59 -10.68 -8.08 -6.72
C VAL A 59 -10.75 -6.67 -7.29
N VAL A 60 -9.66 -5.93 -7.17
CA VAL A 60 -9.60 -4.56 -7.68
C VAL A 60 -9.60 -4.54 -9.20
N HIS A 61 -8.84 -5.43 -9.81
CA HIS A 61 -8.76 -5.52 -11.26
C HIS A 61 -9.58 -6.70 -11.79
N GLN A 62 -10.45 -6.42 -12.76
CA GLN A 62 -11.29 -7.46 -13.34
C GLN A 62 -10.52 -8.76 -13.51
N THR A 63 -9.44 -8.71 -14.28
CA THR A 63 -8.62 -9.89 -14.52
C THR A 63 -8.48 -10.73 -13.26
N GLN A 64 -8.63 -12.04 -13.41
CA GLN A 64 -8.54 -12.96 -12.28
C GLN A 64 -7.08 -13.28 -11.97
N PRO A 65 -6.84 -13.81 -10.77
CA PRO A 65 -5.48 -14.17 -10.32
C PRO A 65 -4.92 -15.37 -11.07
N LEU A 66 -5.67 -15.84 -12.07
CA LEU A 66 -5.25 -16.99 -12.87
C LEU A 66 -5.76 -16.87 -14.30
N SER A 67 -4.93 -17.28 -15.26
CA SER A 67 -5.31 -17.21 -16.66
C SER A 67 -5.15 -18.58 -17.32
N GLY A 68 -6.17 -19.42 -17.18
CA GLY A 68 -6.14 -20.74 -17.78
C GLY A 68 -7.51 -21.23 -18.19
N PRO A 69 -7.60 -22.52 -18.53
CA PRO A 69 -8.86 -23.15 -18.96
C PRO A 69 -9.86 -23.28 -17.82
N SER A 70 -9.34 -23.41 -16.60
CA SER A 70 -10.19 -23.55 -15.42
C SER A 70 -10.59 -22.18 -14.87
N SER A 71 -9.60 -21.30 -14.72
CA SER A 71 -9.85 -19.96 -14.20
C SER A 71 -10.49 -19.08 -15.27
N GLY A 72 -9.76 -18.87 -16.36
CA GLY A 72 -10.27 -18.04 -17.45
C GLY A 72 -9.64 -16.66 -17.46
ZN ZN B . 5.13 0.22 0.73
ZN ZN C . -8.39 -3.23 0.77
N GLY A 1 25.94 -17.77 -1.26
CA GLY A 1 25.97 -16.34 -1.52
C GLY A 1 26.23 -15.54 -0.26
N SER A 2 25.76 -14.29 -0.25
CA SER A 2 25.95 -13.42 0.89
C SER A 2 25.12 -12.14 0.75
N SER A 3 24.63 -11.63 1.87
CA SER A 3 23.81 -10.43 1.88
C SER A 3 23.76 -9.80 3.26
N GLY A 4 23.28 -8.56 3.34
CA GLY A 4 23.19 -7.88 4.61
C GLY A 4 22.51 -6.53 4.50
N SER A 5 21.77 -6.14 5.53
CA SER A 5 21.07 -4.87 5.53
C SER A 5 20.50 -4.56 6.92
N SER A 6 20.41 -3.28 7.25
CA SER A 6 19.89 -2.86 8.54
C SER A 6 18.77 -1.84 8.36
N GLY A 7 18.09 -1.52 9.46
CA GLY A 7 17.00 -0.56 9.42
C GLY A 7 16.76 0.12 10.75
N ASN A 8 15.67 0.86 10.84
CA ASN A 8 15.32 1.56 12.09
C ASN A 8 13.81 1.59 12.29
N LEU A 9 13.39 1.69 13.54
CA LEU A 9 11.97 1.73 13.87
C LEU A 9 11.54 3.15 14.22
N SER A 10 10.23 3.40 14.11
CA SER A 10 9.68 4.72 14.40
C SER A 10 9.33 4.85 15.88
N GLU A 11 9.35 6.07 16.39
CA GLU A 11 9.02 6.33 17.78
C GLU A 11 7.69 7.05 17.91
N LEU A 12 7.45 8.01 17.04
CA LEU A 12 6.20 8.78 17.05
C LEU A 12 5.87 9.29 15.66
N THR A 13 4.88 8.66 15.02
CA THR A 13 4.46 9.05 13.68
C THR A 13 2.97 8.86 13.50
N PRO A 14 2.36 9.64 12.59
CA PRO A 14 0.94 9.56 12.30
C PRO A 14 0.56 8.28 11.57
N TYR A 15 -0.63 8.26 10.97
CA TYR A 15 -1.11 7.10 10.25
C TYR A 15 -0.58 7.09 8.82
N ILE A 16 0.69 7.40 8.66
CA ILE A 16 1.33 7.43 7.34
C ILE A 16 2.34 6.31 7.19
N LEU A 17 1.86 5.08 7.17
CA LEU A 17 2.73 3.91 7.03
C LEU A 17 2.22 2.98 5.92
N CYS A 18 2.89 1.84 5.76
CA CYS A 18 2.50 0.87 4.76
C CYS A 18 2.21 -0.49 5.39
N SER A 19 1.60 -1.38 4.61
CA SER A 19 1.26 -2.71 5.10
C SER A 19 2.13 -3.77 4.43
N ILE A 20 2.64 -3.46 3.26
CA ILE A 20 3.48 -4.39 2.52
C ILE A 20 4.95 -4.23 2.91
N CYS A 21 5.45 -2.99 2.83
CA CYS A 21 6.84 -2.71 3.18
C CYS A 21 6.91 -1.84 4.44
N LYS A 22 5.76 -1.61 5.05
CA LYS A 22 5.69 -0.79 6.26
C LYS A 22 6.60 0.43 6.16
N GLY A 23 6.80 0.90 4.93
CA GLY A 23 7.65 2.06 4.71
C GLY A 23 6.86 3.32 4.43
N TYR A 24 7.55 4.45 4.38
CA TYR A 24 6.89 5.73 4.12
C TYR A 24 6.24 5.75 2.74
N LEU A 25 5.09 6.41 2.64
CA LEU A 25 4.37 6.50 1.37
C LEU A 25 4.84 7.71 0.57
N ILE A 26 5.25 7.48 -0.68
CA ILE A 26 5.71 8.54 -1.54
C ILE A 26 4.55 9.15 -2.33
N ASP A 27 3.80 8.30 -3.02
CA ASP A 27 2.66 8.75 -3.81
C ASP A 27 1.38 8.73 -2.98
N ALA A 28 1.32 7.81 -2.02
CA ALA A 28 0.15 7.68 -1.16
C ALA A 28 -1.08 7.27 -1.97
N THR A 29 -0.96 6.16 -2.69
CA THR A 29 -2.06 5.66 -3.50
C THR A 29 -3.10 4.95 -2.64
N THR A 30 -4.21 5.63 -2.36
CA THR A 30 -5.27 5.06 -1.54
C THR A 30 -6.32 4.37 -2.42
N ILE A 31 -7.01 3.40 -1.84
CA ILE A 31 -8.04 2.67 -2.56
C ILE A 31 -9.43 3.00 -2.03
N THR A 32 -10.00 4.10 -2.52
CA THR A 32 -11.33 4.52 -2.10
C THR A 32 -12.21 3.33 -1.75
N GLU A 33 -12.11 2.28 -2.55
CA GLU A 33 -12.90 1.07 -2.32
C GLU A 33 -12.87 0.68 -0.85
N CYS A 34 -11.67 0.40 -0.35
CA CYS A 34 -11.50 0.00 1.06
C CYS A 34 -10.70 1.05 1.82
N LEU A 35 -10.67 2.27 1.30
CA LEU A 35 -9.94 3.36 1.93
C LEU A 35 -8.60 2.87 2.47
N HIS A 36 -7.96 1.98 1.71
CA HIS A 36 -6.66 1.45 2.11
C HIS A 36 -5.54 2.11 1.33
N THR A 37 -4.45 2.45 2.03
CA THR A 37 -3.31 3.09 1.41
C THR A 37 -2.23 2.08 1.06
N PHE A 38 -1.57 2.28 -0.08
CA PHE A 38 -0.52 1.39 -0.52
C PHE A 38 0.47 2.12 -1.42
N CYS A 39 1.73 2.20 -0.97
CA CYS A 39 2.77 2.88 -1.73
C CYS A 39 2.60 2.63 -3.23
N LYS A 40 2.69 3.70 -4.01
CA LYS A 40 2.54 3.60 -5.46
C LYS A 40 3.18 2.32 -5.98
N SER A 41 4.49 2.20 -5.78
CA SER A 41 5.23 1.02 -6.24
C SER A 41 4.62 -0.26 -5.66
N CYS A 42 4.33 -0.23 -4.36
CA CYS A 42 3.76 -1.38 -3.69
C CYS A 42 2.45 -1.80 -4.34
N ILE A 43 1.45 -0.94 -4.26
CA ILE A 43 0.15 -1.22 -4.85
C ILE A 43 0.28 -1.63 -6.30
N VAL A 44 1.34 -1.15 -6.95
CA VAL A 44 1.59 -1.47 -8.35
C VAL A 44 2.33 -2.80 -8.49
N ARG A 45 3.14 -3.13 -7.49
CA ARG A 45 3.90 -4.38 -7.50
C ARG A 45 3.02 -5.56 -7.07
N HIS A 46 2.11 -5.30 -6.15
CA HIS A 46 1.21 -6.33 -5.65
C HIS A 46 0.21 -6.75 -6.73
N PHE A 47 -0.12 -5.81 -7.61
CA PHE A 47 -1.07 -6.08 -8.68
C PHE A 47 -0.45 -6.98 -9.75
N TYR A 48 0.88 -6.92 -9.86
CA TYR A 48 1.60 -7.72 -10.84
C TYR A 48 1.48 -9.21 -10.52
N TYR A 49 1.54 -9.55 -9.24
CA TYR A 49 1.45 -10.93 -8.80
C TYR A 49 0.01 -11.27 -8.41
N SER A 50 -0.63 -10.36 -7.68
CA SER A 50 -2.00 -10.56 -7.24
C SER A 50 -2.86 -9.34 -7.55
N ASN A 51 -3.88 -9.53 -8.39
CA ASN A 51 -4.78 -8.45 -8.77
C ASN A 51 -5.82 -8.19 -7.69
N ARG A 52 -5.37 -8.25 -6.43
CA ARG A 52 -6.27 -8.02 -5.30
C ARG A 52 -5.60 -7.14 -4.25
N CYS A 53 -6.32 -6.86 -3.17
CA CYS A 53 -5.81 -6.03 -2.09
C CYS A 53 -5.26 -6.89 -0.96
N PRO A 54 -4.00 -6.62 -0.57
CA PRO A 54 -3.33 -7.35 0.51
C PRO A 54 -3.92 -7.05 1.87
N LYS A 55 -5.08 -6.39 1.88
CA LYS A 55 -5.75 -6.04 3.13
C LYS A 55 -7.09 -6.75 3.24
N CYS A 56 -8.04 -6.35 2.40
CA CYS A 56 -9.37 -6.95 2.42
C CYS A 56 -9.46 -8.08 1.39
N ASN A 57 -8.39 -8.25 0.62
CA ASN A 57 -8.34 -9.30 -0.41
C ASN A 57 -9.44 -9.08 -1.45
N ILE A 58 -9.50 -7.87 -2.00
CA ILE A 58 -10.50 -7.54 -3.02
C ILE A 58 -9.83 -7.23 -4.35
N VAL A 59 -10.39 -7.78 -5.43
CA VAL A 59 -9.86 -7.55 -6.76
C VAL A 59 -10.08 -6.11 -7.20
N VAL A 60 -9.01 -5.33 -7.27
CA VAL A 60 -9.09 -3.94 -7.68
C VAL A 60 -9.08 -3.82 -9.20
N HIS A 61 -10.11 -3.16 -9.73
CA HIS A 61 -10.23 -2.96 -11.18
C HIS A 61 -10.03 -1.50 -11.55
N GLN A 62 -8.77 -1.08 -11.64
CA GLN A 62 -8.46 0.31 -12.00
C GLN A 62 -6.97 0.47 -12.25
N THR A 63 -6.63 1.34 -13.21
CA THR A 63 -5.24 1.59 -13.56
C THR A 63 -4.83 3.02 -13.18
N GLN A 64 -4.46 3.21 -11.93
CA GLN A 64 -4.05 4.54 -11.46
C GLN A 64 -3.03 5.16 -12.41
N PRO A 65 -3.15 6.48 -12.62
CA PRO A 65 -2.25 7.22 -13.51
C PRO A 65 -0.85 7.34 -12.93
N LEU A 66 0.08 7.86 -13.75
CA LEU A 66 1.46 8.03 -13.32
C LEU A 66 1.70 9.45 -12.81
N SER A 67 0.75 9.98 -12.06
CA SER A 67 0.86 11.33 -11.52
C SER A 67 0.33 11.39 -10.09
N GLY A 68 0.49 12.54 -9.45
CA GLY A 68 0.03 12.71 -8.09
C GLY A 68 -0.56 14.08 -7.84
N PRO A 69 0.27 15.03 -7.42
CA PRO A 69 -0.15 16.40 -7.14
C PRO A 69 -0.54 17.16 -8.41
N SER A 70 -0.90 18.43 -8.24
CA SER A 70 -1.29 19.26 -9.38
C SER A 70 -0.12 20.12 -9.84
N SER A 71 -0.12 20.47 -11.13
CA SER A 71 0.93 21.28 -11.71
C SER A 71 0.42 22.68 -12.03
N GLY A 72 1.36 23.59 -12.29
CA GLY A 72 0.99 24.96 -12.61
C GLY A 72 2.03 25.97 -12.15
ZN ZN B . 4.96 0.04 0.81
ZN ZN C . -8.31 -3.39 0.80
N GLY A 1 27.53 -20.32 20.26
CA GLY A 1 26.56 -19.25 20.26
C GLY A 1 25.37 -19.55 19.37
N SER A 2 25.31 -18.87 18.22
CA SER A 2 24.22 -19.06 17.27
C SER A 2 22.86 -18.89 17.96
N SER A 3 22.77 -17.88 18.83
CA SER A 3 21.54 -17.60 19.55
C SER A 3 20.68 -16.59 18.80
N GLY A 4 21.31 -15.52 18.34
CA GLY A 4 20.58 -14.49 17.61
C GLY A 4 19.53 -13.82 18.46
N SER A 5 19.39 -12.51 18.30
CA SER A 5 18.40 -11.75 19.06
C SER A 5 18.03 -10.46 18.33
N SER A 6 17.01 -9.78 18.84
CA SER A 6 16.55 -8.53 18.24
C SER A 6 15.50 -7.86 19.11
N GLY A 7 15.09 -6.66 18.72
CA GLY A 7 14.09 -5.93 19.48
C GLY A 7 13.28 -4.97 18.61
N ASN A 8 11.96 -5.04 18.75
CA ASN A 8 11.08 -4.18 17.97
C ASN A 8 9.65 -4.26 18.49
N LEU A 9 9.16 -3.16 19.05
CA LEU A 9 7.80 -3.10 19.58
C LEU A 9 7.27 -1.67 19.58
N SER A 10 5.95 -1.54 19.67
CA SER A 10 5.31 -0.23 19.67
C SER A 10 4.07 -0.23 20.55
N GLU A 11 3.57 0.96 20.87
CA GLU A 11 2.38 1.10 21.70
C GLU A 11 1.18 1.51 20.87
N LEU A 12 1.43 2.28 19.81
CA LEU A 12 0.36 2.74 18.93
C LEU A 12 0.93 3.26 17.62
N THR A 13 0.24 2.97 16.52
CA THR A 13 0.67 3.41 15.21
C THR A 13 -0.52 3.77 14.32
N PRO A 14 -0.47 4.95 13.69
CA PRO A 14 -1.53 5.43 12.80
C PRO A 14 -1.61 4.63 11.52
N TYR A 15 -2.56 5.00 10.65
CA TYR A 15 -2.73 4.31 9.38
C TYR A 15 -1.89 4.94 8.29
N ILE A 16 -0.66 5.31 8.65
CA ILE A 16 0.28 5.92 7.71
C ILE A 16 1.24 4.89 7.14
N LEU A 17 1.70 3.99 8.00
CA LEU A 17 2.64 2.95 7.60
C LEU A 17 2.09 2.16 6.41
N CYS A 18 2.88 1.20 5.93
CA CYS A 18 2.48 0.37 4.81
C CYS A 18 2.24 -1.08 5.25
N SER A 19 1.61 -1.86 4.38
CA SER A 19 1.32 -3.25 4.69
C SER A 19 2.29 -4.18 3.95
N ILE A 20 2.73 -3.75 2.77
CA ILE A 20 3.65 -4.54 1.98
C ILE A 20 5.09 -4.30 2.41
N CYS A 21 5.59 -3.10 2.15
CA CYS A 21 6.95 -2.73 2.51
C CYS A 21 7.01 -2.18 3.93
N LYS A 22 5.84 -1.83 4.48
CA LYS A 22 5.76 -1.29 5.83
C LYS A 22 6.66 -0.08 5.99
N GLY A 23 6.68 0.78 4.97
CA GLY A 23 7.51 1.97 5.02
C GLY A 23 6.75 3.22 4.61
N TYR A 24 7.17 4.36 5.16
CA TYR A 24 6.53 5.64 4.85
C TYR A 24 6.02 5.65 3.41
N LEU A 25 4.83 6.21 3.22
CA LEU A 25 4.23 6.29 1.89
C LEU A 25 4.74 7.50 1.13
N ILE A 26 5.19 7.29 -0.10
CA ILE A 26 5.69 8.38 -0.93
C ILE A 26 4.58 9.03 -1.74
N ASP A 27 3.77 8.19 -2.39
CA ASP A 27 2.67 8.69 -3.20
C ASP A 27 1.38 8.76 -2.38
N ALA A 28 1.15 7.74 -1.58
CA ALA A 28 -0.05 7.68 -0.74
C ALA A 28 -1.29 7.39 -1.57
N THR A 29 -1.20 6.39 -2.43
CA THR A 29 -2.32 6.01 -3.29
C THR A 29 -3.33 5.15 -2.53
N THR A 30 -4.48 5.73 -2.24
CA THR A 30 -5.54 5.02 -1.53
C THR A 30 -6.62 4.52 -2.47
N ILE A 31 -7.07 3.30 -2.26
CA ILE A 31 -8.10 2.70 -3.09
C ILE A 31 -9.49 3.01 -2.55
N THR A 32 -10.07 4.12 -3.01
CA THR A 32 -11.40 4.53 -2.56
C THR A 32 -12.26 3.32 -2.22
N GLU A 33 -12.08 2.24 -2.97
CA GLU A 33 -12.84 1.02 -2.75
C GLU A 33 -12.86 0.64 -1.26
N CYS A 34 -11.67 0.60 -0.66
CA CYS A 34 -11.54 0.26 0.75
C CYS A 34 -10.80 1.35 1.50
N LEU A 35 -10.43 2.41 0.79
CA LEU A 35 -9.72 3.53 1.40
C LEU A 35 -8.42 3.05 2.04
N HIS A 36 -7.65 2.25 1.29
CA HIS A 36 -6.38 1.73 1.79
C HIS A 36 -5.21 2.30 0.99
N THR A 37 -4.31 3.00 1.69
CA THR A 37 -3.15 3.59 1.05
C THR A 37 -2.08 2.54 0.74
N PHE A 38 -1.42 2.68 -0.39
CA PHE A 38 -0.38 1.74 -0.81
C PHE A 38 0.62 2.41 -1.73
N CYS A 39 1.88 2.43 -1.31
CA CYS A 39 2.94 3.05 -2.11
C CYS A 39 2.74 2.76 -3.59
N LYS A 40 2.82 3.81 -4.40
CA LYS A 40 2.66 3.67 -5.84
C LYS A 40 3.33 2.40 -6.36
N SER A 41 4.59 2.20 -5.95
CA SER A 41 5.35 1.04 -6.37
C SER A 41 4.77 -0.23 -5.75
N CYS A 42 4.40 -0.14 -4.48
CA CYS A 42 3.83 -1.27 -3.76
C CYS A 42 2.54 -1.76 -4.42
N ILE A 43 1.56 -0.86 -4.50
CA ILE A 43 0.28 -1.19 -5.11
C ILE A 43 0.46 -1.69 -6.53
N VAL A 44 1.17 -0.92 -7.34
CA VAL A 44 1.43 -1.28 -8.73
C VAL A 44 2.08 -2.66 -8.83
N ARG A 45 3.04 -2.92 -7.95
CA ARG A 45 3.74 -4.20 -7.92
C ARG A 45 2.86 -5.29 -7.34
N HIS A 46 1.97 -4.91 -6.42
CA HIS A 46 1.08 -5.86 -5.79
C HIS A 46 0.05 -6.40 -6.78
N PHE A 47 -0.39 -5.54 -7.69
CA PHE A 47 -1.36 -5.92 -8.70
C PHE A 47 -0.75 -6.89 -9.71
N TYR A 48 0.57 -6.87 -9.81
CA TYR A 48 1.28 -7.74 -10.74
C TYR A 48 1.38 -9.16 -10.19
N TYR A 49 1.67 -9.27 -8.89
CA TYR A 49 1.81 -10.57 -8.24
C TYR A 49 0.43 -11.10 -7.82
N SER A 50 -0.38 -10.22 -7.25
CA SER A 50 -1.71 -10.60 -6.79
C SER A 50 -2.76 -9.61 -7.30
N ASN A 51 -3.91 -10.15 -7.72
CA ASN A 51 -4.99 -9.32 -8.23
C ASN A 51 -5.97 -8.96 -7.12
N ARG A 52 -5.44 -8.66 -5.94
CA ARG A 52 -6.27 -8.30 -4.79
C ARG A 52 -5.56 -7.27 -3.91
N CYS A 53 -6.29 -6.73 -2.94
CA CYS A 53 -5.74 -5.74 -2.03
C CYS A 53 -5.03 -6.42 -0.86
N PRO A 54 -3.81 -5.95 -0.56
CA PRO A 54 -3.00 -6.50 0.53
C PRO A 54 -3.57 -6.16 1.90
N LYS A 55 -4.80 -5.64 1.91
CA LYS A 55 -5.47 -5.28 3.16
C LYS A 55 -6.75 -6.08 3.35
N CYS A 56 -7.73 -5.82 2.48
CA CYS A 56 -9.01 -6.52 2.55
C CYS A 56 -9.04 -7.68 1.57
N ASN A 57 -7.98 -7.82 0.78
CA ASN A 57 -7.90 -8.90 -0.20
C ASN A 57 -9.10 -8.89 -1.14
N ILE A 58 -9.36 -7.73 -1.73
CA ILE A 58 -10.49 -7.59 -2.65
C ILE A 58 -10.02 -7.53 -4.09
N VAL A 59 -10.69 -8.26 -4.98
CA VAL A 59 -10.33 -8.28 -6.39
C VAL A 59 -10.65 -6.95 -7.04
N VAL A 60 -9.64 -6.08 -7.15
CA VAL A 60 -9.81 -4.77 -7.76
C VAL A 60 -9.63 -4.85 -9.27
N HIS A 61 -10.68 -5.24 -9.97
CA HIS A 61 -10.64 -5.35 -11.43
C HIS A 61 -10.62 -3.97 -12.08
N GLN A 62 -10.04 -3.89 -13.27
CA GLN A 62 -9.96 -2.63 -13.99
C GLN A 62 -11.00 -2.57 -15.11
N THR A 63 -11.31 -1.35 -15.56
CA THR A 63 -12.30 -1.17 -16.62
C THR A 63 -11.91 0.01 -17.52
N GLN A 64 -11.72 -0.29 -18.80
CA GLN A 64 -11.35 0.74 -19.77
C GLN A 64 -12.52 1.06 -20.70
N PRO A 65 -12.66 2.35 -21.03
CA PRO A 65 -13.74 2.82 -21.91
C PRO A 65 -13.54 2.36 -23.36
N LEU A 66 -14.53 2.64 -24.20
CA LEU A 66 -14.47 2.25 -25.61
C LEU A 66 -13.40 3.05 -26.34
N SER A 67 -13.41 4.37 -26.15
CA SER A 67 -12.44 5.24 -26.80
C SER A 67 -11.01 4.87 -26.40
N GLY A 68 -10.06 5.16 -27.27
CA GLY A 68 -8.67 4.84 -26.99
C GLY A 68 -7.79 6.08 -26.96
N PRO A 69 -7.15 6.32 -25.81
CA PRO A 69 -6.26 7.48 -25.62
C PRO A 69 -4.97 7.35 -26.42
N SER A 70 -4.48 8.48 -26.93
CA SER A 70 -3.25 8.49 -27.71
C SER A 70 -2.12 7.78 -26.96
N SER A 71 -1.81 8.28 -25.77
CA SER A 71 -0.75 7.70 -24.95
C SER A 71 -0.91 6.19 -24.84
N GLY A 72 0.20 5.48 -24.60
CA GLY A 72 0.16 4.04 -24.47
C GLY A 72 1.07 3.54 -23.39
ZN ZN B . 4.87 0.25 0.76
ZN ZN C . -8.21 -2.99 0.77
N GLY A 1 16.97 -14.56 -0.66
CA GLY A 1 17.52 -13.90 0.50
C GLY A 1 16.59 -12.86 1.08
N SER A 2 15.81 -13.25 2.07
CA SER A 2 14.86 -12.34 2.71
C SER A 2 15.13 -12.22 4.19
N SER A 3 15.35 -11.00 4.67
CA SER A 3 15.62 -10.75 6.07
C SER A 3 14.89 -9.51 6.56
N GLY A 4 14.46 -9.54 7.82
CA GLY A 4 13.75 -8.41 8.39
C GLY A 4 13.88 -8.34 9.89
N SER A 5 13.45 -7.22 10.48
CA SER A 5 13.53 -7.03 11.92
C SER A 5 12.43 -6.09 12.41
N SER A 6 12.16 -6.13 13.70
CA SER A 6 11.13 -5.27 14.29
C SER A 6 11.69 -4.47 15.45
N GLY A 7 12.16 -5.16 16.48
CA GLY A 7 12.72 -4.50 17.64
C GLY A 7 11.82 -4.59 18.86
N ASN A 8 11.36 -3.44 19.35
CA ASN A 8 10.49 -3.40 20.51
C ASN A 8 9.43 -2.31 20.36
N LEU A 9 8.17 -2.73 20.28
CA LEU A 9 7.06 -1.79 20.15
C LEU A 9 5.80 -2.34 20.81
N SER A 10 4.99 -1.43 21.35
CA SER A 10 3.76 -1.82 22.03
C SER A 10 2.58 -1.82 21.05
N GLU A 11 2.49 -2.89 20.25
CA GLU A 11 1.42 -3.01 19.27
C GLU A 11 1.04 -1.65 18.69
N LEU A 12 2.07 -0.83 18.42
CA LEU A 12 1.84 0.50 17.87
C LEU A 12 1.06 0.42 16.56
N THR A 13 -0.27 0.48 16.66
CA THR A 13 -1.13 0.42 15.49
C THR A 13 -0.57 1.27 14.35
N PRO A 14 -0.71 0.78 13.12
CA PRO A 14 -0.24 1.48 11.92
C PRO A 14 -1.04 2.74 11.63
N TYR A 15 -0.35 3.80 11.27
CA TYR A 15 -0.99 5.08 10.96
C TYR A 15 -0.66 5.53 9.54
N ILE A 16 0.57 5.97 9.34
CA ILE A 16 1.01 6.43 8.03
C ILE A 16 1.90 5.39 7.35
N LEU A 17 2.67 4.67 8.16
CA LEU A 17 3.56 3.64 7.64
C LEU A 17 2.84 2.74 6.63
N CYS A 18 3.61 1.92 5.92
CA CYS A 18 3.04 1.02 4.93
C CYS A 18 2.77 -0.36 5.54
N SER A 19 2.03 -1.19 4.80
CA SER A 19 1.70 -2.53 5.27
C SER A 19 2.55 -3.57 4.56
N ILE A 20 2.96 -3.26 3.33
CA ILE A 20 3.78 -4.17 2.55
C ILE A 20 5.27 -3.91 2.78
N CYS A 21 5.71 -2.70 2.46
CA CYS A 21 7.10 -2.31 2.64
C CYS A 21 7.37 -1.86 4.07
N LYS A 22 6.30 -1.47 4.77
CA LYS A 22 6.42 -1.02 6.15
C LYS A 22 7.32 0.21 6.25
N GLY A 23 7.08 1.18 5.37
CA GLY A 23 7.89 2.39 5.37
C GLY A 23 7.12 3.59 4.84
N TYR A 24 7.59 4.79 5.18
CA TYR A 24 6.95 6.01 4.73
C TYR A 24 6.37 5.84 3.33
N LEU A 25 5.08 6.15 3.19
CA LEU A 25 4.39 6.03 1.91
C LEU A 25 4.90 7.09 0.93
N ILE A 26 5.76 6.68 0.01
CA ILE A 26 6.30 7.60 -0.98
C ILE A 26 5.20 8.21 -1.84
N ASP A 27 4.36 7.35 -2.41
CA ASP A 27 3.26 7.82 -3.25
C ASP A 27 1.95 7.12 -2.87
N ALA A 28 1.62 7.16 -1.59
CA ALA A 28 0.40 6.53 -1.08
C ALA A 28 -0.69 6.54 -2.16
N THR A 29 -1.42 5.43 -2.26
CA THR A 29 -2.48 5.31 -3.23
C THR A 29 -3.80 4.91 -2.57
N THR A 30 -4.63 5.90 -2.27
CA THR A 30 -5.91 5.66 -1.64
C THR A 30 -6.89 5.02 -2.61
N ILE A 31 -7.29 3.79 -2.31
CA ILE A 31 -8.24 3.06 -3.15
C ILE A 31 -9.64 3.63 -3.02
N THR A 32 -10.48 3.38 -4.03
CA THR A 32 -11.84 3.87 -4.02
C THR A 32 -12.81 2.76 -3.62
N GLU A 33 -12.28 1.57 -3.39
CA GLU A 33 -13.10 0.43 -3.00
C GLU A 33 -13.11 0.26 -1.49
N CYS A 34 -11.97 -0.17 -0.94
CA CYS A 34 -11.85 -0.37 0.51
C CYS A 34 -11.32 0.89 1.19
N LEU A 35 -10.86 1.84 0.38
CA LEU A 35 -10.32 3.09 0.91
C LEU A 35 -9.09 2.84 1.76
N HIS A 36 -8.11 2.14 1.19
CA HIS A 36 -6.87 1.84 1.90
C HIS A 36 -5.70 2.61 1.30
N THR A 37 -4.64 2.78 2.08
CA THR A 37 -3.46 3.50 1.64
C THR A 37 -2.34 2.53 1.27
N PHE A 38 -1.75 2.74 0.09
CA PHE A 38 -0.66 1.88 -0.38
C PHE A 38 0.25 2.64 -1.34
N CYS A 39 1.56 2.59 -1.07
CA CYS A 39 2.53 3.27 -1.90
C CYS A 39 2.27 3.01 -3.38
N LYS A 40 2.86 3.83 -4.24
CA LYS A 40 2.69 3.69 -5.68
C LYS A 40 3.35 2.41 -6.18
N SER A 41 4.61 2.21 -5.81
CA SER A 41 5.35 1.02 -6.22
C SER A 41 4.75 -0.24 -5.61
N CYS A 42 4.49 -0.18 -4.30
CA CYS A 42 3.92 -1.31 -3.59
C CYS A 42 2.62 -1.77 -4.24
N ILE A 43 1.60 -0.92 -4.18
CA ILE A 43 0.31 -1.23 -4.77
C ILE A 43 0.46 -1.71 -6.21
N VAL A 44 1.22 -0.96 -6.99
CA VAL A 44 1.45 -1.30 -8.40
C VAL A 44 2.16 -2.65 -8.53
N ARG A 45 3.03 -2.95 -7.56
CA ARG A 45 3.76 -4.20 -7.56
C ARG A 45 2.89 -5.35 -7.06
N HIS A 46 1.87 -5.02 -6.27
CA HIS A 46 0.96 -6.02 -5.73
C HIS A 46 -0.08 -6.44 -6.78
N PHE A 47 -0.49 -5.49 -7.61
CA PHE A 47 -1.48 -5.75 -8.64
C PHE A 47 -0.88 -6.63 -9.74
N TYR A 48 0.44 -6.55 -9.91
CA TYR A 48 1.13 -7.33 -10.93
C TYR A 48 0.96 -8.82 -10.68
N TYR A 49 1.18 -9.23 -9.42
CA TYR A 49 1.07 -10.64 -9.05
C TYR A 49 -0.34 -10.95 -8.54
N SER A 50 -0.86 -10.06 -7.69
CA SER A 50 -2.19 -10.24 -7.12
C SER A 50 -3.04 -9.00 -7.35
N ASN A 51 -4.01 -9.11 -8.24
CA ASN A 51 -4.91 -8.01 -8.55
C ASN A 51 -5.71 -7.59 -7.32
N ARG A 52 -5.81 -8.49 -6.35
CA ARG A 52 -6.54 -8.22 -5.13
C ARG A 52 -5.78 -7.25 -4.24
N CYS A 53 -6.37 -6.91 -3.09
CA CYS A 53 -5.75 -5.99 -2.15
C CYS A 53 -5.05 -6.75 -1.02
N PRO A 54 -3.80 -6.38 -0.73
CA PRO A 54 -3.01 -7.01 0.33
C PRO A 54 -3.55 -6.67 1.72
N LYS A 55 -4.73 -6.07 1.78
CA LYS A 55 -5.34 -5.70 3.04
C LYS A 55 -6.67 -6.42 3.23
N CYS A 56 -7.66 -6.05 2.44
CA CYS A 56 -8.99 -6.65 2.51
C CYS A 56 -9.07 -7.89 1.62
N ASN A 57 -8.07 -8.07 0.77
CA ASN A 57 -8.02 -9.21 -0.14
C ASN A 57 -9.21 -9.18 -1.10
N ILE A 58 -9.42 -8.04 -1.74
CA ILE A 58 -10.53 -7.88 -2.69
C ILE A 58 -10.01 -7.61 -4.09
N VAL A 59 -10.55 -8.33 -5.07
CA VAL A 59 -10.14 -8.16 -6.46
C VAL A 59 -10.51 -6.79 -6.98
N VAL A 60 -9.65 -5.80 -6.71
CA VAL A 60 -9.89 -4.43 -7.14
C VAL A 60 -9.96 -4.35 -8.66
N HIS A 61 -11.05 -3.77 -9.17
CA HIS A 61 -11.25 -3.62 -10.60
C HIS A 61 -9.97 -3.12 -11.27
N GLN A 62 -9.60 -3.76 -12.38
CA GLN A 62 -8.40 -3.37 -13.11
C GLN A 62 -8.74 -2.40 -14.23
N THR A 63 -9.60 -1.43 -13.93
CA THR A 63 -10.00 -0.44 -14.91
C THR A 63 -9.80 0.98 -14.37
N GLN A 64 -8.83 1.70 -14.94
CA GLN A 64 -8.54 3.05 -14.52
C GLN A 64 -7.96 3.87 -15.67
N PRO A 65 -8.34 5.16 -15.74
CA PRO A 65 -7.87 6.07 -16.78
C PRO A 65 -6.39 6.40 -16.64
N LEU A 66 -5.75 5.81 -15.65
CA LEU A 66 -4.33 6.05 -15.40
C LEU A 66 -3.47 5.35 -16.45
N SER A 67 -2.44 6.05 -16.92
CA SER A 67 -1.55 5.48 -17.92
C SER A 67 -0.32 6.38 -18.11
N GLY A 68 0.76 5.79 -18.63
CA GLY A 68 1.98 6.55 -18.84
C GLY A 68 2.69 6.88 -17.55
N PRO A 69 3.77 6.14 -17.26
CA PRO A 69 4.56 6.35 -16.04
C PRO A 69 5.34 7.65 -16.07
N SER A 70 5.76 8.07 -17.26
CA SER A 70 6.51 9.30 -17.43
C SER A 70 5.97 10.12 -18.59
N SER A 71 5.61 11.38 -18.31
CA SER A 71 5.08 12.27 -19.33
C SER A 71 6.09 12.47 -20.46
N GLY A 72 5.77 11.90 -21.63
CA GLY A 72 6.66 12.03 -22.76
C GLY A 72 6.41 13.30 -23.55
ZN ZN B . 4.93 0.59 0.66
ZN ZN C . -8.03 -3.13 0.71
N GLY A 1 6.76 10.00 -7.91
CA GLY A 1 6.76 10.23 -6.48
C GLY A 1 7.70 11.35 -6.07
N SER A 2 7.20 12.58 -6.06
CA SER A 2 8.00 13.74 -5.70
C SER A 2 8.86 13.43 -4.47
N SER A 3 8.28 12.71 -3.52
CA SER A 3 8.99 12.35 -2.29
C SER A 3 9.29 13.59 -1.46
N GLY A 4 8.30 14.47 -1.35
CA GLY A 4 8.48 15.68 -0.58
C GLY A 4 8.17 15.49 0.89
N SER A 5 9.21 15.28 1.68
CA SER A 5 9.05 15.08 3.12
C SER A 5 9.47 16.33 3.91
N SER A 6 8.51 17.18 4.21
CA SER A 6 8.78 18.41 4.94
C SER A 6 9.18 18.10 6.38
N GLY A 7 10.00 18.97 6.96
CA GLY A 7 10.45 18.77 8.33
C GLY A 7 9.47 19.31 9.35
N ASN A 8 8.19 19.00 9.15
CA ASN A 8 7.14 19.46 10.05
C ASN A 8 5.92 18.55 9.98
N LEU A 9 5.17 18.49 11.08
CA LEU A 9 3.97 17.65 11.14
C LEU A 9 2.99 18.21 12.16
N SER A 10 1.83 18.66 11.68
CA SER A 10 0.80 19.21 12.55
C SER A 10 0.04 18.10 13.26
N GLU A 11 -0.63 17.25 12.48
CA GLU A 11 -1.39 16.14 13.04
C GLU A 11 -0.55 14.88 13.11
N LEU A 12 -0.23 14.46 14.34
CA LEU A 12 0.57 13.27 14.55
C LEU A 12 -0.27 12.00 14.43
N THR A 13 -0.24 11.40 13.25
CA THR A 13 -1.01 10.18 13.01
C THR A 13 -0.14 9.10 12.38
N PRO A 14 -0.11 7.92 13.02
CA PRO A 14 0.69 6.78 12.55
C PRO A 14 0.12 6.17 11.26
N TYR A 15 -0.91 6.81 10.72
CA TYR A 15 -1.55 6.34 9.50
C TYR A 15 -0.74 6.74 8.27
N ILE A 16 0.58 6.66 8.39
CA ILE A 16 1.47 7.02 7.28
C ILE A 16 2.29 5.83 6.83
N LEU A 17 2.83 5.09 7.79
CA LEU A 17 3.65 3.92 7.50
C LEU A 17 2.96 3.02 6.48
N CYS A 18 3.65 1.97 6.06
CA CYS A 18 3.10 1.03 5.09
C CYS A 18 2.86 -0.34 5.73
N SER A 19 2.14 -1.20 5.02
CA SER A 19 1.84 -2.54 5.52
C SER A 19 2.62 -3.60 4.76
N ILE A 20 3.02 -3.27 3.54
CA ILE A 20 3.78 -4.19 2.71
C ILE A 20 5.29 -4.01 2.92
N CYS A 21 5.75 -2.78 2.76
CA CYS A 21 7.17 -2.48 2.94
C CYS A 21 7.43 -1.88 4.32
N LYS A 22 6.36 -1.48 5.00
CA LYS A 22 6.47 -0.90 6.33
C LYS A 22 7.40 0.31 6.32
N GLY A 23 7.29 1.13 5.28
CA GLY A 23 8.12 2.31 5.18
C GLY A 23 7.36 3.53 4.69
N TYR A 24 7.86 4.72 5.02
CA TYR A 24 7.21 5.96 4.61
C TYR A 24 6.69 5.85 3.18
N LEU A 25 5.51 6.42 2.96
CA LEU A 25 4.90 6.41 1.63
C LEU A 25 5.52 7.46 0.72
N ILE A 26 5.21 7.38 -0.56
CA ILE A 26 5.74 8.33 -1.54
C ILE A 26 4.61 8.98 -2.33
N ASP A 27 3.82 8.15 -3.01
CA ASP A 27 2.70 8.66 -3.81
C ASP A 27 1.42 8.68 -2.99
N ALA A 28 1.27 7.72 -2.09
CA ALA A 28 0.09 7.64 -1.23
C ALA A 28 -1.15 7.24 -2.03
N THR A 29 -1.04 6.12 -2.75
CA THR A 29 -2.14 5.63 -3.56
C THR A 29 -3.17 4.91 -2.71
N THR A 30 -4.36 5.50 -2.59
CA THR A 30 -5.44 4.91 -1.80
C THR A 30 -6.58 4.44 -2.69
N ILE A 31 -7.26 3.38 -2.27
CA ILE A 31 -8.38 2.84 -3.02
C ILE A 31 -9.68 3.55 -2.68
N THR A 32 -10.66 3.47 -3.57
CA THR A 32 -11.95 4.09 -3.35
C THR A 32 -12.98 3.10 -2.83
N GLU A 33 -12.59 1.83 -2.80
CA GLU A 33 -13.47 0.78 -2.33
C GLU A 33 -13.30 0.56 -0.83
N CYS A 34 -12.18 -0.06 -0.46
CA CYS A 34 -11.90 -0.33 0.95
C CYS A 34 -11.24 0.88 1.61
N LEU A 35 -10.75 1.80 0.80
CA LEU A 35 -10.09 2.99 1.30
C LEU A 35 -8.84 2.64 2.08
N HIS A 36 -7.94 1.89 1.44
CA HIS A 36 -6.70 1.49 2.08
C HIS A 36 -5.50 2.17 1.42
N THR A 37 -4.61 2.71 2.24
CA THR A 37 -3.42 3.39 1.74
C THR A 37 -2.30 2.40 1.44
N PHE A 38 -1.69 2.55 0.27
CA PHE A 38 -0.60 1.67 -0.14
C PHE A 38 0.35 2.38 -1.10
N CYS A 39 1.64 2.37 -0.76
CA CYS A 39 2.65 3.02 -1.59
C CYS A 39 2.41 2.71 -3.07
N LYS A 40 2.73 3.67 -3.93
CA LYS A 40 2.57 3.49 -5.37
C LYS A 40 3.21 2.20 -5.84
N SER A 41 4.54 2.13 -5.77
CA SER A 41 5.27 0.94 -6.19
C SER A 41 4.68 -0.31 -5.56
N CYS A 42 4.36 -0.23 -4.27
CA CYS A 42 3.78 -1.36 -3.55
C CYS A 42 2.48 -1.82 -4.22
N ILE A 43 1.47 -0.96 -4.18
CA ILE A 43 0.18 -1.29 -4.77
C ILE A 43 0.33 -1.75 -6.21
N VAL A 44 1.35 -1.22 -6.89
CA VAL A 44 1.62 -1.59 -8.28
C VAL A 44 2.35 -2.92 -8.37
N ARG A 45 3.18 -3.20 -7.36
CA ARG A 45 3.95 -4.44 -7.32
C ARG A 45 3.07 -5.61 -6.90
N HIS A 46 2.12 -5.34 -6.00
CA HIS A 46 1.22 -6.36 -5.51
C HIS A 46 0.16 -6.71 -6.56
N PHE A 47 -0.22 -5.71 -7.36
CA PHE A 47 -1.21 -5.90 -8.40
C PHE A 47 -0.64 -6.71 -9.57
N TYR A 48 0.69 -6.70 -9.68
CA TYR A 48 1.36 -7.42 -10.76
C TYR A 48 1.29 -8.92 -10.54
N TYR A 49 1.38 -9.33 -9.28
CA TYR A 49 1.32 -10.74 -8.92
C TYR A 49 -0.09 -11.15 -8.52
N SER A 50 -0.74 -10.29 -7.73
CA SER A 50 -2.10 -10.56 -7.27
C SER A 50 -3.03 -9.40 -7.60
N ASN A 51 -4.01 -9.66 -8.46
CA ASN A 51 -4.96 -8.64 -8.86
C ASN A 51 -6.00 -8.39 -7.76
N ARG A 52 -5.54 -8.28 -6.53
CA ARG A 52 -6.41 -8.05 -5.39
C ARG A 52 -5.72 -7.22 -4.32
N CYS A 53 -6.50 -6.72 -3.36
CA CYS A 53 -5.96 -5.91 -2.27
C CYS A 53 -5.31 -6.79 -1.20
N PRO A 54 -4.06 -6.48 -0.86
CA PRO A 54 -3.31 -7.23 0.16
C PRO A 54 -3.86 -7.00 1.57
N LYS A 55 -5.00 -6.32 1.65
CA LYS A 55 -5.63 -6.04 2.93
C LYS A 55 -6.96 -6.77 3.06
N CYS A 56 -7.95 -6.31 2.29
CA CYS A 56 -9.28 -6.92 2.31
C CYS A 56 -9.34 -8.11 1.36
N ASN A 57 -8.48 -8.11 0.35
CA ASN A 57 -8.44 -9.18 -0.63
C ASN A 57 -9.64 -9.10 -1.57
N ILE A 58 -9.82 -7.96 -2.20
CA ILE A 58 -10.92 -7.76 -3.12
C ILE A 58 -10.42 -7.43 -4.53
N VAL A 59 -11.16 -7.87 -5.54
CA VAL A 59 -10.79 -7.62 -6.92
C VAL A 59 -10.79 -6.13 -7.23
N VAL A 60 -9.60 -5.56 -7.43
CA VAL A 60 -9.47 -4.15 -7.73
C VAL A 60 -8.90 -3.93 -9.13
N HIS A 61 -9.66 -3.23 -9.96
CA HIS A 61 -9.23 -2.95 -11.34
C HIS A 61 -8.05 -1.97 -11.35
N GLN A 62 -7.14 -2.18 -12.28
CA GLN A 62 -5.96 -1.32 -12.41
C GLN A 62 -6.37 0.11 -12.74
N THR A 63 -5.59 1.07 -12.26
CA THR A 63 -5.88 2.48 -12.51
C THR A 63 -4.79 3.12 -13.37
N GLN A 64 -5.19 3.67 -14.51
CA GLN A 64 -4.25 4.32 -15.42
C GLN A 64 -3.69 5.58 -14.81
N PRO A 65 -2.47 5.95 -15.23
CA PRO A 65 -1.79 7.15 -14.74
C PRO A 65 -2.45 8.45 -15.22
N LEU A 66 -2.14 9.54 -14.55
CA LEU A 66 -2.71 10.84 -14.92
C LEU A 66 -1.66 11.74 -15.55
N SER A 67 -2.05 12.96 -15.90
CA SER A 67 -1.14 13.92 -16.51
C SER A 67 -1.66 15.33 -16.35
N GLY A 68 -0.80 16.21 -15.84
CA GLY A 68 -1.19 17.60 -15.64
C GLY A 68 -0.19 18.37 -14.81
N PRO A 69 0.37 19.45 -15.39
CA PRO A 69 1.35 20.30 -14.70
C PRO A 69 0.74 21.10 -13.55
N SER A 70 1.05 20.69 -12.33
CA SER A 70 0.53 21.37 -11.14
C SER A 70 1.64 21.60 -10.12
N SER A 71 1.70 22.82 -9.59
CA SER A 71 2.71 23.17 -8.61
C SER A 71 2.20 24.26 -7.67
N GLY A 72 2.88 24.44 -6.54
CA GLY A 72 2.48 25.45 -5.57
C GLY A 72 2.77 25.03 -4.16
ZN ZN B . 5.01 0.25 0.87
ZN ZN C . -8.26 -3.28 0.77
N GLY A 1 -2.45 -2.73 24.37
CA GLY A 1 -1.34 -3.11 23.52
C GLY A 1 -0.57 -4.30 24.05
N SER A 2 0.43 -4.74 23.29
CA SER A 2 1.24 -5.88 23.69
C SER A 2 2.42 -6.07 22.75
N SER A 3 3.63 -5.92 23.28
CA SER A 3 4.84 -6.06 22.49
C SER A 3 6.05 -6.31 23.37
N GLY A 4 7.17 -6.69 22.76
CA GLY A 4 8.38 -6.95 23.51
C GLY A 4 9.62 -6.43 22.82
N SER A 5 9.50 -5.27 22.18
CA SER A 5 10.62 -4.66 21.47
C SER A 5 10.51 -3.14 21.49
N SER A 6 11.65 -2.46 21.57
CA SER A 6 11.68 -1.01 21.58
C SER A 6 11.68 -0.45 20.17
N GLY A 7 11.42 0.85 20.05
CA GLY A 7 11.39 1.50 18.75
C GLY A 7 10.37 2.61 18.67
N ASN A 8 9.72 2.75 17.53
CA ASN A 8 8.72 3.79 17.33
C ASN A 8 7.37 3.36 17.92
N LEU A 9 6.83 4.18 18.81
CA LEU A 9 5.55 3.89 19.43
C LEU A 9 4.51 4.94 19.07
N SER A 10 3.66 4.62 18.10
CA SER A 10 2.63 5.54 17.65
C SER A 10 1.28 5.17 18.25
N GLU A 11 0.74 6.05 19.09
CA GLU A 11 -0.55 5.82 19.72
C GLU A 11 -1.50 6.97 19.46
N LEU A 12 -0.94 8.17 19.27
CA LEU A 12 -1.76 9.35 19.01
C LEU A 12 -1.62 9.79 17.55
N THR A 13 -1.32 8.83 16.68
CA THR A 13 -1.16 9.12 15.26
C THR A 13 -1.81 8.04 14.41
N PRO A 14 -2.28 8.42 13.20
CA PRO A 14 -2.92 7.49 12.28
C PRO A 14 -1.93 6.49 11.68
N TYR A 15 -2.42 5.66 10.76
CA TYR A 15 -1.59 4.66 10.11
C TYR A 15 -0.90 5.23 8.88
N ILE A 16 0.17 5.99 9.09
CA ILE A 16 0.90 6.59 7.99
C ILE A 16 1.79 5.57 7.29
N LEU A 17 2.53 4.81 8.09
CA LEU A 17 3.43 3.78 7.55
C LEU A 17 2.70 2.91 6.54
N CYS A 18 3.45 2.04 5.87
CA CYS A 18 2.88 1.13 4.87
C CYS A 18 2.59 -0.24 5.48
N SER A 19 1.86 -1.06 4.75
CA SER A 19 1.51 -2.40 5.20
C SER A 19 2.37 -3.45 4.51
N ILE A 20 2.65 -3.23 3.22
CA ILE A 20 3.45 -4.15 2.45
C ILE A 20 4.94 -3.93 2.69
N CYS A 21 5.42 -2.73 2.35
CA CYS A 21 6.82 -2.40 2.54
C CYS A 21 7.10 -2.00 3.98
N LYS A 22 6.06 -1.55 4.68
CA LYS A 22 6.18 -1.13 6.06
C LYS A 22 7.16 0.03 6.20
N GLY A 23 7.03 1.01 5.31
CA GLY A 23 7.91 2.17 5.36
C GLY A 23 7.20 3.45 4.95
N TYR A 24 7.87 4.58 5.16
CA TYR A 24 7.30 5.88 4.83
C TYR A 24 6.63 5.83 3.46
N LEU A 25 5.40 6.35 3.40
CA LEU A 25 4.65 6.37 2.14
C LEU A 25 5.31 7.28 1.11
N ILE A 26 5.39 6.81 -0.12
CA ILE A 26 6.00 7.58 -1.19
C ILE A 26 4.95 8.32 -2.01
N ASP A 27 4.10 7.56 -2.71
CA ASP A 27 3.06 8.14 -3.53
C ASP A 27 1.75 8.25 -2.74
N ALA A 28 1.58 7.36 -1.77
CA ALA A 28 0.38 7.35 -0.94
C ALA A 28 -0.88 7.12 -1.79
N THR A 29 -0.85 6.05 -2.59
CA THR A 29 -1.97 5.71 -3.44
C THR A 29 -3.06 4.98 -2.66
N THR A 30 -4.07 5.72 -2.21
CA THR A 30 -5.17 5.15 -1.45
C THR A 30 -6.29 4.70 -2.38
N ILE A 31 -6.90 3.56 -2.06
CA ILE A 31 -7.99 3.03 -2.86
C ILE A 31 -9.32 3.68 -2.47
N THR A 32 -10.25 3.74 -3.43
CA THR A 32 -11.55 4.33 -3.20
C THR A 32 -12.59 3.27 -2.86
N GLU A 33 -12.23 2.01 -3.08
CA GLU A 33 -13.13 0.89 -2.80
C GLU A 33 -13.10 0.54 -1.31
N CYS A 34 -11.99 -0.06 -0.88
CA CYS A 34 -11.83 -0.46 0.51
C CYS A 34 -11.33 0.70 1.36
N LEU A 35 -10.91 1.78 0.69
CA LEU A 35 -10.40 2.96 1.38
C LEU A 35 -9.14 2.63 2.16
N HIS A 36 -8.16 2.03 1.48
CA HIS A 36 -6.89 1.67 2.12
C HIS A 36 -5.74 2.42 1.48
N THR A 37 -4.74 2.76 2.29
CA THR A 37 -3.56 3.48 1.81
C THR A 37 -2.47 2.52 1.38
N PHE A 38 -1.92 2.74 0.18
CA PHE A 38 -0.86 1.90 -0.35
C PHE A 38 0.02 2.67 -1.32
N CYS A 39 1.34 2.61 -1.11
CA CYS A 39 2.28 3.30 -1.97
C CYS A 39 1.99 3.03 -3.43
N LYS A 40 2.79 3.62 -4.31
CA LYS A 40 2.62 3.44 -5.75
C LYS A 40 3.22 2.12 -6.21
N SER A 41 4.55 2.00 -6.05
CA SER A 41 5.24 0.78 -6.45
C SER A 41 4.71 -0.44 -5.69
N CYS A 42 4.06 -0.17 -4.56
CA CYS A 42 3.50 -1.24 -3.74
C CYS A 42 2.19 -1.76 -4.33
N ILE A 43 1.22 -0.87 -4.48
CA ILE A 43 -0.08 -1.23 -5.03
C ILE A 43 0.03 -1.56 -6.51
N VAL A 44 0.85 -0.80 -7.23
CA VAL A 44 1.05 -1.00 -8.66
C VAL A 44 1.76 -2.32 -8.93
N ARG A 45 2.59 -2.74 -7.97
CA ARG A 45 3.33 -3.99 -8.11
C ARG A 45 2.52 -5.17 -7.58
N HIS A 46 1.97 -5.01 -6.38
CA HIS A 46 1.17 -6.07 -5.77
C HIS A 46 0.14 -6.61 -6.75
N PHE A 47 -0.26 -5.76 -7.70
CA PHE A 47 -1.25 -6.16 -8.70
C PHE A 47 -0.62 -7.09 -9.74
N TYR A 48 0.65 -6.90 -10.00
CA TYR A 48 1.37 -7.72 -10.98
C TYR A 48 1.40 -9.18 -10.54
N TYR A 49 1.52 -9.39 -9.24
CA TYR A 49 1.56 -10.75 -8.70
C TYR A 49 0.19 -11.18 -8.20
N SER A 50 -0.49 -10.29 -7.50
CA SER A 50 -1.82 -10.58 -6.96
C SER A 50 -2.81 -9.47 -7.34
N ASN A 51 -3.80 -9.82 -8.13
CA ASN A 51 -4.82 -8.87 -8.57
C ASN A 51 -5.83 -8.60 -7.45
N ARG A 52 -5.32 -8.45 -6.23
CA ARG A 52 -6.17 -8.20 -5.07
C ARG A 52 -5.49 -7.26 -4.09
N CYS A 53 -6.19 -6.91 -3.03
CA CYS A 53 -5.65 -6.01 -2.00
C CYS A 53 -5.06 -6.81 -0.85
N PRO A 54 -3.81 -6.46 -0.47
CA PRO A 54 -3.11 -7.14 0.62
C PRO A 54 -3.72 -6.82 1.99
N LYS A 55 -4.87 -6.15 1.97
CA LYS A 55 -5.56 -5.79 3.21
C LYS A 55 -6.91 -6.48 3.29
N CYS A 56 -7.83 -6.09 2.43
CA CYS A 56 -9.17 -6.66 2.40
C CYS A 56 -9.22 -7.87 1.47
N ASN A 57 -8.26 -7.95 0.57
CA ASN A 57 -8.20 -9.05 -0.39
C ASN A 57 -9.37 -9.00 -1.36
N ILE A 58 -9.53 -7.86 -2.02
CA ILE A 58 -10.62 -7.69 -2.98
C ILE A 58 -10.08 -7.48 -4.39
N VAL A 59 -10.72 -8.12 -5.36
CA VAL A 59 -10.30 -8.01 -6.76
C VAL A 59 -10.41 -6.56 -7.24
N VAL A 60 -9.34 -5.80 -7.05
CA VAL A 60 -9.31 -4.40 -7.48
C VAL A 60 -8.86 -4.28 -8.93
N HIS A 61 -9.60 -3.50 -9.71
CA HIS A 61 -9.27 -3.29 -11.12
C HIS A 61 -7.90 -2.66 -11.27
N GLN A 62 -7.45 -2.49 -12.51
CA GLN A 62 -6.16 -1.90 -12.79
C GLN A 62 -6.27 -0.79 -13.84
N THR A 63 -6.14 0.46 -13.40
CA THR A 63 -6.24 1.60 -14.29
C THR A 63 -5.00 2.49 -14.17
N GLN A 64 -4.66 3.16 -15.26
CA GLN A 64 -3.51 4.05 -15.28
C GLN A 64 -3.85 5.39 -15.93
N PRO A 65 -3.13 6.44 -15.52
CA PRO A 65 -3.36 7.80 -16.05
C PRO A 65 -2.92 7.93 -17.51
N LEU A 66 -3.30 9.04 -18.13
CA LEU A 66 -2.94 9.29 -19.53
C LEU A 66 -1.86 10.34 -19.63
N SER A 67 -0.87 10.27 -18.74
CA SER A 67 0.22 11.24 -18.73
C SER A 67 1.57 10.53 -18.89
N GLY A 68 2.52 11.21 -19.52
CA GLY A 68 3.84 10.64 -19.72
C GLY A 68 4.65 10.58 -18.44
N PRO A 69 5.44 9.51 -18.29
CA PRO A 69 6.28 9.30 -17.11
C PRO A 69 7.45 10.28 -17.06
N SER A 70 7.40 11.30 -17.91
CA SER A 70 8.45 12.31 -17.96
C SER A 70 9.13 12.45 -16.60
N SER A 71 10.26 11.77 -16.44
CA SER A 71 11.01 11.82 -15.19
C SER A 71 12.20 12.77 -15.30
N GLY A 72 12.90 12.96 -14.19
CA GLY A 72 14.05 13.84 -14.18
C GLY A 72 14.57 14.11 -12.78
ZN ZN B . 4.68 0.70 0.57
ZN ZN C . -7.99 -3.13 0.78
N GLY A 1 39.00 4.98 26.82
CA GLY A 1 37.76 5.40 27.47
C GLY A 1 36.60 4.49 27.13
N SER A 2 35.42 4.82 27.64
CA SER A 2 34.22 4.02 27.40
C SER A 2 32.96 4.88 27.52
N SER A 3 32.08 4.75 26.53
CA SER A 3 30.84 5.52 26.52
C SER A 3 29.82 4.88 25.58
N GLY A 4 28.61 5.41 25.59
CA GLY A 4 27.56 4.88 24.73
C GLY A 4 26.44 5.88 24.51
N SER A 5 25.39 5.45 23.81
CA SER A 5 24.26 6.31 23.52
C SER A 5 22.95 5.53 23.56
N SER A 6 21.89 6.17 24.04
CA SER A 6 20.59 5.54 24.14
C SER A 6 19.46 6.57 24.00
N GLY A 7 18.23 6.09 24.01
CA GLY A 7 17.09 6.98 23.89
C GLY A 7 15.78 6.29 24.25
N ASN A 8 14.70 7.06 24.25
CA ASN A 8 13.38 6.53 24.59
C ASN A 8 12.39 6.79 23.46
N LEU A 9 11.20 6.19 23.56
CA LEU A 9 10.17 6.36 22.55
C LEU A 9 8.91 6.95 23.17
N SER A 10 8.35 7.98 22.53
CA SER A 10 7.15 8.63 23.02
C SER A 10 5.92 7.76 22.77
N GLU A 11 4.78 8.18 23.31
CA GLU A 11 3.54 7.43 23.15
C GLU A 11 2.59 8.14 22.19
N LEU A 12 3.16 8.77 21.17
CA LEU A 12 2.39 9.50 20.17
C LEU A 12 3.11 9.54 18.84
N THR A 13 2.63 8.76 17.88
CA THR A 13 3.23 8.71 16.55
C THR A 13 2.15 8.76 15.47
N PRO A 14 2.54 9.30 14.30
CA PRO A 14 1.62 9.42 13.14
C PRO A 14 1.28 8.06 12.53
N TYR A 15 0.03 7.90 12.14
CA TYR A 15 -0.43 6.65 11.54
C TYR A 15 -0.11 6.62 10.04
N ILE A 16 1.07 7.12 9.69
CA ILE A 16 1.50 7.15 8.29
C ILE A 16 2.55 6.08 8.02
N LEU A 17 2.11 4.93 7.52
CA LEU A 17 3.03 3.85 7.20
C LEU A 17 2.46 2.95 6.11
N CYS A 18 3.19 1.90 5.76
CA CYS A 18 2.76 0.98 4.72
C CYS A 18 2.49 -0.41 5.30
N SER A 19 1.86 -1.27 4.50
CA SER A 19 1.54 -2.61 4.95
C SER A 19 2.50 -3.63 4.33
N ILE A 20 2.91 -3.37 3.09
CA ILE A 20 3.82 -4.26 2.38
C ILE A 20 5.27 -3.98 2.78
N CYS A 21 5.75 -2.79 2.44
CA CYS A 21 7.12 -2.39 2.76
C CYS A 21 7.22 -1.90 4.19
N LYS A 22 6.09 -1.47 4.75
CA LYS A 22 6.05 -0.98 6.12
C LYS A 22 6.94 0.26 6.28
N GLY A 23 6.89 1.14 5.29
CA GLY A 23 7.70 2.35 5.34
C GLY A 23 6.92 3.58 4.90
N TYR A 24 7.37 4.75 5.35
CA TYR A 24 6.71 6.01 5.01
C TYR A 24 6.15 5.94 3.60
N LEU A 25 4.93 6.46 3.43
CA LEU A 25 4.27 6.46 2.13
C LEU A 25 4.75 7.64 1.29
N ILE A 26 5.12 7.36 0.04
CA ILE A 26 5.59 8.39 -0.87
C ILE A 26 4.46 8.90 -1.77
N ASP A 27 3.87 7.99 -2.54
CA ASP A 27 2.78 8.34 -3.44
C ASP A 27 1.48 8.51 -2.66
N ALA A 28 1.18 7.56 -1.79
CA ALA A 28 -0.02 7.60 -0.98
C ALA A 28 -1.25 7.23 -1.82
N THR A 29 -1.14 6.13 -2.57
CA THR A 29 -2.24 5.68 -3.42
C THR A 29 -3.29 4.93 -2.59
N THR A 30 -4.39 5.61 -2.31
CA THR A 30 -5.48 5.01 -1.54
C THR A 30 -6.57 4.46 -2.45
N ILE A 31 -7.13 3.32 -2.08
CA ILE A 31 -8.18 2.69 -2.86
C ILE A 31 -9.56 2.97 -2.25
N THR A 32 -10.17 4.05 -2.69
CA THR A 32 -11.49 4.44 -2.20
C THR A 32 -12.32 3.22 -1.85
N GLU A 33 -12.23 2.19 -2.69
CA GLU A 33 -12.98 0.96 -2.47
C GLU A 33 -12.95 0.56 -0.99
N CYS A 34 -11.75 0.40 -0.46
CA CYS A 34 -11.58 0.01 0.94
C CYS A 34 -10.82 1.10 1.71
N LEU A 35 -10.73 2.28 1.12
CA LEU A 35 -10.04 3.39 1.75
C LEU A 35 -8.71 2.94 2.35
N HIS A 36 -7.96 2.15 1.60
CA HIS A 36 -6.67 1.65 2.06
C HIS A 36 -5.52 2.30 1.28
N THR A 37 -4.54 2.82 2.00
CA THR A 37 -3.39 3.46 1.39
C THR A 37 -2.33 2.45 1.00
N PHE A 38 -1.70 2.65 -0.15
CA PHE A 38 -0.66 1.75 -0.63
C PHE A 38 0.32 2.48 -1.53
N CYS A 39 1.61 2.24 -1.32
CA CYS A 39 2.66 2.87 -2.10
C CYS A 39 2.53 2.50 -3.58
N LYS A 40 2.76 3.47 -4.45
CA LYS A 40 2.67 3.25 -5.89
C LYS A 40 3.41 1.98 -6.29
N SER A 41 4.72 1.95 -6.02
CA SER A 41 5.54 0.80 -6.35
C SER A 41 4.99 -0.47 -5.70
N CYS A 42 4.61 -0.36 -4.44
CA CYS A 42 4.06 -1.49 -3.69
C CYS A 42 2.78 -2.00 -4.34
N ILE A 43 1.74 -1.19 -4.28
CA ILE A 43 0.44 -1.56 -4.86
C ILE A 43 0.60 -1.98 -6.31
N VAL A 44 1.38 -1.20 -7.08
CA VAL A 44 1.61 -1.50 -8.48
C VAL A 44 2.27 -2.87 -8.65
N ARG A 45 3.28 -3.14 -7.84
CA ARG A 45 3.99 -4.41 -7.90
C ARG A 45 3.14 -5.54 -7.34
N HIS A 46 2.25 -5.21 -6.41
CA HIS A 46 1.37 -6.19 -5.79
C HIS A 46 0.36 -6.72 -6.81
N PHE A 47 -0.12 -5.84 -7.67
CA PHE A 47 -1.10 -6.22 -8.68
C PHE A 47 -0.48 -7.17 -9.71
N TYR A 48 0.83 -7.08 -9.87
CA TYR A 48 1.55 -7.94 -10.81
C TYR A 48 1.40 -9.41 -10.44
N TYR A 49 1.44 -9.69 -9.14
CA TYR A 49 1.31 -11.06 -8.65
C TYR A 49 -0.14 -11.39 -8.35
N SER A 50 -0.83 -10.46 -7.69
CA SER A 50 -2.24 -10.66 -7.33
C SER A 50 -3.04 -9.39 -7.59
N ASN A 51 -4.04 -9.50 -8.47
CA ASN A 51 -4.89 -8.36 -8.81
C ASN A 51 -5.90 -8.09 -7.70
N ARG A 52 -5.42 -8.12 -6.46
CA ARG A 52 -6.28 -7.88 -5.31
C ARG A 52 -5.59 -6.97 -4.29
N CYS A 53 -6.31 -6.64 -3.21
CA CYS A 53 -5.75 -5.80 -2.17
C CYS A 53 -5.09 -6.64 -1.08
N PRO A 54 -3.84 -6.27 -0.72
CA PRO A 54 -3.07 -6.98 0.30
C PRO A 54 -3.64 -6.76 1.70
N LYS A 55 -4.77 -6.06 1.78
CA LYS A 55 -5.42 -5.78 3.06
C LYS A 55 -6.72 -6.56 3.19
N CYS A 56 -7.73 -6.16 2.42
CA CYS A 56 -9.03 -6.82 2.45
C CYS A 56 -9.07 -7.99 1.47
N ASN A 57 -8.23 -7.91 0.43
CA ASN A 57 -8.17 -8.97 -0.58
C ASN A 57 -9.40 -8.92 -1.48
N ILE A 58 -9.68 -7.74 -2.02
CA ILE A 58 -10.81 -7.56 -2.92
C ILE A 58 -10.37 -7.42 -4.36
N VAL A 59 -11.10 -8.07 -5.27
CA VAL A 59 -10.78 -8.01 -6.69
C VAL A 59 -11.01 -6.62 -7.26
N VAL A 60 -9.96 -5.80 -7.24
CA VAL A 60 -10.05 -4.43 -7.76
C VAL A 60 -9.86 -4.41 -9.26
N HIS A 61 -10.58 -3.50 -9.93
CA HIS A 61 -10.49 -3.38 -11.38
C HIS A 61 -10.04 -1.97 -11.77
N GLN A 62 -9.89 -1.74 -13.07
CA GLN A 62 -9.47 -0.44 -13.58
C GLN A 62 -8.08 -0.09 -13.08
N THR A 63 -7.15 -1.04 -13.19
CA THR A 63 -5.78 -0.83 -12.76
C THR A 63 -5.17 0.39 -13.43
N GLN A 64 -4.86 1.41 -12.63
CA GLN A 64 -4.27 2.64 -13.15
C GLN A 64 -3.22 2.32 -14.21
N PRO A 65 -3.33 3.00 -15.37
CA PRO A 65 -2.40 2.81 -16.48
C PRO A 65 -1.01 3.35 -16.19
N LEU A 66 -0.04 2.99 -17.01
CA LEU A 66 1.33 3.44 -16.84
C LEU A 66 1.53 4.82 -17.45
N SER A 67 0.45 5.60 -17.50
CA SER A 67 0.51 6.95 -18.06
C SER A 67 1.87 7.59 -17.80
N GLY A 68 2.31 7.53 -16.55
CA GLY A 68 3.59 8.11 -16.17
C GLY A 68 3.86 8.03 -14.69
N PRO A 69 4.71 7.07 -14.29
CA PRO A 69 5.08 6.86 -12.89
C PRO A 69 5.93 8.00 -12.34
N SER A 70 7.00 8.33 -13.07
CA SER A 70 7.90 9.40 -12.65
C SER A 70 7.30 10.77 -12.93
N SER A 71 7.33 11.65 -11.94
CA SER A 71 6.79 12.99 -12.09
C SER A 71 7.45 13.96 -11.11
N GLY A 72 8.24 14.89 -11.65
CA GLY A 72 8.92 15.86 -10.82
C GLY A 72 9.51 17.01 -11.63
ZN ZN B . 5.07 0.42 0.68
ZN ZN C . -8.16 -3.17 0.84
N GLY A 1 4.22 15.05 -14.97
CA GLY A 1 5.63 15.23 -14.68
C GLY A 1 6.00 14.83 -13.27
N SER A 2 5.86 15.78 -12.34
CA SER A 2 6.18 15.53 -10.94
C SER A 2 5.11 16.12 -10.02
N SER A 3 5.05 15.60 -8.80
CA SER A 3 4.08 16.08 -7.82
C SER A 3 4.62 15.97 -6.40
N GLY A 4 3.96 16.64 -5.47
CA GLY A 4 4.39 16.61 -4.09
C GLY A 4 4.54 18.00 -3.49
N SER A 5 3.99 18.18 -2.29
CA SER A 5 4.05 19.47 -1.61
C SER A 5 3.54 19.36 -0.18
N SER A 6 4.28 19.95 0.76
CA SER A 6 3.90 19.91 2.16
C SER A 6 3.73 21.33 2.72
N GLY A 7 2.89 21.46 3.75
CA GLY A 7 2.65 22.75 4.34
C GLY A 7 3.05 22.80 5.81
N ASN A 8 2.15 22.37 6.69
CA ASN A 8 2.42 22.36 8.12
C ASN A 8 2.43 20.93 8.66
N LEU A 9 2.70 20.81 9.95
CA LEU A 9 2.74 19.50 10.60
C LEU A 9 1.54 19.31 11.54
N SER A 10 1.03 18.10 11.59
CA SER A 10 -0.12 17.78 12.44
C SER A 10 0.20 16.63 13.39
N GLU A 11 -0.67 16.40 14.35
CA GLU A 11 -0.49 15.34 15.32
C GLU A 11 0.12 14.11 14.66
N LEU A 12 0.81 13.29 15.46
CA LEU A 12 1.45 12.08 14.95
C LEU A 12 0.50 10.89 15.04
N THR A 13 0.41 10.13 13.96
CA THR A 13 -0.46 8.96 13.91
C THR A 13 0.14 7.86 13.04
N PRO A 14 -0.11 6.60 13.43
CA PRO A 14 0.41 5.43 12.71
C PRO A 14 -0.27 5.24 11.35
N TYR A 15 -1.14 6.19 11.00
CA TYR A 15 -1.86 6.13 9.74
C TYR A 15 -1.02 6.70 8.60
N ILE A 16 0.30 6.55 8.72
CA ILE A 16 1.21 7.06 7.71
C ILE A 16 2.03 5.92 7.09
N LEU A 17 2.75 5.18 7.94
CA LEU A 17 3.56 4.08 7.49
C LEU A 17 2.76 3.14 6.57
N CYS A 18 3.45 2.19 5.96
CA CYS A 18 2.80 1.24 5.06
C CYS A 18 2.64 -0.12 5.74
N SER A 19 1.79 -0.97 5.16
CA SER A 19 1.54 -2.29 5.72
C SER A 19 2.47 -3.33 5.08
N ILE A 20 2.83 -3.10 3.82
CA ILE A 20 3.71 -4.02 3.11
C ILE A 20 5.17 -3.62 3.29
N CYS A 21 5.51 -2.42 2.81
CA CYS A 21 6.88 -1.93 2.91
C CYS A 21 7.21 -1.54 4.35
N LYS A 22 6.20 -1.12 5.09
CA LYS A 22 6.38 -0.72 6.49
C LYS A 22 7.32 0.47 6.60
N GLY A 23 7.08 1.49 5.76
CA GLY A 23 7.92 2.67 5.79
C GLY A 23 7.24 3.88 5.16
N TYR A 24 7.71 5.07 5.50
CA TYR A 24 7.14 6.30 4.97
C TYR A 24 6.67 6.10 3.53
N LEU A 25 5.56 6.75 3.19
CA LEU A 25 5.00 6.65 1.85
C LEU A 25 5.64 7.67 0.91
N ILE A 26 5.48 7.46 -0.38
CA ILE A 26 6.03 8.37 -1.39
C ILE A 26 4.93 9.06 -2.18
N ASP A 27 4.06 8.25 -2.79
CA ASP A 27 2.95 8.79 -3.58
C ASP A 27 1.68 8.82 -2.76
N ALA A 28 1.50 7.84 -1.89
CA ALA A 28 0.31 7.76 -1.05
C ALA A 28 -0.92 7.43 -1.86
N THR A 29 -0.86 6.32 -2.60
CA THR A 29 -1.98 5.90 -3.44
C THR A 29 -3.04 5.17 -2.60
N THR A 30 -4.09 5.90 -2.25
CA THR A 30 -5.18 5.32 -1.46
C THR A 30 -6.29 4.77 -2.34
N ILE A 31 -6.71 3.55 -2.06
CA ILE A 31 -7.77 2.90 -2.83
C ILE A 31 -9.12 3.57 -2.58
N THR A 32 -10.10 3.23 -3.39
CA THR A 32 -11.45 3.79 -3.25
C THR A 32 -12.42 2.75 -2.73
N GLU A 33 -12.27 1.51 -3.19
CA GLU A 33 -13.14 0.43 -2.77
C GLU A 33 -13.08 0.23 -1.25
N CYS A 34 -11.95 -0.30 -0.78
CA CYS A 34 -11.77 -0.54 0.65
C CYS A 34 -11.22 0.71 1.34
N LEU A 35 -10.73 1.65 0.54
CA LEU A 35 -10.18 2.89 1.08
C LEU A 35 -8.93 2.62 1.91
N HIS A 36 -7.97 1.91 1.32
CA HIS A 36 -6.73 1.58 2.01
C HIS A 36 -5.56 2.37 1.43
N THR A 37 -4.45 2.40 2.16
CA THR A 37 -3.26 3.11 1.72
C THR A 37 -2.14 2.15 1.36
N PHE A 38 -1.56 2.34 0.18
CA PHE A 38 -0.46 1.49 -0.28
C PHE A 38 0.43 2.22 -1.27
N CYS A 39 1.73 2.16 -1.05
CA CYS A 39 2.69 2.83 -1.92
C CYS A 39 2.41 2.50 -3.39
N LYS A 40 2.20 3.55 -4.18
CA LYS A 40 1.92 3.37 -5.60
C LYS A 40 2.78 2.26 -6.19
N SER A 41 3.93 2.01 -5.59
CA SER A 41 4.84 0.97 -6.06
C SER A 41 4.38 -0.40 -5.58
N CYS A 42 4.44 -0.62 -4.27
CA CYS A 42 4.04 -1.88 -3.68
C CYS A 42 2.64 -2.27 -4.15
N ILE A 43 1.72 -1.32 -4.10
CA ILE A 43 0.34 -1.57 -4.51
C ILE A 43 0.29 -2.08 -5.95
N VAL A 44 1.02 -1.42 -6.84
CA VAL A 44 1.06 -1.80 -8.24
C VAL A 44 1.85 -3.10 -8.43
N ARG A 45 2.85 -3.30 -7.59
CA ARG A 45 3.68 -4.50 -7.66
C ARG A 45 2.89 -5.74 -7.25
N HIS A 46 1.96 -5.56 -6.33
CA HIS A 46 1.12 -6.65 -5.85
C HIS A 46 0.01 -6.97 -6.84
N PHE A 47 -0.45 -5.93 -7.55
CA PHE A 47 -1.52 -6.09 -8.52
C PHE A 47 -1.01 -6.78 -9.79
N TYR A 48 0.29 -6.63 -10.04
CA TYR A 48 0.90 -7.22 -11.23
C TYR A 48 0.77 -8.75 -11.20
N TYR A 49 0.89 -9.32 -10.01
CA TYR A 49 0.79 -10.76 -9.85
C TYR A 49 -0.53 -11.14 -9.17
N SER A 50 -0.87 -10.42 -8.11
CA SER A 50 -2.10 -10.67 -7.37
C SER A 50 -3.15 -9.60 -7.68
N ASN A 51 -4.15 -9.97 -8.47
CA ASN A 51 -5.21 -9.04 -8.84
C ASN A 51 -6.17 -8.83 -7.68
N ARG A 52 -5.62 -8.58 -6.50
CA ARG A 52 -6.42 -8.38 -5.30
C ARG A 52 -5.67 -7.53 -4.27
N CYS A 53 -6.41 -6.90 -3.38
CA CYS A 53 -5.80 -6.06 -2.35
C CYS A 53 -5.17 -6.91 -1.25
N PRO A 54 -3.89 -6.64 -0.95
CA PRO A 54 -3.14 -7.37 0.08
C PRO A 54 -3.65 -7.07 1.48
N LYS A 55 -4.77 -6.37 1.57
CA LYS A 55 -5.35 -6.01 2.86
C LYS A 55 -6.68 -6.73 3.07
N CYS A 56 -7.68 -6.38 2.26
CA CYS A 56 -8.99 -6.99 2.37
C CYS A 56 -9.15 -8.13 1.36
N ASN A 57 -8.26 -8.15 0.37
CA ASN A 57 -8.29 -9.18 -0.67
C ASN A 57 -9.51 -9.00 -1.56
N ILE A 58 -9.69 -7.78 -2.08
CA ILE A 58 -10.81 -7.48 -2.96
C ILE A 58 -10.33 -7.24 -4.39
N VAL A 59 -11.21 -7.51 -5.35
CA VAL A 59 -10.88 -7.31 -6.76
C VAL A 59 -10.69 -5.84 -7.07
N VAL A 60 -9.44 -5.40 -7.15
CA VAL A 60 -9.12 -4.01 -7.45
C VAL A 60 -8.40 -3.89 -8.79
N HIS A 61 -9.17 -3.90 -9.87
CA HIS A 61 -8.61 -3.79 -11.21
C HIS A 61 -8.49 -2.32 -11.64
N GLN A 62 -7.68 -2.08 -12.66
CA GLN A 62 -7.48 -0.72 -13.16
C GLN A 62 -7.53 -0.69 -14.68
N THR A 63 -7.60 0.52 -15.24
CA THR A 63 -7.65 0.69 -16.69
C THR A 63 -6.67 1.75 -17.16
N GLN A 64 -5.69 1.34 -17.96
CA GLN A 64 -4.69 2.26 -18.48
C GLN A 64 -4.99 2.63 -19.93
N PRO A 65 -4.89 3.93 -20.24
CA PRO A 65 -5.13 4.44 -21.60
C PRO A 65 -4.05 4.02 -22.58
N LEU A 66 -4.41 3.99 -23.86
CA LEU A 66 -3.46 3.61 -24.91
C LEU A 66 -2.16 4.39 -24.78
N SER A 67 -2.27 5.70 -24.63
CA SER A 67 -1.09 6.56 -24.50
C SER A 67 -1.08 7.25 -23.15
N GLY A 68 0.10 7.68 -22.72
CA GLY A 68 0.24 8.34 -21.43
C GLY A 68 0.19 9.86 -21.57
N PRO A 69 1.32 10.46 -21.94
CA PRO A 69 1.42 11.92 -22.10
C PRO A 69 0.64 12.43 -23.31
N SER A 70 0.40 13.73 -23.35
CA SER A 70 -0.35 14.34 -24.45
C SER A 70 0.33 15.62 -24.91
N SER A 71 0.38 15.81 -26.22
CA SER A 71 1.01 17.00 -26.80
C SER A 71 0.22 17.48 -28.01
N GLY A 72 -0.47 18.61 -27.86
CA GLY A 72 -1.26 19.16 -28.94
C GLY A 72 -0.38 19.72 -30.05
ZN ZN B . 3.99 -0.01 0.55
ZN ZN C . -8.06 -3.42 0.73
N GLY A 1 -17.63 -10.85 40.23
CA GLY A 1 -17.01 -9.74 39.54
C GLY A 1 -15.57 -9.52 39.98
N SER A 2 -14.80 -8.80 39.17
CA SER A 2 -13.41 -8.51 39.49
C SER A 2 -12.86 -7.41 38.60
N SER A 3 -11.71 -6.85 38.98
CA SER A 3 -11.09 -5.79 38.22
C SER A 3 -9.63 -5.59 38.64
N GLY A 4 -8.86 -4.94 37.77
CA GLY A 4 -7.46 -4.71 38.08
C GLY A 4 -6.71 -4.11 36.91
N SER A 5 -5.87 -3.12 37.19
CA SER A 5 -5.09 -2.46 36.15
C SER A 5 -3.76 -1.95 36.70
N SER A 6 -2.67 -2.60 36.29
CA SER A 6 -1.33 -2.22 36.75
C SER A 6 -0.31 -2.38 35.63
N GLY A 7 0.90 -1.91 35.88
CA GLY A 7 1.96 -2.00 34.89
C GLY A 7 2.26 -0.67 34.24
N ASN A 8 2.99 -0.71 33.13
CA ASN A 8 3.37 0.51 32.41
C ASN A 8 3.52 0.23 30.92
N LEU A 9 2.60 0.77 30.12
CA LEU A 9 2.64 0.59 28.68
C LEU A 9 2.06 1.81 27.96
N SER A 10 2.81 2.32 26.99
CA SER A 10 2.38 3.49 26.24
C SER A 10 3.09 3.55 24.89
N GLU A 11 2.31 3.63 23.81
CA GLU A 11 2.87 3.70 22.46
C GLU A 11 2.18 4.78 21.64
N LEU A 12 2.97 5.66 21.04
CA LEU A 12 2.44 6.75 20.24
C LEU A 12 1.80 6.21 18.95
N THR A 13 0.62 6.72 18.62
CA THR A 13 -0.08 6.29 17.42
C THR A 13 0.74 6.57 16.18
N PRO A 14 0.58 5.72 15.15
CA PRO A 14 1.30 5.86 13.88
C PRO A 14 0.82 7.07 13.08
N TYR A 15 1.77 7.82 12.52
CA TYR A 15 1.44 9.00 11.73
C TYR A 15 1.14 8.62 10.29
N ILE A 16 2.18 8.29 9.53
CA ILE A 16 2.03 7.90 8.14
C ILE A 16 3.03 6.82 7.75
N LEU A 17 2.55 5.60 7.62
CA LEU A 17 3.40 4.48 7.25
C LEU A 17 2.65 3.49 6.37
N CYS A 18 3.37 2.50 5.84
CA CYS A 18 2.78 1.48 4.99
C CYS A 18 2.51 0.19 5.76
N SER A 19 1.71 -0.69 5.18
CA SER A 19 1.38 -1.96 5.82
C SER A 19 2.11 -3.12 5.15
N ILE A 20 2.39 -2.96 3.87
CA ILE A 20 3.10 -3.99 3.10
C ILE A 20 4.60 -3.93 3.35
N CYS A 21 5.22 -2.82 2.97
CA CYS A 21 6.65 -2.64 3.15
C CYS A 21 6.95 -2.05 4.53
N LYS A 22 5.95 -1.46 5.15
CA LYS A 22 6.10 -0.86 6.47
C LYS A 22 7.10 0.29 6.43
N GLY A 23 7.06 1.08 5.36
CA GLY A 23 7.97 2.20 5.23
C GLY A 23 7.24 3.52 5.04
N TYR A 24 7.68 4.29 4.06
CA TYR A 24 7.07 5.59 3.78
C TYR A 24 6.32 5.56 2.45
N LEU A 25 5.11 6.12 2.45
CA LEU A 25 4.30 6.16 1.24
C LEU A 25 4.77 7.28 0.31
N ILE A 26 5.31 6.88 -0.84
CA ILE A 26 5.79 7.85 -1.82
C ILE A 26 4.64 8.51 -2.57
N ASP A 27 3.87 7.71 -3.30
CA ASP A 27 2.72 8.21 -4.05
C ASP A 27 1.52 8.42 -3.14
N ALA A 28 1.36 7.52 -2.18
CA ALA A 28 0.24 7.60 -1.24
C ALA A 28 -1.07 7.22 -1.91
N THR A 29 -1.10 6.05 -2.51
CA THR A 29 -2.30 5.57 -3.20
C THR A 29 -3.33 5.03 -2.20
N THR A 30 -4.60 5.12 -2.57
CA THR A 30 -5.68 4.65 -1.71
C THR A 30 -6.88 4.20 -2.53
N ILE A 31 -7.42 3.03 -2.18
CA ILE A 31 -8.57 2.49 -2.89
C ILE A 31 -9.87 2.75 -2.12
N THR A 32 -10.47 3.91 -2.37
CA THR A 32 -11.72 4.27 -1.69
C THR A 32 -12.55 3.03 -1.37
N GLU A 33 -12.65 2.13 -2.33
CA GLU A 33 -13.42 0.90 -2.15
C GLU A 33 -13.33 0.41 -0.71
N CYS A 34 -12.11 0.30 -0.20
CA CYS A 34 -11.88 -0.16 1.16
C CYS A 34 -11.23 0.94 2.00
N LEU A 35 -10.82 2.01 1.34
CA LEU A 35 -10.17 3.13 2.02
C LEU A 35 -8.84 2.70 2.64
N HIS A 36 -8.06 1.93 1.88
CA HIS A 36 -6.76 1.46 2.36
C HIS A 36 -5.63 2.18 1.64
N THR A 37 -4.64 2.63 2.41
CA THR A 37 -3.50 3.34 1.86
C THR A 37 -2.40 2.37 1.44
N PHE A 38 -1.70 2.71 0.35
CA PHE A 38 -0.63 1.86 -0.15
C PHE A 38 0.40 2.69 -0.91
N CYS A 39 1.58 2.11 -1.11
CA CYS A 39 2.66 2.80 -1.82
C CYS A 39 2.60 2.50 -3.32
N LYS A 40 3.20 3.38 -4.11
CA LYS A 40 3.23 3.21 -5.56
C LYS A 40 3.80 1.86 -5.95
N SER A 41 5.07 1.65 -5.62
CA SER A 41 5.74 0.38 -5.93
C SER A 41 5.00 -0.80 -5.32
N CYS A 42 4.42 -0.58 -4.14
CA CYS A 42 3.67 -1.63 -3.45
C CYS A 42 2.42 -2.02 -4.24
N ILE A 43 1.50 -1.07 -4.38
CA ILE A 43 0.27 -1.31 -5.12
C ILE A 43 0.55 -1.71 -6.57
N VAL A 44 1.69 -1.26 -7.09
CA VAL A 44 2.08 -1.57 -8.46
C VAL A 44 2.76 -2.93 -8.54
N ARG A 45 3.48 -3.29 -7.48
CA ARG A 45 4.18 -4.57 -7.43
C ARG A 45 3.22 -5.70 -7.06
N HIS A 46 2.23 -5.37 -6.24
CA HIS A 46 1.24 -6.36 -5.80
C HIS A 46 0.24 -6.65 -6.90
N PHE A 47 -0.13 -5.62 -7.67
CA PHE A 47 -1.09 -5.77 -8.76
C PHE A 47 -0.47 -6.58 -9.90
N TYR A 48 0.84 -6.68 -9.91
CA TYR A 48 1.55 -7.42 -10.95
C TYR A 48 1.36 -8.92 -10.77
N TYR A 49 1.49 -9.39 -9.53
CA TYR A 49 1.32 -10.81 -9.23
C TYR A 49 -0.10 -11.11 -8.76
N SER A 50 -0.62 -10.25 -7.88
CA SER A 50 -1.96 -10.43 -7.35
C SER A 50 -2.85 -9.24 -7.72
N ASN A 51 -3.90 -9.51 -8.49
CA ASN A 51 -4.82 -8.46 -8.92
C ASN A 51 -5.88 -8.21 -7.84
N ARG A 52 -5.45 -8.16 -6.59
CA ARG A 52 -6.36 -7.93 -5.48
C ARG A 52 -5.68 -7.14 -4.37
N CYS A 53 -6.47 -6.47 -3.54
CA CYS A 53 -5.94 -5.68 -2.43
C CYS A 53 -5.30 -6.58 -1.38
N PRO A 54 -4.03 -6.32 -1.07
CA PRO A 54 -3.28 -7.09 -0.08
C PRO A 54 -3.77 -6.85 1.34
N LYS A 55 -4.88 -6.11 1.46
CA LYS A 55 -5.45 -5.80 2.76
C LYS A 55 -6.75 -6.57 2.98
N CYS A 56 -7.78 -6.19 2.23
CA CYS A 56 -9.09 -6.84 2.34
C CYS A 56 -9.18 -8.03 1.39
N ASN A 57 -8.24 -8.10 0.45
CA ASN A 57 -8.22 -9.19 -0.52
C ASN A 57 -9.35 -9.04 -1.53
N ILE A 58 -9.47 -7.85 -2.11
CA ILE A 58 -10.51 -7.57 -3.09
C ILE A 58 -9.91 -7.23 -4.45
N VAL A 59 -10.45 -7.85 -5.50
CA VAL A 59 -9.97 -7.61 -6.86
C VAL A 59 -10.44 -6.25 -7.37
N VAL A 60 -9.48 -5.36 -7.63
CA VAL A 60 -9.81 -4.03 -8.14
C VAL A 60 -9.59 -3.94 -9.64
N HIS A 61 -10.47 -3.20 -10.31
CA HIS A 61 -10.37 -3.04 -11.77
C HIS A 61 -8.95 -2.73 -12.19
N GLN A 62 -8.28 -3.70 -12.81
CA GLN A 62 -6.91 -3.53 -13.26
C GLN A 62 -6.87 -3.06 -14.71
N THR A 63 -5.67 -2.80 -15.21
CA THR A 63 -5.49 -2.34 -16.58
C THR A 63 -5.05 -3.48 -17.49
N GLN A 64 -5.95 -3.93 -18.36
CA GLN A 64 -5.65 -5.01 -19.28
C GLN A 64 -5.41 -4.47 -20.69
N PRO A 65 -4.44 -5.09 -21.39
CA PRO A 65 -4.09 -4.69 -22.76
C PRO A 65 -5.18 -5.03 -23.76
N LEU A 66 -4.83 -4.99 -25.04
CA LEU A 66 -5.77 -5.30 -26.11
C LEU A 66 -6.08 -6.79 -26.15
N SER A 67 -5.03 -7.61 -26.10
CA SER A 67 -5.18 -9.05 -26.13
C SER A 67 -5.91 -9.55 -24.89
N GLY A 68 -7.19 -9.88 -25.05
CA GLY A 68 -7.99 -10.36 -23.94
C GLY A 68 -9.45 -10.52 -24.29
N PRO A 69 -10.33 -10.28 -23.31
CA PRO A 69 -11.78 -10.40 -23.49
C PRO A 69 -12.33 -9.28 -24.38
N SER A 70 -11.44 -8.57 -25.05
CA SER A 70 -11.84 -7.48 -25.93
C SER A 70 -12.17 -8.00 -27.33
N SER A 71 -11.17 -8.60 -27.98
CA SER A 71 -11.36 -9.14 -29.31
C SER A 71 -11.97 -10.54 -29.26
N GLY A 72 -13.30 -10.60 -29.23
CA GLY A 72 -13.98 -11.87 -29.18
C GLY A 72 -14.20 -12.36 -27.75
ZN ZN B . 4.71 0.08 0.93
ZN ZN C . -8.32 -3.17 0.73
N GLY A 1 31.36 -9.81 6.92
CA GLY A 1 30.20 -8.97 6.74
C GLY A 1 29.02 -9.72 6.17
N SER A 2 28.13 -10.18 7.04
CA SER A 2 26.95 -10.93 6.61
C SER A 2 25.82 -9.99 6.23
N SER A 3 25.42 -9.14 7.17
CA SER A 3 24.34 -8.19 6.94
C SER A 3 24.25 -7.17 8.08
N GLY A 4 23.37 -6.19 7.92
CA GLY A 4 23.22 -5.17 8.94
C GLY A 4 21.88 -5.27 9.66
N SER A 5 21.17 -4.15 9.74
CA SER A 5 19.87 -4.13 10.41
C SER A 5 19.20 -2.76 10.23
N SER A 6 17.88 -2.74 10.39
CA SER A 6 17.12 -1.50 10.24
C SER A 6 16.02 -1.42 11.30
N GLY A 7 15.37 -0.26 11.38
CA GLY A 7 14.32 -0.06 12.35
C GLY A 7 13.30 0.97 11.89
N ASN A 8 12.25 1.15 12.69
CA ASN A 8 11.20 2.11 12.37
C ASN A 8 10.19 2.22 13.50
N LEU A 9 10.19 3.37 14.17
CA LEU A 9 9.26 3.60 15.27
C LEU A 9 8.76 5.04 15.27
N SER A 10 7.60 5.25 15.89
CA SER A 10 7.00 6.58 15.95
C SER A 10 5.80 6.60 16.89
N GLU A 11 5.49 7.77 17.44
CA GLU A 11 4.37 7.91 18.35
C GLU A 11 3.17 8.58 17.65
N LEU A 12 3.33 8.81 16.35
CA LEU A 12 2.27 9.44 15.56
C LEU A 12 1.44 8.39 14.82
N THR A 13 0.40 8.85 14.13
CA THR A 13 -0.47 7.94 13.37
C THR A 13 0.35 6.86 12.67
N PRO A 14 0.12 5.60 13.06
CA PRO A 14 0.82 4.46 12.47
C PRO A 14 0.39 4.19 11.03
N TYR A 15 -0.48 5.05 10.50
CA TYR A 15 -0.97 4.91 9.14
C TYR A 15 0.12 5.26 8.13
N ILE A 16 0.76 6.41 8.33
CA ILE A 16 1.81 6.87 7.44
C ILE A 16 2.63 5.69 6.90
N LEU A 17 3.09 4.85 7.81
CA LEU A 17 3.87 3.67 7.43
C LEU A 17 3.14 2.84 6.39
N CYS A 18 3.79 1.78 5.93
CA CYS A 18 3.20 0.89 4.93
C CYS A 18 2.94 -0.49 5.52
N SER A 19 2.17 -1.30 4.80
CA SER A 19 1.83 -2.65 5.24
C SER A 19 2.69 -3.69 4.51
N ILE A 20 3.16 -3.33 3.33
CA ILE A 20 3.98 -4.23 2.53
C ILE A 20 5.46 -3.98 2.78
N CYS A 21 5.92 -2.79 2.41
CA CYS A 21 7.33 -2.43 2.59
C CYS A 21 7.57 -1.91 4.01
N LYS A 22 6.49 -1.56 4.70
CA LYS A 22 6.58 -1.05 6.06
C LYS A 22 7.48 0.18 6.12
N GLY A 23 7.33 1.07 5.14
CA GLY A 23 8.13 2.28 5.11
C GLY A 23 7.31 3.50 4.72
N TYR A 24 7.84 4.68 5.01
CA TYR A 24 7.16 5.93 4.69
C TYR A 24 6.63 5.90 3.26
N LEU A 25 5.48 6.55 3.06
CA LEU A 25 4.86 6.61 1.74
C LEU A 25 5.39 7.78 0.93
N ILE A 26 5.47 7.61 -0.38
CA ILE A 26 5.96 8.66 -1.26
C ILE A 26 4.81 9.32 -2.03
N ASP A 27 4.03 8.49 -2.72
CA ASP A 27 2.90 8.98 -3.50
C ASP A 27 1.62 8.99 -2.66
N ALA A 28 1.51 8.02 -1.75
CA ALA A 28 0.34 7.91 -0.89
C ALA A 28 -0.90 7.54 -1.70
N THR A 29 -0.82 6.44 -2.44
CA THR A 29 -1.93 5.98 -3.25
C THR A 29 -2.96 5.22 -2.41
N THR A 30 -4.13 5.81 -2.24
CA THR A 30 -5.19 5.18 -1.45
C THR A 30 -6.34 4.73 -2.33
N ILE A 31 -6.84 3.52 -2.09
CA ILE A 31 -7.94 2.97 -2.87
C ILE A 31 -9.25 3.66 -2.51
N THR A 32 -10.29 3.40 -3.31
CA THR A 32 -11.60 3.99 -3.07
C THR A 32 -12.59 2.94 -2.59
N GLU A 33 -12.50 1.74 -3.16
CA GLU A 33 -13.40 0.67 -2.78
C GLU A 33 -13.35 0.40 -1.28
N CYS A 34 -12.22 -0.11 -0.81
CA CYS A 34 -12.04 -0.40 0.60
C CYS A 34 -11.50 0.81 1.35
N LEU A 35 -10.86 1.71 0.61
CA LEU A 35 -10.29 2.92 1.19
C LEU A 35 -9.06 2.60 2.03
N HIS A 36 -8.11 1.89 1.42
CA HIS A 36 -6.88 1.53 2.10
C HIS A 36 -5.68 2.25 1.49
N THR A 37 -4.76 2.67 2.36
CA THR A 37 -3.56 3.38 1.91
C THR A 37 -2.45 2.41 1.52
N PHE A 38 -1.86 2.61 0.35
CA PHE A 38 -0.79 1.75 -0.13
C PHE A 38 0.12 2.50 -1.09
N CYS A 39 1.43 2.33 -0.92
CA CYS A 39 2.40 2.99 -1.78
C CYS A 39 2.14 2.68 -3.25
N LYS A 40 2.01 3.74 -4.06
CA LYS A 40 1.76 3.58 -5.48
C LYS A 40 2.53 2.39 -6.06
N SER A 41 3.83 2.34 -5.78
CA SER A 41 4.67 1.26 -6.27
C SER A 41 4.23 -0.08 -5.68
N CYS A 42 3.99 -0.10 -4.38
CA CYS A 42 3.56 -1.31 -3.70
C CYS A 42 2.25 -1.84 -4.30
N ILE A 43 1.20 -1.04 -4.19
CA ILE A 43 -0.11 -1.43 -4.73
C ILE A 43 0.01 -1.93 -6.16
N VAL A 44 0.87 -1.28 -6.94
CA VAL A 44 1.08 -1.66 -8.33
C VAL A 44 1.93 -2.94 -8.42
N ARG A 45 2.85 -3.09 -7.49
CA ARG A 45 3.72 -4.27 -7.47
C ARG A 45 2.98 -5.49 -6.96
N HIS A 46 1.95 -5.25 -6.16
CA HIS A 46 1.15 -6.35 -5.59
C HIS A 46 0.16 -6.88 -6.62
N PHE A 47 -0.26 -6.01 -7.54
CA PHE A 47 -1.20 -6.40 -8.58
C PHE A 47 -0.55 -7.35 -9.58
N TYR A 48 0.77 -7.27 -9.70
CA TYR A 48 1.51 -8.12 -10.63
C TYR A 48 1.42 -9.59 -10.21
N TYR A 49 1.49 -9.83 -8.91
CA TYR A 49 1.41 -11.18 -8.37
C TYR A 49 -0.02 -11.55 -8.02
N SER A 50 -0.72 -10.61 -7.38
CA SER A 50 -2.11 -10.84 -6.99
C SER A 50 -2.98 -9.65 -7.38
N ASN A 51 -3.95 -9.91 -8.26
CA ASN A 51 -4.86 -8.87 -8.72
C ASN A 51 -5.90 -8.54 -7.66
N ARG A 52 -5.46 -8.45 -6.41
CA ARG A 52 -6.35 -8.14 -5.30
C ARG A 52 -5.67 -7.23 -4.28
N CYS A 53 -6.38 -6.91 -3.21
CA CYS A 53 -5.85 -6.04 -2.16
C CYS A 53 -5.25 -6.87 -1.03
N PRO A 54 -4.03 -6.50 -0.60
CA PRO A 54 -3.32 -7.20 0.47
C PRO A 54 -3.96 -6.96 1.83
N LYS A 55 -5.12 -6.28 1.83
CA LYS A 55 -5.83 -5.99 3.06
C LYS A 55 -7.19 -6.69 3.07
N CYS A 56 -8.10 -6.21 2.24
CA CYS A 56 -9.44 -6.79 2.15
C CYS A 56 -9.46 -7.95 1.15
N ASN A 57 -8.56 -7.91 0.18
CA ASN A 57 -8.48 -8.96 -0.83
C ASN A 57 -9.61 -8.83 -1.84
N ILE A 58 -9.72 -7.65 -2.43
CA ILE A 58 -10.77 -7.39 -3.43
C ILE A 58 -10.16 -7.10 -4.80
N VAL A 59 -10.72 -7.74 -5.83
CA VAL A 59 -10.23 -7.55 -7.19
C VAL A 59 -10.30 -6.08 -7.60
N VAL A 60 -9.17 -5.37 -7.43
CA VAL A 60 -9.09 -3.96 -7.77
C VAL A 60 -8.67 -3.78 -9.22
N HIS A 61 -9.66 -3.74 -10.12
CA HIS A 61 -9.39 -3.58 -11.55
C HIS A 61 -9.18 -2.10 -11.88
N GLN A 62 -8.41 -1.42 -11.04
CA GLN A 62 -8.13 0.01 -11.25
C GLN A 62 -6.74 0.20 -11.84
N THR A 63 -6.53 1.36 -12.47
CA THR A 63 -5.24 1.67 -13.09
C THR A 63 -4.97 0.76 -14.28
N GLN A 64 -5.98 0.58 -15.13
CA GLN A 64 -5.85 -0.27 -16.31
C GLN A 64 -5.23 0.51 -17.47
N PRO A 65 -4.31 -0.14 -18.19
CA PRO A 65 -3.63 0.47 -19.34
C PRO A 65 -4.56 0.67 -20.52
N LEU A 66 -4.45 1.83 -21.17
CA LEU A 66 -5.29 2.15 -22.32
C LEU A 66 -5.08 1.13 -23.44
N SER A 67 -6.09 0.32 -23.67
CA SER A 67 -6.02 -0.70 -24.72
C SER A 67 -5.79 -0.07 -26.09
N GLY A 68 -4.75 -0.51 -26.77
CA GLY A 68 -4.43 0.03 -28.09
C GLY A 68 -3.09 -0.46 -28.60
N PRO A 69 -2.80 -0.16 -29.88
CA PRO A 69 -1.55 -0.56 -30.53
C PRO A 69 -0.35 0.20 -29.97
N SER A 70 -0.60 1.06 -28.99
CA SER A 70 0.46 1.85 -28.37
C SER A 70 0.62 1.49 -26.90
N SER A 71 1.87 1.30 -26.49
CA SER A 71 2.17 0.94 -25.11
C SER A 71 3.34 1.77 -24.57
N GLY A 72 3.12 2.43 -23.44
CA GLY A 72 4.17 3.24 -22.85
C GLY A 72 3.74 4.68 -22.64
ZN ZN B . 4.97 0.29 0.62
ZN ZN C . -8.22 -3.18 0.68
N GLY A 1 -5.13 -27.74 28.00
CA GLY A 1 -3.81 -27.16 28.20
C GLY A 1 -3.89 -25.74 28.71
N SER A 2 -2.83 -24.97 28.44
CA SER A 2 -2.78 -23.58 28.88
C SER A 2 -2.15 -22.70 27.82
N SER A 3 -2.64 -21.47 27.72
CA SER A 3 -2.12 -20.51 26.73
C SER A 3 -2.72 -19.14 26.93
N GLY A 4 -1.94 -18.10 26.64
CA GLY A 4 -2.43 -16.74 26.80
C GLY A 4 -1.79 -15.79 25.80
N SER A 5 -2.53 -14.75 25.43
CA SER A 5 -2.04 -13.77 24.47
C SER A 5 -2.68 -12.40 24.73
N SER A 6 -1.89 -11.34 24.54
CA SER A 6 -2.37 -9.98 24.76
C SER A 6 -2.02 -9.09 23.56
N GLY A 7 -3.01 -8.81 22.73
CA GLY A 7 -2.78 -7.97 21.57
C GLY A 7 -4.00 -7.14 21.21
N ASN A 8 -4.62 -6.53 22.22
CA ASN A 8 -5.80 -5.70 22.01
C ASN A 8 -5.42 -4.23 22.01
N LEU A 9 -5.96 -3.48 21.06
CA LEU A 9 -5.69 -2.05 20.95
C LEU A 9 -6.56 -1.42 19.86
N SER A 10 -6.77 -0.11 19.98
CA SER A 10 -7.59 0.62 19.01
C SER A 10 -7.10 2.06 18.87
N GLU A 11 -6.77 2.45 17.64
CA GLU A 11 -6.30 3.79 17.37
C GLU A 11 -6.77 4.29 16.01
N LEU A 12 -7.60 5.32 16.00
CA LEU A 12 -8.13 5.88 14.77
C LEU A 12 -7.32 7.09 14.33
N THR A 13 -6.15 6.83 13.76
CA THR A 13 -5.28 7.90 13.29
C THR A 13 -4.58 7.51 11.99
N PRO A 14 -4.19 8.52 11.20
CA PRO A 14 -3.52 8.32 9.91
C PRO A 14 -2.10 7.78 10.09
N TYR A 15 -1.82 6.65 9.45
CA TYR A 15 -0.49 6.04 9.53
C TYR A 15 0.37 6.44 8.35
N ILE A 16 1.51 7.06 8.65
CA ILE A 16 2.43 7.50 7.61
C ILE A 16 3.22 6.33 7.05
N LEU A 17 3.40 5.30 7.86
CA LEU A 17 4.14 4.11 7.45
C LEU A 17 3.34 3.27 6.46
N CYS A 18 3.94 2.20 5.97
CA CYS A 18 3.27 1.32 5.02
C CYS A 18 2.91 -0.01 5.67
N SER A 19 2.09 -0.80 4.99
CA SER A 19 1.67 -2.09 5.50
C SER A 19 2.43 -3.23 4.82
N ILE A 20 2.76 -3.03 3.56
CA ILE A 20 3.49 -4.03 2.79
C ILE A 20 4.99 -3.87 2.97
N CYS A 21 5.51 -2.69 2.59
CA CYS A 21 6.94 -2.41 2.71
C CYS A 21 7.29 -2.02 4.14
N LYS A 22 6.28 -1.61 4.90
CA LYS A 22 6.49 -1.20 6.28
C LYS A 22 7.49 -0.05 6.37
N GLY A 23 7.28 0.97 5.53
CA GLY A 23 8.17 2.12 5.53
C GLY A 23 7.46 3.39 5.11
N TYR A 24 8.21 4.33 4.54
CA TYR A 24 7.65 5.60 4.10
C TYR A 24 6.61 5.39 3.00
N LEU A 25 5.42 5.95 3.20
CA LEU A 25 4.34 5.82 2.23
C LEU A 25 4.68 6.57 0.95
N ILE A 26 5.39 5.90 0.06
CA ILE A 26 5.78 6.50 -1.22
C ILE A 26 4.57 6.66 -2.14
N ASP A 27 4.36 7.88 -2.63
CA ASP A 27 3.25 8.16 -3.52
C ASP A 27 1.97 7.48 -3.04
N ALA A 28 1.76 7.51 -1.72
CA ALA A 28 0.58 6.90 -1.13
C ALA A 28 -0.56 6.81 -2.14
N THR A 29 -1.16 5.63 -2.26
CA THR A 29 -2.26 5.42 -3.18
C THR A 29 -3.44 4.73 -2.50
N THR A 30 -4.52 5.47 -2.30
CA THR A 30 -5.70 4.93 -1.66
C THR A 30 -6.64 4.29 -2.68
N ILE A 31 -7.43 3.32 -2.21
CA ILE A 31 -8.37 2.63 -3.08
C ILE A 31 -9.76 3.25 -3.00
N THR A 32 -10.46 3.25 -4.13
CA THR A 32 -11.80 3.82 -4.19
C THR A 32 -12.85 2.79 -3.78
N GLU A 33 -12.45 1.84 -2.95
CA GLU A 33 -13.36 0.80 -2.49
C GLU A 33 -13.22 0.58 -0.98
N CYS A 34 -12.08 0.04 -0.56
CA CYS A 34 -11.83 -0.21 0.85
C CYS A 34 -11.18 1.00 1.51
N LEU A 35 -10.80 1.98 0.70
CA LEU A 35 -10.18 3.20 1.20
C LEU A 35 -8.90 2.87 1.98
N HIS A 36 -8.06 2.03 1.40
CA HIS A 36 -6.81 1.64 2.02
C HIS A 36 -5.62 2.35 1.37
N THR A 37 -4.82 3.03 2.18
CA THR A 37 -3.67 3.76 1.69
C THR A 37 -2.47 2.83 1.48
N PHE A 38 -1.91 2.86 0.28
CA PHE A 38 -0.77 2.01 -0.04
C PHE A 38 0.11 2.66 -1.10
N CYS A 39 1.41 2.78 -0.82
CA CYS A 39 2.34 3.39 -1.74
C CYS A 39 1.97 3.07 -3.19
N LYS A 40 2.16 4.03 -4.07
CA LYS A 40 1.84 3.87 -5.48
C LYS A 40 2.67 2.73 -6.10
N SER A 41 3.90 2.59 -5.62
CA SER A 41 4.79 1.55 -6.12
C SER A 41 4.42 0.18 -5.55
N CYS A 42 3.96 0.19 -4.29
CA CYS A 42 3.57 -1.04 -3.62
C CYS A 42 2.31 -1.63 -4.24
N ILE A 43 1.23 -0.86 -4.18
CA ILE A 43 -0.05 -1.31 -4.73
C ILE A 43 0.13 -1.83 -6.15
N VAL A 44 0.87 -1.08 -6.96
CA VAL A 44 1.11 -1.46 -8.35
C VAL A 44 1.92 -2.75 -8.43
N ARG A 45 2.94 -2.86 -7.58
CA ARG A 45 3.80 -4.04 -7.54
C ARG A 45 3.01 -5.27 -7.10
N HIS A 46 2.13 -5.07 -6.13
CA HIS A 46 1.31 -6.17 -5.61
C HIS A 46 0.25 -6.58 -6.63
N PHE A 47 -0.18 -5.64 -7.44
CA PHE A 47 -1.20 -5.90 -8.47
C PHE A 47 -0.62 -6.77 -9.58
N TYR A 48 0.69 -6.71 -9.75
CA TYR A 48 1.37 -7.49 -10.79
C TYR A 48 1.34 -8.98 -10.45
N TYR A 49 1.55 -9.30 -9.18
CA TYR A 49 1.55 -10.68 -8.73
C TYR A 49 0.15 -11.12 -8.31
N SER A 50 -0.54 -10.25 -7.58
CA SER A 50 -1.89 -10.56 -7.11
C SER A 50 -2.86 -9.45 -7.50
N ASN A 51 -3.86 -9.80 -8.31
CA ASN A 51 -4.86 -8.84 -8.75
C ASN A 51 -5.87 -8.55 -7.65
N ARG A 52 -5.37 -8.36 -6.43
CA ARG A 52 -6.24 -8.08 -5.29
C ARG A 52 -5.55 -7.13 -4.31
N CYS A 53 -6.31 -6.67 -3.32
CA CYS A 53 -5.77 -5.75 -2.32
C CYS A 53 -5.06 -6.52 -1.20
N PRO A 54 -3.83 -6.11 -0.88
CA PRO A 54 -3.02 -6.75 0.15
C PRO A 54 -3.57 -6.47 1.56
N LYS A 55 -4.77 -5.91 1.61
CA LYS A 55 -5.41 -5.60 2.89
C LYS A 55 -6.69 -6.40 3.06
N CYS A 56 -7.69 -6.09 2.25
CA CYS A 56 -8.98 -6.78 2.31
C CYS A 56 -9.00 -7.95 1.34
N ASN A 57 -8.05 -7.98 0.42
CA ASN A 57 -7.96 -9.05 -0.57
C ASN A 57 -9.20 -9.05 -1.48
N ILE A 58 -9.47 -7.90 -2.10
CA ILE A 58 -10.61 -7.78 -2.99
C ILE A 58 -10.17 -7.60 -4.44
N VAL A 59 -11.03 -8.00 -5.37
CA VAL A 59 -10.73 -7.88 -6.79
C VAL A 59 -10.90 -6.44 -7.27
N VAL A 60 -9.80 -5.71 -7.35
CA VAL A 60 -9.82 -4.32 -7.79
C VAL A 60 -9.41 -4.21 -9.26
N HIS A 61 -8.26 -4.80 -9.59
CA HIS A 61 -7.75 -4.76 -10.95
C HIS A 61 -8.72 -5.43 -11.91
N GLN A 62 -9.25 -6.58 -11.51
CA GLN A 62 -10.20 -7.32 -12.33
C GLN A 62 -9.88 -7.15 -13.82
N THR A 63 -8.59 -7.25 -14.15
CA THR A 63 -8.15 -7.11 -15.54
C THR A 63 -7.38 -8.34 -15.99
N GLN A 64 -7.97 -9.10 -16.91
CA GLN A 64 -7.34 -10.31 -17.43
C GLN A 64 -5.86 -10.06 -17.74
N PRO A 65 -5.00 -10.98 -17.28
CA PRO A 65 -3.56 -10.88 -17.50
C PRO A 65 -3.17 -11.09 -18.96
N LEU A 66 -2.04 -10.52 -19.35
CA LEU A 66 -1.55 -10.64 -20.73
C LEU A 66 -0.30 -11.51 -20.79
N SER A 67 -0.27 -12.44 -21.73
CA SER A 67 0.87 -13.33 -21.89
C SER A 67 2.14 -12.54 -22.16
N GLY A 68 2.08 -11.66 -23.15
CA GLY A 68 3.24 -10.85 -23.51
C GLY A 68 4.02 -10.41 -22.28
N PRO A 69 5.21 -11.02 -22.09
CA PRO A 69 6.08 -10.71 -20.95
C PRO A 69 6.70 -9.32 -21.07
N SER A 70 7.61 -9.01 -20.14
CA SER A 70 8.27 -7.71 -20.14
C SER A 70 9.70 -7.83 -20.67
N SER A 71 10.01 -7.05 -21.69
CA SER A 71 11.35 -7.07 -22.29
C SER A 71 12.30 -6.16 -21.54
N GLY A 72 11.95 -4.87 -21.47
CA GLY A 72 12.78 -3.91 -20.77
C GLY A 72 12.28 -2.49 -20.94
ZN ZN B . 4.91 0.67 0.67
ZN ZN C . -8.19 -3.16 0.68
N GLY A 1 29.41 3.17 30.78
CA GLY A 1 28.40 3.70 29.89
C GLY A 1 26.99 3.36 30.35
N SER A 2 26.22 4.38 30.66
CA SER A 2 24.85 4.20 31.11
C SER A 2 23.87 4.99 30.27
N SER A 3 22.66 4.46 30.10
CA SER A 3 21.64 5.12 29.29
C SER A 3 20.28 4.45 29.47
N GLY A 4 19.22 5.15 29.09
CA GLY A 4 17.88 4.60 29.22
C GLY A 4 16.81 5.65 29.06
N SER A 5 15.65 5.24 28.55
CA SER A 5 14.54 6.16 28.34
C SER A 5 13.47 5.97 29.40
N SER A 6 13.27 7.00 30.23
CA SER A 6 12.28 6.94 31.29
C SER A 6 10.90 7.36 30.78
N GLY A 7 10.86 8.48 30.07
CA GLY A 7 9.61 8.97 29.53
C GLY A 7 9.20 8.24 28.26
N ASN A 8 7.91 8.33 27.92
CA ASN A 8 7.40 7.68 26.72
C ASN A 8 6.46 8.61 25.96
N LEU A 9 6.13 8.23 24.72
CA LEU A 9 5.25 9.03 23.89
C LEU A 9 3.79 8.64 24.12
N SER A 10 2.95 9.64 24.32
CA SER A 10 1.52 9.42 24.56
C SER A 10 0.67 10.37 23.74
N GLU A 11 0.49 10.05 22.46
CA GLU A 11 -0.29 10.88 21.56
C GLU A 11 -0.82 10.07 20.38
N LEU A 12 -2.11 9.76 20.41
CA LEU A 12 -2.73 8.98 19.34
C LEU A 12 -2.65 9.73 18.01
N THR A 13 -1.73 9.30 17.15
CA THR A 13 -1.57 9.93 15.85
C THR A 13 -1.48 8.88 14.74
N PRO A 14 -1.93 9.25 13.54
CA PRO A 14 -1.91 8.36 12.37
C PRO A 14 -0.50 8.10 11.87
N TYR A 15 0.16 7.12 12.45
CA TYR A 15 1.53 6.77 12.06
C TYR A 15 1.61 6.52 10.56
N ILE A 16 2.11 7.51 9.83
CA ILE A 16 2.25 7.41 8.39
C ILE A 16 3.27 6.34 8.01
N LEU A 17 2.78 5.15 7.66
CA LEU A 17 3.65 4.05 7.27
C LEU A 17 2.94 3.09 6.33
N CYS A 18 3.64 2.06 5.90
CA CYS A 18 3.08 1.06 4.99
C CYS A 18 2.87 -0.27 5.70
N SER A 19 2.10 -1.15 5.08
CA SER A 19 1.82 -2.46 5.66
C SER A 19 2.63 -3.55 4.95
N ILE A 20 2.89 -3.35 3.66
CA ILE A 20 3.64 -4.30 2.87
C ILE A 20 5.15 -4.10 3.05
N CYS A 21 5.64 -2.95 2.61
CA CYS A 21 7.06 -2.64 2.72
C CYS A 21 7.36 -1.98 4.07
N LYS A 22 6.33 -1.42 4.70
CA LYS A 22 6.48 -0.76 5.99
C LYS A 22 7.48 0.40 5.89
N GLY A 23 7.30 1.23 4.87
CA GLY A 23 8.19 2.36 4.69
C GLY A 23 7.44 3.68 4.63
N TYR A 24 8.03 4.68 4.01
CA TYR A 24 7.42 6.00 3.90
C TYR A 24 6.59 6.10 2.62
N LEU A 25 5.33 6.48 2.78
CA LEU A 25 4.42 6.61 1.64
C LEU A 25 4.84 7.79 0.76
N ILE A 26 5.76 7.52 -0.17
CA ILE A 26 6.24 8.56 -1.07
C ILE A 26 5.11 9.11 -1.93
N ASP A 27 4.21 8.24 -2.35
CA ASP A 27 3.06 8.64 -3.17
C ASP A 27 1.78 8.66 -2.36
N ALA A 28 1.66 7.71 -1.42
CA ALA A 28 0.48 7.62 -0.57
C ALA A 28 -0.77 7.38 -1.40
N THR A 29 -0.75 6.33 -2.20
CA THR A 29 -1.89 5.99 -3.05
C THR A 29 -2.91 5.15 -2.28
N THR A 30 -4.15 5.62 -2.25
CA THR A 30 -5.22 4.91 -1.55
C THR A 30 -6.26 4.40 -2.52
N ILE A 31 -6.90 3.29 -2.18
CA ILE A 31 -7.93 2.69 -3.02
C ILE A 31 -9.25 3.44 -2.88
N THR A 32 -10.03 3.46 -3.95
CA THR A 32 -11.33 4.14 -3.94
C THR A 32 -12.45 3.16 -3.59
N GLU A 33 -12.08 1.92 -3.30
CA GLU A 33 -13.05 0.90 -2.93
C GLU A 33 -13.06 0.66 -1.42
N CYS A 34 -12.01 0.01 -0.93
CA CYS A 34 -11.89 -0.29 0.49
C CYS A 34 -11.30 0.90 1.25
N LEU A 35 -10.77 1.86 0.49
CA LEU A 35 -10.16 3.04 1.10
C LEU A 35 -8.95 2.67 1.95
N HIS A 36 -8.04 1.90 1.37
CA HIS A 36 -6.84 1.48 2.09
C HIS A 36 -5.60 2.15 1.51
N THR A 37 -4.68 2.54 2.40
CA THR A 37 -3.45 3.20 1.97
C THR A 37 -2.40 2.19 1.58
N PHE A 38 -1.82 2.37 0.39
CA PHE A 38 -0.79 1.46 -0.11
C PHE A 38 0.13 2.18 -1.10
N CYS A 39 1.40 2.26 -0.73
CA CYS A 39 2.40 2.92 -1.58
C CYS A 39 2.13 2.64 -3.06
N LYS A 40 2.14 3.69 -3.87
CA LYS A 40 1.89 3.56 -5.30
C LYS A 40 2.65 2.36 -5.86
N SER A 41 3.95 2.31 -5.60
CA SER A 41 4.79 1.22 -6.09
C SER A 41 4.31 -0.12 -5.54
N CYS A 42 4.02 -0.15 -4.24
CA CYS A 42 3.56 -1.37 -3.59
C CYS A 42 2.27 -1.87 -4.23
N ILE A 43 1.20 -1.10 -4.08
CA ILE A 43 -0.10 -1.47 -4.65
C ILE A 43 0.06 -1.92 -6.10
N VAL A 44 0.88 -1.21 -6.86
CA VAL A 44 1.12 -1.55 -8.25
C VAL A 44 1.93 -2.83 -8.39
N ARG A 45 2.86 -3.03 -7.46
CA ARG A 45 3.72 -4.21 -7.48
C ARG A 45 2.94 -5.44 -7.01
N HIS A 46 1.93 -5.22 -6.17
CA HIS A 46 1.12 -6.31 -5.66
C HIS A 46 0.04 -6.72 -6.67
N PHE A 47 -0.34 -5.78 -7.52
CA PHE A 47 -1.36 -6.04 -8.54
C PHE A 47 -0.77 -6.86 -9.69
N TYR A 48 0.53 -6.75 -9.89
CA TYR A 48 1.21 -7.48 -10.95
C TYR A 48 1.16 -8.99 -10.68
N TYR A 49 1.28 -9.36 -9.41
CA TYR A 49 1.26 -10.76 -9.02
C TYR A 49 -0.14 -11.17 -8.55
N SER A 50 -0.76 -10.33 -7.74
CA SER A 50 -2.09 -10.60 -7.22
C SER A 50 -3.05 -9.46 -7.55
N ASN A 51 -4.02 -9.74 -8.42
CA ASN A 51 -5.00 -8.74 -8.82
C ASN A 51 -6.03 -8.51 -7.71
N ARG A 52 -5.55 -8.35 -6.49
CA ARG A 52 -6.42 -8.13 -5.34
C ARG A 52 -5.76 -7.23 -4.30
N CYS A 53 -6.48 -6.92 -3.24
CA CYS A 53 -5.96 -6.07 -2.18
C CYS A 53 -5.38 -6.90 -1.05
N PRO A 54 -4.12 -6.62 -0.69
CA PRO A 54 -3.42 -7.34 0.37
C PRO A 54 -3.98 -7.02 1.75
N LYS A 55 -5.12 -6.32 1.78
CA LYS A 55 -5.76 -5.94 3.03
C LYS A 55 -7.10 -6.64 3.20
N CYS A 56 -8.07 -6.24 2.38
CA CYS A 56 -9.40 -6.83 2.43
C CYS A 56 -9.51 -8.01 1.47
N ASN A 57 -8.46 -8.22 0.67
CA ASN A 57 -8.44 -9.32 -0.28
C ASN A 57 -9.55 -9.17 -1.32
N ILE A 58 -9.59 -8.00 -1.95
CA ILE A 58 -10.61 -7.73 -2.96
C ILE A 58 -9.96 -7.47 -4.33
N VAL A 59 -10.56 -8.03 -5.37
CA VAL A 59 -10.05 -7.87 -6.73
C VAL A 59 -10.25 -6.43 -7.21
N VAL A 60 -9.14 -5.70 -7.36
CA VAL A 60 -9.19 -4.32 -7.82
C VAL A 60 -8.71 -4.20 -9.26
N HIS A 61 -9.61 -3.78 -10.14
CA HIS A 61 -9.28 -3.63 -11.55
C HIS A 61 -9.26 -2.15 -11.95
N GLN A 62 -8.19 -1.46 -11.56
CA GLN A 62 -8.05 -0.04 -11.87
C GLN A 62 -6.58 0.39 -11.75
N THR A 63 -6.05 0.93 -12.84
CA THR A 63 -4.67 1.38 -12.87
C THR A 63 -4.55 2.82 -12.37
N GLN A 64 -5.34 3.71 -12.96
CA GLN A 64 -5.32 5.12 -12.58
C GLN A 64 -6.66 5.78 -12.90
N PRO A 65 -7.00 6.82 -12.12
CA PRO A 65 -8.26 7.56 -12.30
C PRO A 65 -8.25 8.39 -13.58
N LEU A 66 -9.37 8.34 -14.31
CA LEU A 66 -9.49 9.09 -15.55
C LEU A 66 -9.02 10.53 -15.38
N SER A 67 -9.34 11.12 -14.23
CA SER A 67 -8.95 12.49 -13.94
C SER A 67 -7.53 12.54 -13.39
N GLY A 68 -6.54 12.48 -14.28
CA GLY A 68 -5.15 12.51 -13.86
C GLY A 68 -4.19 12.56 -15.03
N PRO A 69 -3.68 13.76 -15.33
CA PRO A 69 -2.73 13.96 -16.44
C PRO A 69 -1.37 13.33 -16.16
N SER A 70 -1.09 12.22 -16.84
CA SER A 70 0.18 11.52 -16.66
C SER A 70 1.35 12.49 -16.77
N SER A 71 1.98 12.77 -15.63
CA SER A 71 3.12 13.68 -15.59
C SER A 71 4.22 13.14 -14.70
N GLY A 72 5.48 13.30 -15.13
CA GLY A 72 6.59 12.82 -14.35
C GLY A 72 6.98 13.78 -13.24
ZN ZN B . 4.92 0.17 0.78
ZN ZN C . -8.31 -3.30 0.75
N GLY A 1 27.63 -19.22 34.47
CA GLY A 1 26.53 -18.41 33.98
C GLY A 1 26.06 -17.39 35.01
N SER A 2 24.86 -17.59 35.51
CA SER A 2 24.29 -16.67 36.50
C SER A 2 24.03 -15.30 35.90
N SER A 3 23.48 -15.29 34.68
CA SER A 3 23.20 -14.04 33.98
C SER A 3 21.92 -14.17 33.16
N GLY A 4 21.49 -13.05 32.57
CA GLY A 4 20.28 -13.07 31.77
C GLY A 4 19.46 -11.80 31.95
N SER A 5 19.15 -11.13 30.85
CA SER A 5 18.37 -9.90 30.89
C SER A 5 17.73 -9.62 29.54
N SER A 6 16.41 -9.57 29.51
CA SER A 6 15.67 -9.31 28.27
C SER A 6 14.18 -9.12 28.55
N GLY A 7 13.59 -8.12 27.91
CA GLY A 7 12.18 -7.84 28.11
C GLY A 7 11.80 -6.42 27.73
N ASN A 8 12.13 -6.03 26.50
CA ASN A 8 11.83 -4.69 26.02
C ASN A 8 11.11 -4.75 24.67
N LEU A 9 9.80 -4.56 24.70
CA LEU A 9 9.00 -4.59 23.48
C LEU A 9 7.85 -3.58 23.56
N SER A 10 7.74 -2.73 22.55
CA SER A 10 6.69 -1.73 22.50
C SER A 10 6.60 -1.09 21.12
N GLU A 11 5.55 -1.44 20.39
CA GLU A 11 5.34 -0.90 19.04
C GLU A 11 4.00 -0.19 18.94
N LEU A 12 4.01 1.00 18.37
CA LEU A 12 2.78 1.78 18.20
C LEU A 12 2.99 2.91 17.20
N THR A 13 2.43 2.74 16.00
CA THR A 13 2.55 3.75 14.96
C THR A 13 1.19 4.06 14.33
N PRO A 14 1.05 5.29 13.81
CA PRO A 14 -0.19 5.74 13.17
C PRO A 14 -0.47 5.02 11.86
N TYR A 15 -1.64 5.27 11.29
CA TYR A 15 -2.03 4.64 10.04
C TYR A 15 -1.36 5.33 8.85
N ILE A 16 -0.06 5.57 8.96
CA ILE A 16 0.70 6.23 7.91
C ILE A 16 1.67 5.25 7.25
N LEU A 17 2.37 4.47 8.07
CA LEU A 17 3.32 3.49 7.56
C LEU A 17 2.68 2.60 6.51
N CYS A 18 3.48 1.70 5.93
CA CYS A 18 2.99 0.79 4.90
C CYS A 18 2.90 -0.63 5.45
N SER A 19 2.21 -1.50 4.72
CA SER A 19 2.05 -2.88 5.13
C SER A 19 2.87 -3.82 4.25
N ILE A 20 3.14 -3.39 3.03
CA ILE A 20 3.93 -4.18 2.09
C ILE A 20 5.42 -3.98 2.32
N CYS A 21 5.87 -2.75 2.18
CA CYS A 21 7.29 -2.43 2.37
C CYS A 21 7.55 -1.99 3.81
N LYS A 22 6.50 -1.59 4.50
CA LYS A 22 6.61 -1.15 5.88
C LYS A 22 7.52 0.08 5.99
N GLY A 23 7.27 1.07 5.14
CA GLY A 23 8.06 2.28 5.16
C GLY A 23 7.28 3.50 4.71
N TYR A 24 7.69 4.67 5.19
CA TYR A 24 7.01 5.91 4.84
C TYR A 24 6.51 5.87 3.40
N LEU A 25 5.24 6.24 3.21
CA LEU A 25 4.63 6.24 1.89
C LEU A 25 5.29 7.28 0.99
N ILE A 26 5.16 7.10 -0.32
CA ILE A 26 5.75 8.02 -1.28
C ILE A 26 4.67 8.79 -2.03
N ASP A 27 3.93 8.08 -2.88
CA ASP A 27 2.85 8.70 -3.66
C ASP A 27 1.57 8.79 -2.83
N ALA A 28 1.35 7.79 -1.98
CA ALA A 28 0.17 7.76 -1.13
C ALA A 28 -1.07 7.39 -1.95
N THR A 29 -0.99 6.30 -2.70
CA THR A 29 -2.10 5.85 -3.54
C THR A 29 -3.12 5.08 -2.70
N THR A 30 -4.19 5.76 -2.31
CA THR A 30 -5.24 5.15 -1.51
C THR A 30 -6.42 4.75 -2.38
N ILE A 31 -6.97 3.56 -2.13
CA ILE A 31 -8.12 3.07 -2.88
C ILE A 31 -9.40 3.75 -2.44
N THR A 32 -10.41 3.73 -3.31
CA THR A 32 -11.69 4.34 -2.99
C THR A 32 -12.72 3.28 -2.59
N GLU A 33 -12.45 2.04 -2.97
CA GLU A 33 -13.35 0.94 -2.64
C GLU A 33 -13.29 0.60 -1.15
N CYS A 34 -12.17 0.01 -0.73
CA CYS A 34 -11.99 -0.37 0.66
C CYS A 34 -11.41 0.80 1.47
N LEU A 35 -10.98 1.84 0.76
CA LEU A 35 -10.41 3.02 1.41
C LEU A 35 -9.14 2.65 2.17
N HIS A 36 -8.20 2.04 1.47
CA HIS A 36 -6.93 1.64 2.07
C HIS A 36 -5.76 2.36 1.41
N THR A 37 -4.84 2.85 2.22
CA THR A 37 -3.66 3.56 1.71
C THR A 37 -2.55 2.59 1.37
N PHE A 38 -1.89 2.83 0.23
CA PHE A 38 -0.79 1.98 -0.22
C PHE A 38 0.18 2.76 -1.09
N CYS A 39 1.45 2.35 -1.06
CA CYS A 39 2.48 3.01 -1.85
C CYS A 39 2.30 2.71 -3.35
N LYS A 40 2.29 3.78 -4.15
CA LYS A 40 2.12 3.64 -5.59
C LYS A 40 2.90 2.44 -6.12
N SER A 41 4.17 2.35 -5.73
CA SER A 41 5.02 1.24 -6.16
C SER A 41 4.51 -0.09 -5.61
N CYS A 42 4.25 -0.12 -4.32
CA CYS A 42 3.76 -1.33 -3.66
C CYS A 42 2.47 -1.81 -4.30
N ILE A 43 1.42 -1.01 -4.16
CA ILE A 43 0.12 -1.35 -4.74
C ILE A 43 0.26 -1.93 -6.14
N VAL A 44 1.10 -1.29 -6.96
CA VAL A 44 1.33 -1.74 -8.32
C VAL A 44 2.16 -3.01 -8.35
N ARG A 45 3.08 -3.14 -7.39
CA ARG A 45 3.93 -4.32 -7.31
C ARG A 45 3.14 -5.53 -6.81
N HIS A 46 2.09 -5.26 -6.04
CA HIS A 46 1.25 -6.33 -5.51
C HIS A 46 0.24 -6.80 -6.55
N PHE A 47 -0.18 -5.89 -7.43
CA PHE A 47 -1.13 -6.22 -8.48
C PHE A 47 -0.51 -7.13 -9.53
N TYR A 48 0.81 -7.07 -9.64
CA TYR A 48 1.53 -7.87 -10.62
C TYR A 48 1.40 -9.36 -10.29
N TYR A 49 1.55 -9.69 -9.02
CA TYR A 49 1.45 -11.09 -8.57
C TYR A 49 0.02 -11.40 -8.14
N SER A 50 -0.57 -10.50 -7.37
CA SER A 50 -1.92 -10.69 -6.88
C SER A 50 -2.82 -9.51 -7.28
N ASN A 51 -3.78 -9.79 -8.18
CA ASN A 51 -4.70 -8.77 -8.65
C ASN A 51 -5.76 -8.46 -7.59
N ARG A 52 -5.32 -8.32 -6.34
CA ARG A 52 -6.23 -8.02 -5.25
C ARG A 52 -5.55 -7.14 -4.21
N CYS A 53 -6.33 -6.67 -3.23
CA CYS A 53 -5.81 -5.81 -2.18
C CYS A 53 -5.21 -6.64 -1.05
N PRO A 54 -3.96 -6.29 -0.66
CA PRO A 54 -3.25 -6.99 0.42
C PRO A 54 -3.86 -6.75 1.78
N LYS A 55 -5.02 -6.11 1.80
CA LYS A 55 -5.73 -5.81 3.04
C LYS A 55 -7.06 -6.53 3.11
N CYS A 56 -8.00 -6.10 2.27
CA CYS A 56 -9.33 -6.72 2.23
C CYS A 56 -9.34 -7.90 1.26
N ASN A 57 -8.35 -7.96 0.38
CA ASN A 57 -8.26 -9.04 -0.59
C ASN A 57 -9.42 -9.00 -1.56
N ILE A 58 -9.61 -7.85 -2.21
CA ILE A 58 -10.70 -7.68 -3.16
C ILE A 58 -10.16 -7.49 -4.58
N VAL A 59 -10.97 -7.83 -5.57
CA VAL A 59 -10.58 -7.69 -6.97
C VAL A 59 -10.69 -6.25 -7.42
N VAL A 60 -9.57 -5.53 -7.35
CA VAL A 60 -9.54 -4.12 -7.77
C VAL A 60 -9.17 -3.98 -9.24
N HIS A 61 -10.18 -3.82 -10.08
CA HIS A 61 -9.97 -3.68 -11.52
C HIS A 61 -11.04 -2.80 -12.15
N GLN A 62 -10.66 -1.60 -12.56
CA GLN A 62 -11.59 -0.67 -13.18
C GLN A 62 -12.28 -1.30 -14.39
N THR A 63 -13.46 -1.86 -14.18
CA THR A 63 -14.21 -2.50 -15.24
C THR A 63 -14.30 -1.58 -16.47
N GLN A 64 -13.80 -2.06 -17.60
CA GLN A 64 -13.82 -1.29 -18.84
C GLN A 64 -13.48 -2.17 -20.03
N PRO A 65 -14.21 -1.97 -21.14
CA PRO A 65 -13.99 -2.73 -22.37
C PRO A 65 -12.68 -2.38 -23.06
N LEU A 66 -11.82 -1.66 -22.35
CA LEU A 66 -10.52 -1.26 -22.88
C LEU A 66 -9.66 -0.63 -21.79
N SER A 67 -8.62 -1.35 -21.38
CA SER A 67 -7.71 -0.86 -20.34
C SER A 67 -7.11 0.48 -20.74
N GLY A 68 -6.47 1.15 -19.78
CA GLY A 68 -5.85 2.44 -20.05
C GLY A 68 -4.51 2.59 -19.36
N PRO A 69 -3.51 1.85 -19.84
CA PRO A 69 -2.16 1.89 -19.27
C PRO A 69 -1.45 3.22 -19.56
N SER A 70 -1.50 3.66 -20.80
CA SER A 70 -0.87 4.91 -21.21
C SER A 70 0.55 4.99 -20.66
N SER A 71 1.26 3.87 -20.73
CA SER A 71 2.64 3.82 -20.24
C SER A 71 3.54 3.11 -21.25
N GLY A 72 4.83 3.45 -21.22
CA GLY A 72 5.78 2.85 -22.14
C GLY A 72 5.71 1.33 -22.13
ZN ZN B . 5.00 0.32 0.66
ZN ZN C . -8.21 -3.12 0.74
#